data_2ACG
# 
_entry.id   2ACG 
# 
_audit_conform.dict_name       mmcif_pdbx.dic 
_audit_conform.dict_version    5.387 
_audit_conform.dict_location   http://mmcif.pdb.org/dictionaries/ascii/mmcif_pdbx.dic 
# 
loop_
_database_2.database_id 
_database_2.database_code 
_database_2.pdbx_database_accession 
_database_2.pdbx_DOI 
PDB   2ACG         pdb_00002acg 10.2210/pdb2acg/pdb 
WWPDB D_1000177733 ?            ?                   
# 
loop_
_pdbx_audit_revision_history.ordinal 
_pdbx_audit_revision_history.data_content_type 
_pdbx_audit_revision_history.major_revision 
_pdbx_audit_revision_history.minor_revision 
_pdbx_audit_revision_history.revision_date 
1 'Structure model' 1 0 1994-11-01 
2 'Structure model' 1 1 2008-03-24 
3 'Structure model' 1 2 2011-07-13 
4 'Structure model' 1 3 2017-11-29 
5 'Structure model' 1 4 2019-07-17 
6 'Structure model' 1 5 2019-08-14 
7 'Structure model' 1 6 2024-02-14 
# 
_pdbx_audit_revision_details.ordinal             1 
_pdbx_audit_revision_details.revision_ordinal    1 
_pdbx_audit_revision_details.data_content_type   'Structure model' 
_pdbx_audit_revision_details.provider            repository 
_pdbx_audit_revision_details.type                'Initial release' 
_pdbx_audit_revision_details.description         ? 
_pdbx_audit_revision_details.details             ? 
# 
loop_
_pdbx_audit_revision_group.ordinal 
_pdbx_audit_revision_group.revision_ordinal 
_pdbx_audit_revision_group.data_content_type 
_pdbx_audit_revision_group.group 
1  2 'Structure model' 'Version format compliance' 
2  3 'Structure model' 'Version format compliance' 
3  4 'Structure model' 'Derived calculations'      
4  4 'Structure model' Other                       
5  5 'Structure model' 'Data collection'           
6  5 'Structure model' 'Refinement description'    
7  6 'Structure model' 'Data collection'           
8  6 'Structure model' 'Refinement description'    
9  7 'Structure model' 'Data collection'           
10 7 'Structure model' 'Database references'       
# 
loop_
_pdbx_audit_revision_category.ordinal 
_pdbx_audit_revision_category.revision_ordinal 
_pdbx_audit_revision_category.data_content_type 
_pdbx_audit_revision_category.category 
1 4 'Structure model' pdbx_database_status 
2 4 'Structure model' struct_conf          
3 4 'Structure model' struct_conf_type     
4 5 'Structure model' software             
5 6 'Structure model' software             
6 7 'Structure model' chem_comp_atom       
7 7 'Structure model' chem_comp_bond       
8 7 'Structure model' database_2           
# 
loop_
_pdbx_audit_revision_item.ordinal 
_pdbx_audit_revision_item.revision_ordinal 
_pdbx_audit_revision_item.data_content_type 
_pdbx_audit_revision_item.item 
1 4 'Structure model' '_pdbx_database_status.process_site'  
2 5 'Structure model' '_software.classification'            
3 6 'Structure model' '_software.classification'            
4 7 'Structure model' '_database_2.pdbx_DOI'                
5 7 'Structure model' '_database_2.pdbx_database_accession' 
# 
_pdbx_database_status.status_code                     REL 
_pdbx_database_status.entry_id                        2ACG 
_pdbx_database_status.recvd_initial_deposition_date   1994-08-30 
_pdbx_database_status.deposit_site                    ? 
_pdbx_database_status.process_site                    BNL 
_pdbx_database_status.SG_entry                        . 
_pdbx_database_status.pdb_format_compatible           Y 
_pdbx_database_status.status_code_mr                  ? 
_pdbx_database_status.status_code_sf                  ? 
_pdbx_database_status.status_code_cs                  ? 
_pdbx_database_status.methods_development_category    ? 
_pdbx_database_status.status_code_nmr_data            ? 
# 
loop_
_audit_author.name 
_audit_author.pdbx_ordinal 
'Fedorov, A.A.' 1 
'Magnus, K.A.'  2 
'Graupe, M.H.'  3 
'Lattman, E.E.' 4 
'Pollard, T.D.' 5 
'Almo, S.C.'    6 
# 
loop_
_citation.id 
_citation.title 
_citation.journal_abbrev 
_citation.journal_volume 
_citation.page_first 
_citation.page_last 
_citation.year 
_citation.journal_id_ASTM 
_citation.country 
_citation.journal_id_ISSN 
_citation.journal_id_CSD 
_citation.book_publisher 
_citation.pdbx_database_id_PubMed 
_citation.pdbx_database_id_DOI 
primary 
;X-ray structures of isoforms of the actin-binding protein profilin that differ in their affinity for phosphatidylinositol phosphates.
;
Proc.Natl.Acad.Sci.USA    91  8636 8640 1994 PNASA6 US 0027-8424 0040 ? 8078936 10.1073/pnas.91.18.8636 
1       
;Analysis of Cdna Clones for Acanthamoeba Profilin-I and Profilin-II Shows End to End Homology with Vertebrate Profilins and a Small Family of Profilin Genes
;
'Cell Motil.Cytoskeleton' 20  169  ?    1991 CMCYEO US 0886-1544 2037 ? ?       ?                       
2       'The Primary Structure of the Basic Isoform of Acanthamoeba Profilin' Eur.J.Biochem.            170 597  ?    1988 EJBCAI 
IX 0014-2956 0262 ? ?       ?                       
# 
loop_
_citation_author.citation_id 
_citation_author.name 
_citation_author.ordinal 
_citation_author.identifier_ORCID 
primary 'Fedorov, A.A.'       1  ? 
primary 'Magnus, K.A.'        2  ? 
primary 'Graupe, M.H.'        3  ? 
primary 'Lattman, E.E.'       4  ? 
primary 'Pollard, T.D.'       5  ? 
primary 'Almo, S.C.'          6  ? 
1       'Pollard, T.D.'       7  ? 
1       'Rimm, D.L.'          8  ? 
2       'Ampe, C.'            9  ? 
2       'Sato, M.'            10 ? 
2       'Pollard, T.D.'       11 ? 
2       'Vanderkerckhove, J.' 12 ? 
# 
loop_
_entity.id 
_entity.type 
_entity.src_method 
_entity.pdbx_description 
_entity.formula_weight 
_entity.pdbx_number_of_molecules 
_entity.pdbx_ec 
_entity.pdbx_mutation 
_entity.pdbx_fragment 
_entity.details 
1 polymer man 'PROFILIN II' 12937.442 1  ? ? ? ? 
2 water   nat water         18.015    46 ? ? ? ? 
# 
_entity_poly.entity_id                      1 
_entity_poly.type                           'polypeptide(L)' 
_entity_poly.nstd_linkage                   no 
_entity_poly.nstd_monomer                   no 
_entity_poly.pdbx_seq_one_letter_code       
;SWQTYVDTNLVGTGAVTQAAIIGHDGNTWATSAGFAVSPANGAALANAFKDATAIRSNGFELAGTRYVTIRADDRSVYGK
KGSAGVITVKTSKAILIGVYNEKIQPGTAANVVEKLADYLIGQGF
;
_entity_poly.pdbx_seq_one_letter_code_can   
;SWQTYVDTNLVGTGAVTQAAIIGHDGNTWATSAGFAVSPANGAALANAFKDATAIRSNGFELAGTRYVTIRADDRSVYGK
KGSAGVITVKTSKAILIGVYNEKIQPGTAANVVEKLADYLIGQGF
;
_entity_poly.pdbx_strand_id                 A 
_entity_poly.pdbx_target_identifier         ? 
# 
_pdbx_entity_nonpoly.entity_id   2 
_pdbx_entity_nonpoly.name        water 
_pdbx_entity_nonpoly.comp_id     HOH 
# 
loop_
_entity_poly_seq.entity_id 
_entity_poly_seq.num 
_entity_poly_seq.mon_id 
_entity_poly_seq.hetero 
1 1   SER n 
1 2   TRP n 
1 3   GLN n 
1 4   THR n 
1 5   TYR n 
1 6   VAL n 
1 7   ASP n 
1 8   THR n 
1 9   ASN n 
1 10  LEU n 
1 11  VAL n 
1 12  GLY n 
1 13  THR n 
1 14  GLY n 
1 15  ALA n 
1 16  VAL n 
1 17  THR n 
1 18  GLN n 
1 19  ALA n 
1 20  ALA n 
1 21  ILE n 
1 22  ILE n 
1 23  GLY n 
1 24  HIS n 
1 25  ASP n 
1 26  GLY n 
1 27  ASN n 
1 28  THR n 
1 29  TRP n 
1 30  ALA n 
1 31  THR n 
1 32  SER n 
1 33  ALA n 
1 34  GLY n 
1 35  PHE n 
1 36  ALA n 
1 37  VAL n 
1 38  SER n 
1 39  PRO n 
1 40  ALA n 
1 41  ASN n 
1 42  GLY n 
1 43  ALA n 
1 44  ALA n 
1 45  LEU n 
1 46  ALA n 
1 47  ASN n 
1 48  ALA n 
1 49  PHE n 
1 50  LYS n 
1 51  ASP n 
1 52  ALA n 
1 53  THR n 
1 54  ALA n 
1 55  ILE n 
1 56  ARG n 
1 57  SER n 
1 58  ASN n 
1 59  GLY n 
1 60  PHE n 
1 61  GLU n 
1 62  LEU n 
1 63  ALA n 
1 64  GLY n 
1 65  THR n 
1 66  ARG n 
1 67  TYR n 
1 68  VAL n 
1 69  THR n 
1 70  ILE n 
1 71  ARG n 
1 72  ALA n 
1 73  ASP n 
1 74  ASP n 
1 75  ARG n 
1 76  SER n 
1 77  VAL n 
1 78  TYR n 
1 79  GLY n 
1 80  LYS n 
1 81  LYS n 
1 82  GLY n 
1 83  SER n 
1 84  ALA n 
1 85  GLY n 
1 86  VAL n 
1 87  ILE n 
1 88  THR n 
1 89  VAL n 
1 90  LYS n 
1 91  THR n 
1 92  SER n 
1 93  LYS n 
1 94  ALA n 
1 95  ILE n 
1 96  LEU n 
1 97  ILE n 
1 98  GLY n 
1 99  VAL n 
1 100 TYR n 
1 101 ASN n 
1 102 GLU n 
1 103 LYS n 
1 104 ILE n 
1 105 GLN n 
1 106 PRO n 
1 107 GLY n 
1 108 THR n 
1 109 ALA n 
1 110 ALA n 
1 111 ASN n 
1 112 VAL n 
1 113 VAL n 
1 114 GLU n 
1 115 LYS n 
1 116 LEU n 
1 117 ALA n 
1 118 ASP n 
1 119 TYR n 
1 120 LEU n 
1 121 ILE n 
1 122 GLY n 
1 123 GLN n 
1 124 GLY n 
1 125 PHE n 
# 
_entity_src_gen.entity_id                          1 
_entity_src_gen.pdbx_src_id                        1 
_entity_src_gen.pdbx_alt_source_flag               sample 
_entity_src_gen.pdbx_seq_type                      ? 
_entity_src_gen.pdbx_beg_seq_num                   ? 
_entity_src_gen.pdbx_end_seq_num                   ? 
_entity_src_gen.gene_src_common_name               ? 
_entity_src_gen.gene_src_genus                     Acanthamoeba 
_entity_src_gen.pdbx_gene_src_gene                 CDNA 
_entity_src_gen.gene_src_species                   ? 
_entity_src_gen.gene_src_strain                    ? 
_entity_src_gen.gene_src_tissue                    ? 
_entity_src_gen.gene_src_tissue_fraction           ? 
_entity_src_gen.gene_src_details                   ? 
_entity_src_gen.pdbx_gene_src_fragment             ? 
_entity_src_gen.pdbx_gene_src_scientific_name      'Acanthamoeba castellanii' 
_entity_src_gen.pdbx_gene_src_ncbi_taxonomy_id     5755 
_entity_src_gen.pdbx_gene_src_variant              ? 
_entity_src_gen.pdbx_gene_src_cell_line            ? 
_entity_src_gen.pdbx_gene_src_atcc                 ? 
_entity_src_gen.pdbx_gene_src_organ                ? 
_entity_src_gen.pdbx_gene_src_organelle            ? 
_entity_src_gen.pdbx_gene_src_cell                 ? 
_entity_src_gen.pdbx_gene_src_cellular_location    ? 
_entity_src_gen.host_org_common_name               ? 
_entity_src_gen.pdbx_host_org_scientific_name      ? 
_entity_src_gen.pdbx_host_org_ncbi_taxonomy_id     ? 
_entity_src_gen.host_org_genus                     ? 
_entity_src_gen.pdbx_host_org_gene                 ? 
_entity_src_gen.pdbx_host_org_organ                ? 
_entity_src_gen.host_org_species                   ? 
_entity_src_gen.pdbx_host_org_tissue               ? 
_entity_src_gen.pdbx_host_org_tissue_fraction      ? 
_entity_src_gen.pdbx_host_org_strain               ? 
_entity_src_gen.pdbx_host_org_variant              ? 
_entity_src_gen.pdbx_host_org_cell_line            ? 
_entity_src_gen.pdbx_host_org_atcc                 ? 
_entity_src_gen.pdbx_host_org_culture_collection   ? 
_entity_src_gen.pdbx_host_org_cell                 ? 
_entity_src_gen.pdbx_host_org_organelle            ? 
_entity_src_gen.pdbx_host_org_cellular_location    ? 
_entity_src_gen.pdbx_host_org_vector_type          ? 
_entity_src_gen.pdbx_host_org_vector               ? 
_entity_src_gen.host_org_details                   ? 
_entity_src_gen.expression_system_id               ? 
_entity_src_gen.plasmid_name                       ? 
_entity_src_gen.plasmid_details                    ? 
_entity_src_gen.pdbx_description                   ? 
# 
loop_
_chem_comp.id 
_chem_comp.type 
_chem_comp.mon_nstd_flag 
_chem_comp.name 
_chem_comp.pdbx_synonyms 
_chem_comp.formula 
_chem_comp.formula_weight 
ALA 'L-peptide linking' y ALANINE         ? 'C3 H7 N O2'     89.093  
ARG 'L-peptide linking' y ARGININE        ? 'C6 H15 N4 O2 1' 175.209 
ASN 'L-peptide linking' y ASPARAGINE      ? 'C4 H8 N2 O3'    132.118 
ASP 'L-peptide linking' y 'ASPARTIC ACID' ? 'C4 H7 N O4'     133.103 
GLN 'L-peptide linking' y GLUTAMINE       ? 'C5 H10 N2 O3'   146.144 
GLU 'L-peptide linking' y 'GLUTAMIC ACID' ? 'C5 H9 N O4'     147.129 
GLY 'peptide linking'   y GLYCINE         ? 'C2 H5 N O2'     75.067  
HIS 'L-peptide linking' y HISTIDINE       ? 'C6 H10 N3 O2 1' 156.162 
HOH non-polymer         . WATER           ? 'H2 O'           18.015  
ILE 'L-peptide linking' y ISOLEUCINE      ? 'C6 H13 N O2'    131.173 
LEU 'L-peptide linking' y LEUCINE         ? 'C6 H13 N O2'    131.173 
LYS 'L-peptide linking' y LYSINE          ? 'C6 H15 N2 O2 1' 147.195 
PHE 'L-peptide linking' y PHENYLALANINE   ? 'C9 H11 N O2'    165.189 
PRO 'L-peptide linking' y PROLINE         ? 'C5 H9 N O2'     115.130 
SER 'L-peptide linking' y SERINE          ? 'C3 H7 N O3'     105.093 
THR 'L-peptide linking' y THREONINE       ? 'C4 H9 N O3'     119.119 
TRP 'L-peptide linking' y TRYPTOPHAN      ? 'C11 H12 N2 O2'  204.225 
TYR 'L-peptide linking' y TYROSINE        ? 'C9 H11 N O3'    181.189 
VAL 'L-peptide linking' y VALINE          ? 'C5 H11 N O2'    117.146 
# 
loop_
_pdbx_poly_seq_scheme.asym_id 
_pdbx_poly_seq_scheme.entity_id 
_pdbx_poly_seq_scheme.seq_id 
_pdbx_poly_seq_scheme.mon_id 
_pdbx_poly_seq_scheme.ndb_seq_num 
_pdbx_poly_seq_scheme.pdb_seq_num 
_pdbx_poly_seq_scheme.auth_seq_num 
_pdbx_poly_seq_scheme.pdb_mon_id 
_pdbx_poly_seq_scheme.auth_mon_id 
_pdbx_poly_seq_scheme.pdb_strand_id 
_pdbx_poly_seq_scheme.pdb_ins_code 
_pdbx_poly_seq_scheme.hetero 
A 1 1   SER 1   1   1   SER SER A . n 
A 1 2   TRP 2   2   2   TRP TRP A . n 
A 1 3   GLN 3   3   3   GLN GLN A . n 
A 1 4   THR 4   4   4   THR THR A . n 
A 1 5   TYR 5   5   5   TYR TYR A . n 
A 1 6   VAL 6   6   6   VAL VAL A . n 
A 1 7   ASP 7   7   7   ASP ASP A . n 
A 1 8   THR 8   8   8   THR THR A . n 
A 1 9   ASN 9   9   9   ASN ASN A . n 
A 1 10  LEU 10  10  10  LEU LEU A . n 
A 1 11  VAL 11  11  11  VAL VAL A . n 
A 1 12  GLY 12  12  12  GLY GLY A . n 
A 1 13  THR 13  13  13  THR THR A . n 
A 1 14  GLY 14  14  14  GLY GLY A . n 
A 1 15  ALA 15  15  15  ALA ALA A . n 
A 1 16  VAL 16  16  16  VAL VAL A . n 
A 1 17  THR 17  17  17  THR THR A . n 
A 1 18  GLN 18  18  18  GLN GLN A . n 
A 1 19  ALA 19  19  19  ALA ALA A . n 
A 1 20  ALA 20  20  20  ALA ALA A . n 
A 1 21  ILE 21  21  21  ILE ILE A . n 
A 1 22  ILE 22  22  22  ILE ILE A . n 
A 1 23  GLY 23  23  23  GLY GLY A . n 
A 1 24  HIS 24  24  24  HIS HIS A . n 
A 1 25  ASP 25  25  25  ASP ASP A . n 
A 1 26  GLY 26  26  26  GLY GLY A . n 
A 1 27  ASN 27  27  27  ASN ASN A . n 
A 1 28  THR 28  28  28  THR THR A . n 
A 1 29  TRP 29  29  29  TRP TRP A . n 
A 1 30  ALA 30  30  30  ALA ALA A . n 
A 1 31  THR 31  31  31  THR THR A . n 
A 1 32  SER 32  32  32  SER SER A . n 
A 1 33  ALA 33  33  33  ALA ALA A . n 
A 1 34  GLY 34  34  34  GLY GLY A . n 
A 1 35  PHE 35  35  35  PHE PHE A . n 
A 1 36  ALA 36  36  36  ALA ALA A . n 
A 1 37  VAL 37  37  37  VAL VAL A . n 
A 1 38  SER 38  38  38  SER SER A . n 
A 1 39  PRO 39  39  39  PRO PRO A . n 
A 1 40  ALA 40  40  40  ALA ALA A . n 
A 1 41  ASN 41  41  41  ASN ASN A . n 
A 1 42  GLY 42  42  42  GLY GLY A . n 
A 1 43  ALA 43  43  43  ALA ALA A . n 
A 1 44  ALA 44  44  44  ALA ALA A . n 
A 1 45  LEU 45  45  45  LEU LEU A . n 
A 1 46  ALA 46  46  46  ALA ALA A . n 
A 1 47  ASN 47  47  47  ASN ASN A . n 
A 1 48  ALA 48  48  48  ALA ALA A . n 
A 1 49  PHE 49  49  49  PHE PHE A . n 
A 1 50  LYS 50  50  50  LYS LYS A . n 
A 1 51  ASP 51  51  51  ASP ASP A . n 
A 1 52  ALA 52  52  52  ALA ALA A . n 
A 1 53  THR 53  53  53  THR THR A . n 
A 1 54  ALA 54  54  54  ALA ALA A . n 
A 1 55  ILE 55  55  55  ILE ILE A . n 
A 1 56  ARG 56  56  56  ARG ARG A . n 
A 1 57  SER 57  57  57  SER SER A . n 
A 1 58  ASN 58  58  58  ASN ASN A . n 
A 1 59  GLY 59  59  59  GLY GLY A . n 
A 1 60  PHE 60  60  60  PHE PHE A . n 
A 1 61  GLU 61  61  61  GLU GLU A . n 
A 1 62  LEU 62  62  62  LEU LEU A . n 
A 1 63  ALA 63  63  63  ALA ALA A . n 
A 1 64  GLY 64  64  64  GLY GLY A . n 
A 1 65  THR 65  65  65  THR THR A . n 
A 1 66  ARG 66  66  66  ARG ARG A . n 
A 1 67  TYR 67  67  67  TYR TYR A . n 
A 1 68  VAL 68  68  68  VAL VAL A . n 
A 1 69  THR 69  69  69  THR THR A . n 
A 1 70  ILE 70  70  70  ILE ILE A . n 
A 1 71  ARG 71  71  71  ARG ARG A . n 
A 1 72  ALA 72  72  72  ALA ALA A . n 
A 1 73  ASP 73  73  73  ASP ASP A . n 
A 1 74  ASP 74  74  74  ASP ASP A . n 
A 1 75  ARG 75  75  75  ARG ARG A . n 
A 1 76  SER 76  76  76  SER SER A . n 
A 1 77  VAL 77  77  77  VAL VAL A . n 
A 1 78  TYR 78  78  78  TYR TYR A . n 
A 1 79  GLY 79  79  79  GLY GLY A . n 
A 1 80  LYS 80  80  80  LYS LYS A . n 
A 1 81  LYS 81  81  81  LYS LYS A . n 
A 1 82  GLY 82  82  82  GLY GLY A . n 
A 1 83  SER 83  83  83  SER SER A . n 
A 1 84  ALA 84  84  84  ALA ALA A . n 
A 1 85  GLY 85  85  85  GLY GLY A . n 
A 1 86  VAL 86  86  86  VAL VAL A . n 
A 1 87  ILE 87  87  87  ILE ILE A . n 
A 1 88  THR 88  88  88  THR THR A . n 
A 1 89  VAL 89  89  89  VAL VAL A . n 
A 1 90  LYS 90  90  90  LYS LYS A . n 
A 1 91  THR 91  91  91  THR THR A . n 
A 1 92  SER 92  92  92  SER SER A . n 
A 1 93  LYS 93  93  93  LYS LYS A . n 
A 1 94  ALA 94  94  94  ALA ALA A . n 
A 1 95  ILE 95  95  95  ILE ILE A . n 
A 1 96  LEU 96  96  96  LEU LEU A . n 
A 1 97  ILE 97  97  97  ILE ILE A . n 
A 1 98  GLY 98  98  98  GLY GLY A . n 
A 1 99  VAL 99  99  99  VAL VAL A . n 
A 1 100 TYR 100 100 100 TYR TYR A . n 
A 1 101 ASN 101 101 101 ASN ASN A . n 
A 1 102 GLU 102 102 102 GLU GLU A . n 
A 1 103 LYS 103 103 103 LYS LYS A . n 
A 1 104 ILE 104 104 104 ILE ILE A . n 
A 1 105 GLN 105 105 105 GLN GLN A . n 
A 1 106 PRO 106 106 106 PRO PRO A . n 
A 1 107 GLY 107 107 107 GLY GLY A . n 
A 1 108 THR 108 108 108 THR THR A . n 
A 1 109 ALA 109 109 109 ALA ALA A . n 
A 1 110 ALA 110 110 110 ALA ALA A . n 
A 1 111 ASN 111 111 111 ASN ASN A . n 
A 1 112 VAL 112 112 112 VAL VAL A . n 
A 1 113 VAL 113 113 113 VAL VAL A . n 
A 1 114 GLU 114 114 114 GLU GLU A . n 
A 1 115 LYS 115 115 115 LYS LYS A . n 
A 1 116 LEU 116 116 116 LEU LEU A . n 
A 1 117 ALA 117 117 117 ALA ALA A . n 
A 1 118 ASP 118 118 118 ASP ASP A . n 
A 1 119 TYR 119 119 119 TYR TYR A . n 
A 1 120 LEU 120 120 120 LEU LEU A . n 
A 1 121 ILE 121 121 121 ILE ILE A . n 
A 1 122 GLY 122 122 122 GLY GLY A . n 
A 1 123 GLN 123 123 123 GLN GLN A . n 
A 1 124 GLY 124 124 124 GLY GLY A . n 
A 1 125 PHE 125 125 125 PHE PHE A . n 
# 
loop_
_pdbx_nonpoly_scheme.asym_id 
_pdbx_nonpoly_scheme.entity_id 
_pdbx_nonpoly_scheme.mon_id 
_pdbx_nonpoly_scheme.ndb_seq_num 
_pdbx_nonpoly_scheme.pdb_seq_num 
_pdbx_nonpoly_scheme.auth_seq_num 
_pdbx_nonpoly_scheme.pdb_mon_id 
_pdbx_nonpoly_scheme.auth_mon_id 
_pdbx_nonpoly_scheme.pdb_strand_id 
_pdbx_nonpoly_scheme.pdb_ins_code 
B 2 HOH 1  201 201 HOH HOH A . 
B 2 HOH 2  202 202 HOH HOH A . 
B 2 HOH 3  203 203 HOH HOH A . 
B 2 HOH 4  204 204 HOH HOH A . 
B 2 HOH 5  205 205 HOH HOH A . 
B 2 HOH 6  206 206 HOH HOH A . 
B 2 HOH 7  207 207 HOH HOH A . 
B 2 HOH 8  208 208 HOH HOH A . 
B 2 HOH 9  209 209 HOH HOH A . 
B 2 HOH 10 210 210 HOH HOH A . 
B 2 HOH 11 211 211 HOH HOH A . 
B 2 HOH 12 212 212 HOH HOH A . 
B 2 HOH 13 213 213 HOH HOH A . 
B 2 HOH 14 214 214 HOH HOH A . 
B 2 HOH 15 215 215 HOH HOH A . 
B 2 HOH 16 216 216 HOH HOH A . 
B 2 HOH 17 217 217 HOH HOH A . 
B 2 HOH 18 218 218 HOH HOH A . 
B 2 HOH 19 219 219 HOH HOH A . 
B 2 HOH 20 220 220 HOH HOH A . 
B 2 HOH 21 221 221 HOH HOH A . 
B 2 HOH 22 222 222 HOH HOH A . 
B 2 HOH 23 223 223 HOH HOH A . 
B 2 HOH 24 224 224 HOH HOH A . 
B 2 HOH 25 225 225 HOH HOH A . 
B 2 HOH 26 226 226 HOH HOH A . 
B 2 HOH 27 227 227 HOH HOH A . 
B 2 HOH 28 228 228 HOH HOH A . 
B 2 HOH 29 229 229 HOH HOH A . 
B 2 HOH 30 230 230 HOH HOH A . 
B 2 HOH 31 231 231 HOH HOH A . 
B 2 HOH 32 232 232 HOH HOH A . 
B 2 HOH 33 233 233 HOH HOH A . 
B 2 HOH 34 234 234 HOH HOH A . 
B 2 HOH 35 235 235 HOH HOH A . 
B 2 HOH 36 236 236 HOH HOH A . 
B 2 HOH 37 237 237 HOH HOH A . 
B 2 HOH 38 238 238 HOH HOH A . 
B 2 HOH 39 239 239 HOH HOH A . 
B 2 HOH 40 240 240 HOH HOH A . 
B 2 HOH 41 241 241 HOH HOH A . 
B 2 HOH 42 242 242 HOH HOH A . 
B 2 HOH 43 243 243 HOH HOH A . 
B 2 HOH 44 244 244 HOH HOH A . 
B 2 HOH 45 245 245 HOH HOH A . 
B 2 HOH 46 246 246 HOH HOH A . 
# 
loop_
_software.name 
_software.classification 
_software.version 
_software.citation_id 
_software.pdbx_ordinal 
X-PLOR 'model building' . ? 1 
PROFFT refinement       . ? 2 
X-PLOR refinement       . ? 3 
X-PLOR phasing          . ? 4 
# 
_cell.entry_id           2ACG 
_cell.length_a           86.535 
_cell.length_b           47.951 
_cell.length_c           34.753 
_cell.angle_alpha        90.00 
_cell.angle_beta         103.78 
_cell.angle_gamma        90.00 
_cell.Z_PDB              4 
_cell.pdbx_unique_axis   ? 
# 
_symmetry.entry_id                         2ACG 
_symmetry.space_group_name_H-M             'C 1 2 1' 
_symmetry.pdbx_full_space_group_name_H-M   ? 
_symmetry.cell_setting                     ? 
_symmetry.Int_Tables_number                5 
# 
_exptl.entry_id          2ACG 
_exptl.method            'X-RAY DIFFRACTION' 
_exptl.crystals_number   ? 
# 
_exptl_crystal.id                    1 
_exptl_crystal.density_meas          ? 
_exptl_crystal.density_Matthews      2.71 
_exptl_crystal.density_percent_sol   54.54 
_exptl_crystal.description           ? 
# 
_reflns.entry_id                     2ACG 
_reflns.observed_criterion_sigma_I   2. 
_reflns.observed_criterion_sigma_F   ? 
_reflns.d_resolution_low             ? 
_reflns.d_resolution_high            ? 
_reflns.number_obs                   4479 
_reflns.number_all                   ? 
_reflns.percent_possible_obs         ? 
_reflns.pdbx_Rmerge_I_obs            ? 
_reflns.pdbx_Rsym_value              ? 
_reflns.pdbx_netI_over_sigmaI        ? 
_reflns.B_iso_Wilson_estimate        ? 
_reflns.pdbx_redundancy              ? 
_reflns.pdbx_diffrn_id               1 
_reflns.pdbx_ordinal                 1 
# 
_refine.entry_id                                 2ACG 
_refine.ls_number_reflns_obs                     4027 
_refine.ls_number_reflns_all                     ? 
_refine.pdbx_ls_sigma_I                          ? 
_refine.pdbx_ls_sigma_F                          2. 
_refine.pdbx_data_cutoff_high_absF               ? 
_refine.pdbx_data_cutoff_low_absF                ? 
_refine.pdbx_data_cutoff_high_rms_absF           ? 
_refine.ls_d_res_low                             10.0 
_refine.ls_d_res_high                            2.5 
_refine.ls_percent_reflns_obs                    ? 
_refine.ls_R_factor_obs                          0.1820000 
_refine.ls_R_factor_all                          ? 
_refine.ls_R_factor_R_work                       0.1820000 
_refine.ls_R_factor_R_free                       ? 
_refine.ls_R_factor_R_free_error                 ? 
_refine.ls_R_factor_R_free_error_details         ? 
_refine.ls_percent_reflns_R_free                 ? 
_refine.ls_number_reflns_R_free                  ? 
_refine.ls_number_parameters                     ? 
_refine.ls_number_restraints                     ? 
_refine.occupancy_min                            ? 
_refine.occupancy_max                            ? 
_refine.B_iso_mean                               ? 
_refine.aniso_B[1][1]                            ? 
_refine.aniso_B[2][2]                            ? 
_refine.aniso_B[3][3]                            ? 
_refine.aniso_B[1][2]                            ? 
_refine.aniso_B[1][3]                            ? 
_refine.aniso_B[2][3]                            ? 
_refine.solvent_model_details                    ? 
_refine.solvent_model_param_ksol                 ? 
_refine.solvent_model_param_bsol                 ? 
_refine.pdbx_ls_cross_valid_method               ? 
_refine.details                                  ? 
_refine.pdbx_starting_model                      ? 
_refine.pdbx_method_to_determine_struct          ? 
_refine.pdbx_isotropic_thermal_model             ? 
_refine.pdbx_stereochemistry_target_values       ? 
_refine.pdbx_stereochem_target_val_spec_case     ? 
_refine.pdbx_R_Free_selection_details            ? 
_refine.pdbx_overall_ESU_R                       ? 
_refine.pdbx_overall_ESU_R_Free                  ? 
_refine.overall_SU_ML                            ? 
_refine.overall_SU_B                             ? 
_refine.pdbx_refine_id                           'X-RAY DIFFRACTION' 
_refine.pdbx_diffrn_id                           1 
_refine.pdbx_TLS_residual_ADP_flag               ? 
_refine.correlation_coeff_Fo_to_Fc               ? 
_refine.correlation_coeff_Fo_to_Fc_free          ? 
_refine.pdbx_solvent_vdw_probe_radii             ? 
_refine.pdbx_solvent_ion_probe_radii             ? 
_refine.pdbx_solvent_shrinkage_radii             ? 
_refine.pdbx_overall_phase_error                 ? 
_refine.overall_SU_R_Cruickshank_DPI             ? 
_refine.pdbx_overall_SU_R_free_Cruickshank_DPI   ? 
_refine.pdbx_overall_SU_R_Blow_DPI               ? 
_refine.pdbx_overall_SU_R_free_Blow_DPI          ? 
# 
_refine_analyze.entry_id                        2ACG 
_refine_analyze.Luzzati_coordinate_error_obs    0.20 
_refine_analyze.Luzzati_sigma_a_obs             ? 
_refine_analyze.Luzzati_d_res_low_obs           ? 
_refine_analyze.Luzzati_coordinate_error_free   ? 
_refine_analyze.Luzzati_sigma_a_free            ? 
_refine_analyze.Luzzati_d_res_low_free          ? 
_refine_analyze.number_disordered_residues      ? 
_refine_analyze.occupancy_sum_hydrogen          ? 
_refine_analyze.occupancy_sum_non_hydrogen      ? 
_refine_analyze.pdbx_refine_id                  'X-RAY DIFFRACTION' 
# 
_refine_hist.pdbx_refine_id                   'X-RAY DIFFRACTION' 
_refine_hist.cycle_id                         LAST 
_refine_hist.pdbx_number_atoms_protein        914 
_refine_hist.pdbx_number_atoms_nucleic_acid   0 
_refine_hist.pdbx_number_atoms_ligand         0 
_refine_hist.number_atoms_solvent             46 
_refine_hist.number_atoms_total               960 
_refine_hist.d_res_high                       2.5 
_refine_hist.d_res_low                        10.0 
# 
loop_
_refine_ls_restr.type 
_refine_ls_restr.dev_ideal 
_refine_ls_restr.dev_ideal_target 
_refine_ls_restr.weight 
_refine_ls_restr.number 
_refine_ls_restr.pdbx_refine_id 
_refine_ls_restr.pdbx_restraint_function 
x_bond_d                0.011 ?     ? ? 'X-RAY DIFFRACTION' ? 
x_bond_d_na             ?     ?     ? ? 'X-RAY DIFFRACTION' ? 
x_bond_d_prot           ?     ?     ? ? 'X-RAY DIFFRACTION' ? 
x_angle_d               ?     ?     ? ? 'X-RAY DIFFRACTION' ? 
x_angle_d_na            ?     ?     ? ? 'X-RAY DIFFRACTION' ? 
x_angle_d_prot          ?     ?     ? ? 'X-RAY DIFFRACTION' ? 
x_angle_deg             ?     ?     ? ? 'X-RAY DIFFRACTION' ? 
x_angle_deg_na          ?     ?     ? ? 'X-RAY DIFFRACTION' ? 
x_angle_deg_prot        ?     ?     ? ? 'X-RAY DIFFRACTION' ? 
x_dihedral_angle_d      ?     ?     ? ? 'X-RAY DIFFRACTION' ? 
x_dihedral_angle_d_na   ?     ?     ? ? 'X-RAY DIFFRACTION' ? 
x_dihedral_angle_d_prot ?     ?     ? ? 'X-RAY DIFFRACTION' ? 
x_improper_angle_d      ?     ?     ? ? 'X-RAY DIFFRACTION' ? 
x_improper_angle_d_na   ?     ?     ? ? 'X-RAY DIFFRACTION' ? 
x_improper_angle_d_prot ?     ?     ? ? 'X-RAY DIFFRACTION' ? 
x_mcbond_it             0.893 1.500 ? ? 'X-RAY DIFFRACTION' ? 
x_mcangle_it            1.523 2.000 ? ? 'X-RAY DIFFRACTION' ? 
x_scbond_it             1.526 2.000 ? ? 'X-RAY DIFFRACTION' ? 
x_scangle_it            2.387 3.000 ? ? 'X-RAY DIFFRACTION' ? 
# 
_struct.entry_id                  2ACG 
_struct.title                     'ACANTHAMOEBA CASTELLANII PROFILIN II' 
_struct.pdbx_model_details        ? 
_struct.pdbx_CASP_flag            ? 
_struct.pdbx_model_type_details   ? 
# 
_struct_keywords.entry_id        2ACG 
_struct_keywords.pdbx_keywords   'CONTRACTILE PROTEIN' 
_struct_keywords.text            'PROTEIN BINDING, PROFILIN, ACTIN-BINDING PROTEIN, CONTRACTILE PROTEIN' 
# 
loop_
_struct_asym.id 
_struct_asym.pdbx_blank_PDB_chainid_flag 
_struct_asym.pdbx_modified 
_struct_asym.entity_id 
_struct_asym.details 
A N N 1 ? 
B N N 2 ? 
# 
_struct_ref.id                         1 
_struct_ref.db_name                    UNP 
_struct_ref.db_code                    PROF2_ACACA 
_struct_ref.entity_id                  1 
_struct_ref.pdbx_db_accession          P19984 
_struct_ref.pdbx_align_begin           1 
_struct_ref.pdbx_seq_one_letter_code   
;SWQTYVDTNLVGTGAVTQAAIIGHDGNTWATSAGFAVSPANGAALANAFKDATAIRSNGFELAGTRYVTIRADDRSVYGK
KGSAGVITVKTSKAILIGVYNEKIQPGTAANVVEKLADYLIGQGF
;
_struct_ref.pdbx_db_isoform            ? 
# 
_struct_ref_seq.align_id                      1 
_struct_ref_seq.ref_id                        1 
_struct_ref_seq.pdbx_PDB_id_code              2ACG 
_struct_ref_seq.pdbx_strand_id                A 
_struct_ref_seq.seq_align_beg                 1 
_struct_ref_seq.pdbx_seq_align_beg_ins_code   ? 
_struct_ref_seq.seq_align_end                 125 
_struct_ref_seq.pdbx_seq_align_end_ins_code   ? 
_struct_ref_seq.pdbx_db_accession             P19984 
_struct_ref_seq.db_align_beg                  1 
_struct_ref_seq.pdbx_db_align_beg_ins_code    ? 
_struct_ref_seq.db_align_end                  125 
_struct_ref_seq.pdbx_db_align_end_ins_code    ? 
_struct_ref_seq.pdbx_auth_seq_align_beg       1 
_struct_ref_seq.pdbx_auth_seq_align_end       125 
# 
_pdbx_struct_assembly.id                   1 
_pdbx_struct_assembly.details              author_defined_assembly 
_pdbx_struct_assembly.method_details       ? 
_pdbx_struct_assembly.oligomeric_details   monomeric 
_pdbx_struct_assembly.oligomeric_count     1 
# 
_pdbx_struct_assembly_gen.assembly_id       1 
_pdbx_struct_assembly_gen.oper_expression   1 
_pdbx_struct_assembly_gen.asym_id_list      A,B 
# 
_pdbx_struct_oper_list.id                   1 
_pdbx_struct_oper_list.type                 'identity operation' 
_pdbx_struct_oper_list.name                 1_555 
_pdbx_struct_oper_list.symmetry_operation   x,y,z 
_pdbx_struct_oper_list.matrix[1][1]         1.0000000000 
_pdbx_struct_oper_list.matrix[1][2]         0.0000000000 
_pdbx_struct_oper_list.matrix[1][3]         0.0000000000 
_pdbx_struct_oper_list.vector[1]            0.0000000000 
_pdbx_struct_oper_list.matrix[2][1]         0.0000000000 
_pdbx_struct_oper_list.matrix[2][2]         1.0000000000 
_pdbx_struct_oper_list.matrix[2][3]         0.0000000000 
_pdbx_struct_oper_list.vector[2]            0.0000000000 
_pdbx_struct_oper_list.matrix[3][1]         0.0000000000 
_pdbx_struct_oper_list.matrix[3][2]         0.0000000000 
_pdbx_struct_oper_list.matrix[3][3]         1.0000000000 
_pdbx_struct_oper_list.vector[3]            0.0000000000 
# 
_struct_biol.id   1 
# 
loop_
_struct_conf.conf_type_id 
_struct_conf.id 
_struct_conf.pdbx_PDB_helix_id 
_struct_conf.beg_label_comp_id 
_struct_conf.beg_label_asym_id 
_struct_conf.beg_label_seq_id 
_struct_conf.pdbx_beg_PDB_ins_code 
_struct_conf.end_label_comp_id 
_struct_conf.end_label_asym_id 
_struct_conf.end_label_seq_id 
_struct_conf.pdbx_end_PDB_ins_code 
_struct_conf.beg_auth_comp_id 
_struct_conf.beg_auth_asym_id 
_struct_conf.beg_auth_seq_id 
_struct_conf.end_auth_comp_id 
_struct_conf.end_auth_asym_id 
_struct_conf.end_auth_seq_id 
_struct_conf.pdbx_PDB_helix_class 
_struct_conf.details 
_struct_conf.pdbx_PDB_helix_length 
HELX_P HELX_P1 H1 SER A 1   ? GLY A 12  ? SER A 1   GLY A 12  1 'ALPHA + PI CONFIG' 12 
HELX_P HELX_P2 H2 PRO A 39  ? LYS A 50  ? PRO A 39  LYS A 50  1 ?                   12 
HELX_P HELX_P3 H3 THR A 53  ? ASN A 58  ? THR A 53  ASN A 58  1 ?                   6  
HELX_P HELX_P4 H4 PRO A 106 ? GLN A 123 ? PRO A 106 GLN A 123 1 ?                   18 
# 
_struct_conf_type.id          HELX_P 
_struct_conf_type.criteria    ? 
_struct_conf_type.reference   ? 
# 
_struct_sheet.id               S1 
_struct_sheet.type             ? 
_struct_sheet.number_strands   7 
_struct_sheet.details          ? 
# 
loop_
_struct_sheet_order.sheet_id 
_struct_sheet_order.range_id_1 
_struct_sheet_order.range_id_2 
_struct_sheet_order.offset 
_struct_sheet_order.sense 
S1 1 2 ? anti-parallel 
S1 2 3 ? anti-parallel 
S1 3 4 ? anti-parallel 
S1 4 5 ? anti-parallel 
S1 5 6 ? anti-parallel 
S1 6 7 ? anti-parallel 
# 
loop_
_struct_sheet_range.sheet_id 
_struct_sheet_range.id 
_struct_sheet_range.beg_label_comp_id 
_struct_sheet_range.beg_label_asym_id 
_struct_sheet_range.beg_label_seq_id 
_struct_sheet_range.pdbx_beg_PDB_ins_code 
_struct_sheet_range.end_label_comp_id 
_struct_sheet_range.end_label_asym_id 
_struct_sheet_range.end_label_seq_id 
_struct_sheet_range.pdbx_end_PDB_ins_code 
_struct_sheet_range.beg_auth_comp_id 
_struct_sheet_range.beg_auth_asym_id 
_struct_sheet_range.beg_auth_seq_id 
_struct_sheet_range.end_auth_comp_id 
_struct_sheet_range.end_auth_asym_id 
_struct_sheet_range.end_auth_seq_id 
S1 1 PHE A 60 ? LEU A 62  ? PHE A 60 LEU A 62  
S1 2 THR A 65 ? ASP A 73  ? THR A 65 ASP A 73  
S1 3 SER A 76 ? LYS A 81  ? SER A 76 LYS A 81  
S1 4 ALA A 84 ? THR A 91  ? ALA A 84 THR A 91  
S1 5 ALA A 94 ? TYR A 100 ? ALA A 94 TYR A 100 
S1 6 GLN A 18 ? GLY A 23  ? GLN A 18 GLY A 23  
S1 7 ASN A 27 ? SER A 32  ? ASN A 27 SER A 32  
# 
loop_
_pdbx_struct_sheet_hbond.sheet_id 
_pdbx_struct_sheet_hbond.range_id_1 
_pdbx_struct_sheet_hbond.range_id_2 
_pdbx_struct_sheet_hbond.range_1_label_atom_id 
_pdbx_struct_sheet_hbond.range_1_label_comp_id 
_pdbx_struct_sheet_hbond.range_1_label_asym_id 
_pdbx_struct_sheet_hbond.range_1_label_seq_id 
_pdbx_struct_sheet_hbond.range_1_PDB_ins_code 
_pdbx_struct_sheet_hbond.range_1_auth_atom_id 
_pdbx_struct_sheet_hbond.range_1_auth_comp_id 
_pdbx_struct_sheet_hbond.range_1_auth_asym_id 
_pdbx_struct_sheet_hbond.range_1_auth_seq_id 
_pdbx_struct_sheet_hbond.range_2_label_atom_id 
_pdbx_struct_sheet_hbond.range_2_label_comp_id 
_pdbx_struct_sheet_hbond.range_2_label_asym_id 
_pdbx_struct_sheet_hbond.range_2_label_seq_id 
_pdbx_struct_sheet_hbond.range_2_PDB_ins_code 
_pdbx_struct_sheet_hbond.range_2_auth_atom_id 
_pdbx_struct_sheet_hbond.range_2_auth_comp_id 
_pdbx_struct_sheet_hbond.range_2_auth_asym_id 
_pdbx_struct_sheet_hbond.range_2_auth_seq_id 
S1 1 2 O LEU A 62 ? O LEU A 62 N THR A 65 ? N THR A 65 
S1 2 3 N ASP A 73 ? N ASP A 73 O SER A 76 ? O SER A 76 
S1 3 4 O LYS A 81 ? O LYS A 81 N ALA A 84 ? N ALA A 84 
S1 4 5 N THR A 91 ? N THR A 91 O ALA A 94 ? O ALA A 94 
S1 5 6 O VAL A 99 ? O VAL A 99 N GLN A 18 ? N GLN A 18 
S1 6 7 N GLY A 23 ? N GLY A 23 O ASN A 27 ? O ASN A 27 
# 
loop_
_pdbx_validate_rmsd_angle.id 
_pdbx_validate_rmsd_angle.PDB_model_num 
_pdbx_validate_rmsd_angle.auth_atom_id_1 
_pdbx_validate_rmsd_angle.auth_asym_id_1 
_pdbx_validate_rmsd_angle.auth_comp_id_1 
_pdbx_validate_rmsd_angle.auth_seq_id_1 
_pdbx_validate_rmsd_angle.PDB_ins_code_1 
_pdbx_validate_rmsd_angle.label_alt_id_1 
_pdbx_validate_rmsd_angle.auth_atom_id_2 
_pdbx_validate_rmsd_angle.auth_asym_id_2 
_pdbx_validate_rmsd_angle.auth_comp_id_2 
_pdbx_validate_rmsd_angle.auth_seq_id_2 
_pdbx_validate_rmsd_angle.PDB_ins_code_2 
_pdbx_validate_rmsd_angle.label_alt_id_2 
_pdbx_validate_rmsd_angle.auth_atom_id_3 
_pdbx_validate_rmsd_angle.auth_asym_id_3 
_pdbx_validate_rmsd_angle.auth_comp_id_3 
_pdbx_validate_rmsd_angle.auth_seq_id_3 
_pdbx_validate_rmsd_angle.PDB_ins_code_3 
_pdbx_validate_rmsd_angle.label_alt_id_3 
_pdbx_validate_rmsd_angle.angle_value 
_pdbx_validate_rmsd_angle.angle_target_value 
_pdbx_validate_rmsd_angle.angle_deviation 
_pdbx_validate_rmsd_angle.angle_standard_deviation 
_pdbx_validate_rmsd_angle.linker_flag 
1 1 NE A ARG 56 ? ? CZ A ARG 56 ? ? NH1 A ARG 56 ? ? 123.70 120.30 3.40  0.50 N 
2 1 CD A ARG 66 ? ? NE A ARG 66 ? ? CZ  A ARG 66 ? ? 132.42 123.60 8.82  1.40 N 
3 1 NE A ARG 66 ? ? CZ A ARG 66 ? ? NH1 A ARG 66 ? ? 125.86 120.30 5.56  0.50 N 
4 1 NE A ARG 66 ? ? CZ A ARG 66 ? ? NH2 A ARG 66 ? ? 117.29 120.30 -3.01 0.50 N 
5 1 CD A ARG 75 ? ? NE A ARG 75 ? ? CZ  A ARG 75 ? ? 137.50 123.60 13.90 1.40 N 
6 1 NE A ARG 75 ? ? CZ A ARG 75 ? ? NH1 A ARG 75 ? ? 124.33 120.30 4.03  0.50 N 
7 1 NE A ARG 75 ? ? CZ A ARG 75 ? ? NH2 A ARG 75 ? ? 115.37 120.30 -4.93 0.50 N 
# 
loop_
_pdbx_validate_torsion.id 
_pdbx_validate_torsion.PDB_model_num 
_pdbx_validate_torsion.auth_comp_id 
_pdbx_validate_torsion.auth_asym_id 
_pdbx_validate_torsion.auth_seq_id 
_pdbx_validate_torsion.PDB_ins_code 
_pdbx_validate_torsion.label_alt_id 
_pdbx_validate_torsion.phi 
_pdbx_validate_torsion.psi 
1 1 LEU A 10 ? ? -111.10 -78.25  
2 1 ASP A 51 ? ? 178.01  114.31  
3 1 ILE A 70 ? ? -99.88  -61.78  
4 1 ALA A 72 ? ? -175.68 88.36   
5 1 ASP A 73 ? ? -108.04 -151.41 
6 1 ARG A 75 ? ? -145.49 -28.06  
7 1 ALA A 94 ? ? -128.26 -165.28 
# 
_pdbx_database_remark.id     700 
_pdbx_database_remark.text   
;SHEET
THE SEVEN-STRANDED SHEET S1 DESCRIBED BELOW IS A
SEVEN-STRANDED INCOMPLETE ANTIPARALLEL UP-AND-DOWN BETA
BARREL.  TWO STRANDS HAVE BETA-BULGES:  LEU 70, ARG 71 AND
TRP 29, ALA 30.
;
# 
_pdbx_entry_details.entry_id                 2ACG 
_pdbx_entry_details.compound_details         ? 
_pdbx_entry_details.source_details           ? 
_pdbx_entry_details.nonpolymer_details       ? 
_pdbx_entry_details.sequence_details         
;THE SEQUENCE WAS DERIVED FROM THAT OF POLLARD AND RIMM,
CELL MOTILITY AND THE CYTOSKELETON, VOL. 20, 169-177, 1991.
;
_pdbx_entry_details.has_ligand_of_interest   ? 
# 
loop_
_chem_comp_atom.comp_id 
_chem_comp_atom.atom_id 
_chem_comp_atom.type_symbol 
_chem_comp_atom.pdbx_aromatic_flag 
_chem_comp_atom.pdbx_stereo_config 
_chem_comp_atom.pdbx_ordinal 
ALA N    N N N 1   
ALA CA   C N S 2   
ALA C    C N N 3   
ALA O    O N N 4   
ALA CB   C N N 5   
ALA OXT  O N N 6   
ALA H    H N N 7   
ALA H2   H N N 8   
ALA HA   H N N 9   
ALA HB1  H N N 10  
ALA HB2  H N N 11  
ALA HB3  H N N 12  
ALA HXT  H N N 13  
ARG N    N N N 14  
ARG CA   C N S 15  
ARG C    C N N 16  
ARG O    O N N 17  
ARG CB   C N N 18  
ARG CG   C N N 19  
ARG CD   C N N 20  
ARG NE   N N N 21  
ARG CZ   C N N 22  
ARG NH1  N N N 23  
ARG NH2  N N N 24  
ARG OXT  O N N 25  
ARG H    H N N 26  
ARG H2   H N N 27  
ARG HA   H N N 28  
ARG HB2  H N N 29  
ARG HB3  H N N 30  
ARG HG2  H N N 31  
ARG HG3  H N N 32  
ARG HD2  H N N 33  
ARG HD3  H N N 34  
ARG HE   H N N 35  
ARG HH11 H N N 36  
ARG HH12 H N N 37  
ARG HH21 H N N 38  
ARG HH22 H N N 39  
ARG HXT  H N N 40  
ASN N    N N N 41  
ASN CA   C N S 42  
ASN C    C N N 43  
ASN O    O N N 44  
ASN CB   C N N 45  
ASN CG   C N N 46  
ASN OD1  O N N 47  
ASN ND2  N N N 48  
ASN OXT  O N N 49  
ASN H    H N N 50  
ASN H2   H N N 51  
ASN HA   H N N 52  
ASN HB2  H N N 53  
ASN HB3  H N N 54  
ASN HD21 H N N 55  
ASN HD22 H N N 56  
ASN HXT  H N N 57  
ASP N    N N N 58  
ASP CA   C N S 59  
ASP C    C N N 60  
ASP O    O N N 61  
ASP CB   C N N 62  
ASP CG   C N N 63  
ASP OD1  O N N 64  
ASP OD2  O N N 65  
ASP OXT  O N N 66  
ASP H    H N N 67  
ASP H2   H N N 68  
ASP HA   H N N 69  
ASP HB2  H N N 70  
ASP HB3  H N N 71  
ASP HD2  H N N 72  
ASP HXT  H N N 73  
GLN N    N N N 74  
GLN CA   C N S 75  
GLN C    C N N 76  
GLN O    O N N 77  
GLN CB   C N N 78  
GLN CG   C N N 79  
GLN CD   C N N 80  
GLN OE1  O N N 81  
GLN NE2  N N N 82  
GLN OXT  O N N 83  
GLN H    H N N 84  
GLN H2   H N N 85  
GLN HA   H N N 86  
GLN HB2  H N N 87  
GLN HB3  H N N 88  
GLN HG2  H N N 89  
GLN HG3  H N N 90  
GLN HE21 H N N 91  
GLN HE22 H N N 92  
GLN HXT  H N N 93  
GLU N    N N N 94  
GLU CA   C N S 95  
GLU C    C N N 96  
GLU O    O N N 97  
GLU CB   C N N 98  
GLU CG   C N N 99  
GLU CD   C N N 100 
GLU OE1  O N N 101 
GLU OE2  O N N 102 
GLU OXT  O N N 103 
GLU H    H N N 104 
GLU H2   H N N 105 
GLU HA   H N N 106 
GLU HB2  H N N 107 
GLU HB3  H N N 108 
GLU HG2  H N N 109 
GLU HG3  H N N 110 
GLU HE2  H N N 111 
GLU HXT  H N N 112 
GLY N    N N N 113 
GLY CA   C N N 114 
GLY C    C N N 115 
GLY O    O N N 116 
GLY OXT  O N N 117 
GLY H    H N N 118 
GLY H2   H N N 119 
GLY HA2  H N N 120 
GLY HA3  H N N 121 
GLY HXT  H N N 122 
HIS N    N N N 123 
HIS CA   C N S 124 
HIS C    C N N 125 
HIS O    O N N 126 
HIS CB   C N N 127 
HIS CG   C Y N 128 
HIS ND1  N Y N 129 
HIS CD2  C Y N 130 
HIS CE1  C Y N 131 
HIS NE2  N Y N 132 
HIS OXT  O N N 133 
HIS H    H N N 134 
HIS H2   H N N 135 
HIS HA   H N N 136 
HIS HB2  H N N 137 
HIS HB3  H N N 138 
HIS HD1  H N N 139 
HIS HD2  H N N 140 
HIS HE1  H N N 141 
HIS HE2  H N N 142 
HIS HXT  H N N 143 
HOH O    O N N 144 
HOH H1   H N N 145 
HOH H2   H N N 146 
ILE N    N N N 147 
ILE CA   C N S 148 
ILE C    C N N 149 
ILE O    O N N 150 
ILE CB   C N S 151 
ILE CG1  C N N 152 
ILE CG2  C N N 153 
ILE CD1  C N N 154 
ILE OXT  O N N 155 
ILE H    H N N 156 
ILE H2   H N N 157 
ILE HA   H N N 158 
ILE HB   H N N 159 
ILE HG12 H N N 160 
ILE HG13 H N N 161 
ILE HG21 H N N 162 
ILE HG22 H N N 163 
ILE HG23 H N N 164 
ILE HD11 H N N 165 
ILE HD12 H N N 166 
ILE HD13 H N N 167 
ILE HXT  H N N 168 
LEU N    N N N 169 
LEU CA   C N S 170 
LEU C    C N N 171 
LEU O    O N N 172 
LEU CB   C N N 173 
LEU CG   C N N 174 
LEU CD1  C N N 175 
LEU CD2  C N N 176 
LEU OXT  O N N 177 
LEU H    H N N 178 
LEU H2   H N N 179 
LEU HA   H N N 180 
LEU HB2  H N N 181 
LEU HB3  H N N 182 
LEU HG   H N N 183 
LEU HD11 H N N 184 
LEU HD12 H N N 185 
LEU HD13 H N N 186 
LEU HD21 H N N 187 
LEU HD22 H N N 188 
LEU HD23 H N N 189 
LEU HXT  H N N 190 
LYS N    N N N 191 
LYS CA   C N S 192 
LYS C    C N N 193 
LYS O    O N N 194 
LYS CB   C N N 195 
LYS CG   C N N 196 
LYS CD   C N N 197 
LYS CE   C N N 198 
LYS NZ   N N N 199 
LYS OXT  O N N 200 
LYS H    H N N 201 
LYS H2   H N N 202 
LYS HA   H N N 203 
LYS HB2  H N N 204 
LYS HB3  H N N 205 
LYS HG2  H N N 206 
LYS HG3  H N N 207 
LYS HD2  H N N 208 
LYS HD3  H N N 209 
LYS HE2  H N N 210 
LYS HE3  H N N 211 
LYS HZ1  H N N 212 
LYS HZ2  H N N 213 
LYS HZ3  H N N 214 
LYS HXT  H N N 215 
PHE N    N N N 216 
PHE CA   C N S 217 
PHE C    C N N 218 
PHE O    O N N 219 
PHE CB   C N N 220 
PHE CG   C Y N 221 
PHE CD1  C Y N 222 
PHE CD2  C Y N 223 
PHE CE1  C Y N 224 
PHE CE2  C Y N 225 
PHE CZ   C Y N 226 
PHE OXT  O N N 227 
PHE H    H N N 228 
PHE H2   H N N 229 
PHE HA   H N N 230 
PHE HB2  H N N 231 
PHE HB3  H N N 232 
PHE HD1  H N N 233 
PHE HD2  H N N 234 
PHE HE1  H N N 235 
PHE HE2  H N N 236 
PHE HZ   H N N 237 
PHE HXT  H N N 238 
PRO N    N N N 239 
PRO CA   C N S 240 
PRO C    C N N 241 
PRO O    O N N 242 
PRO CB   C N N 243 
PRO CG   C N N 244 
PRO CD   C N N 245 
PRO OXT  O N N 246 
PRO H    H N N 247 
PRO HA   H N N 248 
PRO HB2  H N N 249 
PRO HB3  H N N 250 
PRO HG2  H N N 251 
PRO HG3  H N N 252 
PRO HD2  H N N 253 
PRO HD3  H N N 254 
PRO HXT  H N N 255 
SER N    N N N 256 
SER CA   C N S 257 
SER C    C N N 258 
SER O    O N N 259 
SER CB   C N N 260 
SER OG   O N N 261 
SER OXT  O N N 262 
SER H    H N N 263 
SER H2   H N N 264 
SER HA   H N N 265 
SER HB2  H N N 266 
SER HB3  H N N 267 
SER HG   H N N 268 
SER HXT  H N N 269 
THR N    N N N 270 
THR CA   C N S 271 
THR C    C N N 272 
THR O    O N N 273 
THR CB   C N R 274 
THR OG1  O N N 275 
THR CG2  C N N 276 
THR OXT  O N N 277 
THR H    H N N 278 
THR H2   H N N 279 
THR HA   H N N 280 
THR HB   H N N 281 
THR HG1  H N N 282 
THR HG21 H N N 283 
THR HG22 H N N 284 
THR HG23 H N N 285 
THR HXT  H N N 286 
TRP N    N N N 287 
TRP CA   C N S 288 
TRP C    C N N 289 
TRP O    O N N 290 
TRP CB   C N N 291 
TRP CG   C Y N 292 
TRP CD1  C Y N 293 
TRP CD2  C Y N 294 
TRP NE1  N Y N 295 
TRP CE2  C Y N 296 
TRP CE3  C Y N 297 
TRP CZ2  C Y N 298 
TRP CZ3  C Y N 299 
TRP CH2  C Y N 300 
TRP OXT  O N N 301 
TRP H    H N N 302 
TRP H2   H N N 303 
TRP HA   H N N 304 
TRP HB2  H N N 305 
TRP HB3  H N N 306 
TRP HD1  H N N 307 
TRP HE1  H N N 308 
TRP HE3  H N N 309 
TRP HZ2  H N N 310 
TRP HZ3  H N N 311 
TRP HH2  H N N 312 
TRP HXT  H N N 313 
TYR N    N N N 314 
TYR CA   C N S 315 
TYR C    C N N 316 
TYR O    O N N 317 
TYR CB   C N N 318 
TYR CG   C Y N 319 
TYR CD1  C Y N 320 
TYR CD2  C Y N 321 
TYR CE1  C Y N 322 
TYR CE2  C Y N 323 
TYR CZ   C Y N 324 
TYR OH   O N N 325 
TYR OXT  O N N 326 
TYR H    H N N 327 
TYR H2   H N N 328 
TYR HA   H N N 329 
TYR HB2  H N N 330 
TYR HB3  H N N 331 
TYR HD1  H N N 332 
TYR HD2  H N N 333 
TYR HE1  H N N 334 
TYR HE2  H N N 335 
TYR HH   H N N 336 
TYR HXT  H N N 337 
VAL N    N N N 338 
VAL CA   C N S 339 
VAL C    C N N 340 
VAL O    O N N 341 
VAL CB   C N N 342 
VAL CG1  C N N 343 
VAL CG2  C N N 344 
VAL OXT  O N N 345 
VAL H    H N N 346 
VAL H2   H N N 347 
VAL HA   H N N 348 
VAL HB   H N N 349 
VAL HG11 H N N 350 
VAL HG12 H N N 351 
VAL HG13 H N N 352 
VAL HG21 H N N 353 
VAL HG22 H N N 354 
VAL HG23 H N N 355 
VAL HXT  H N N 356 
# 
loop_
_chem_comp_bond.comp_id 
_chem_comp_bond.atom_id_1 
_chem_comp_bond.atom_id_2 
_chem_comp_bond.value_order 
_chem_comp_bond.pdbx_aromatic_flag 
_chem_comp_bond.pdbx_stereo_config 
_chem_comp_bond.pdbx_ordinal 
ALA N   CA   sing N N 1   
ALA N   H    sing N N 2   
ALA N   H2   sing N N 3   
ALA CA  C    sing N N 4   
ALA CA  CB   sing N N 5   
ALA CA  HA   sing N N 6   
ALA C   O    doub N N 7   
ALA C   OXT  sing N N 8   
ALA CB  HB1  sing N N 9   
ALA CB  HB2  sing N N 10  
ALA CB  HB3  sing N N 11  
ALA OXT HXT  sing N N 12  
ARG N   CA   sing N N 13  
ARG N   H    sing N N 14  
ARG N   H2   sing N N 15  
ARG CA  C    sing N N 16  
ARG CA  CB   sing N N 17  
ARG CA  HA   sing N N 18  
ARG C   O    doub N N 19  
ARG C   OXT  sing N N 20  
ARG CB  CG   sing N N 21  
ARG CB  HB2  sing N N 22  
ARG CB  HB3  sing N N 23  
ARG CG  CD   sing N N 24  
ARG CG  HG2  sing N N 25  
ARG CG  HG3  sing N N 26  
ARG CD  NE   sing N N 27  
ARG CD  HD2  sing N N 28  
ARG CD  HD3  sing N N 29  
ARG NE  CZ   sing N N 30  
ARG NE  HE   sing N N 31  
ARG CZ  NH1  sing N N 32  
ARG CZ  NH2  doub N N 33  
ARG NH1 HH11 sing N N 34  
ARG NH1 HH12 sing N N 35  
ARG NH2 HH21 sing N N 36  
ARG NH2 HH22 sing N N 37  
ARG OXT HXT  sing N N 38  
ASN N   CA   sing N N 39  
ASN N   H    sing N N 40  
ASN N   H2   sing N N 41  
ASN CA  C    sing N N 42  
ASN CA  CB   sing N N 43  
ASN CA  HA   sing N N 44  
ASN C   O    doub N N 45  
ASN C   OXT  sing N N 46  
ASN CB  CG   sing N N 47  
ASN CB  HB2  sing N N 48  
ASN CB  HB3  sing N N 49  
ASN CG  OD1  doub N N 50  
ASN CG  ND2  sing N N 51  
ASN ND2 HD21 sing N N 52  
ASN ND2 HD22 sing N N 53  
ASN OXT HXT  sing N N 54  
ASP N   CA   sing N N 55  
ASP N   H    sing N N 56  
ASP N   H2   sing N N 57  
ASP CA  C    sing N N 58  
ASP CA  CB   sing N N 59  
ASP CA  HA   sing N N 60  
ASP C   O    doub N N 61  
ASP C   OXT  sing N N 62  
ASP CB  CG   sing N N 63  
ASP CB  HB2  sing N N 64  
ASP CB  HB3  sing N N 65  
ASP CG  OD1  doub N N 66  
ASP CG  OD2  sing N N 67  
ASP OD2 HD2  sing N N 68  
ASP OXT HXT  sing N N 69  
GLN N   CA   sing N N 70  
GLN N   H    sing N N 71  
GLN N   H2   sing N N 72  
GLN CA  C    sing N N 73  
GLN CA  CB   sing N N 74  
GLN CA  HA   sing N N 75  
GLN C   O    doub N N 76  
GLN C   OXT  sing N N 77  
GLN CB  CG   sing N N 78  
GLN CB  HB2  sing N N 79  
GLN CB  HB3  sing N N 80  
GLN CG  CD   sing N N 81  
GLN CG  HG2  sing N N 82  
GLN CG  HG3  sing N N 83  
GLN CD  OE1  doub N N 84  
GLN CD  NE2  sing N N 85  
GLN NE2 HE21 sing N N 86  
GLN NE2 HE22 sing N N 87  
GLN OXT HXT  sing N N 88  
GLU N   CA   sing N N 89  
GLU N   H    sing N N 90  
GLU N   H2   sing N N 91  
GLU CA  C    sing N N 92  
GLU CA  CB   sing N N 93  
GLU CA  HA   sing N N 94  
GLU C   O    doub N N 95  
GLU C   OXT  sing N N 96  
GLU CB  CG   sing N N 97  
GLU CB  HB2  sing N N 98  
GLU CB  HB3  sing N N 99  
GLU CG  CD   sing N N 100 
GLU CG  HG2  sing N N 101 
GLU CG  HG3  sing N N 102 
GLU CD  OE1  doub N N 103 
GLU CD  OE2  sing N N 104 
GLU OE2 HE2  sing N N 105 
GLU OXT HXT  sing N N 106 
GLY N   CA   sing N N 107 
GLY N   H    sing N N 108 
GLY N   H2   sing N N 109 
GLY CA  C    sing N N 110 
GLY CA  HA2  sing N N 111 
GLY CA  HA3  sing N N 112 
GLY C   O    doub N N 113 
GLY C   OXT  sing N N 114 
GLY OXT HXT  sing N N 115 
HIS N   CA   sing N N 116 
HIS N   H    sing N N 117 
HIS N   H2   sing N N 118 
HIS CA  C    sing N N 119 
HIS CA  CB   sing N N 120 
HIS CA  HA   sing N N 121 
HIS C   O    doub N N 122 
HIS C   OXT  sing N N 123 
HIS CB  CG   sing N N 124 
HIS CB  HB2  sing N N 125 
HIS CB  HB3  sing N N 126 
HIS CG  ND1  sing Y N 127 
HIS CG  CD2  doub Y N 128 
HIS ND1 CE1  doub Y N 129 
HIS ND1 HD1  sing N N 130 
HIS CD2 NE2  sing Y N 131 
HIS CD2 HD2  sing N N 132 
HIS CE1 NE2  sing Y N 133 
HIS CE1 HE1  sing N N 134 
HIS NE2 HE2  sing N N 135 
HIS OXT HXT  sing N N 136 
HOH O   H1   sing N N 137 
HOH O   H2   sing N N 138 
ILE N   CA   sing N N 139 
ILE N   H    sing N N 140 
ILE N   H2   sing N N 141 
ILE CA  C    sing N N 142 
ILE CA  CB   sing N N 143 
ILE CA  HA   sing N N 144 
ILE C   O    doub N N 145 
ILE C   OXT  sing N N 146 
ILE CB  CG1  sing N N 147 
ILE CB  CG2  sing N N 148 
ILE CB  HB   sing N N 149 
ILE CG1 CD1  sing N N 150 
ILE CG1 HG12 sing N N 151 
ILE CG1 HG13 sing N N 152 
ILE CG2 HG21 sing N N 153 
ILE CG2 HG22 sing N N 154 
ILE CG2 HG23 sing N N 155 
ILE CD1 HD11 sing N N 156 
ILE CD1 HD12 sing N N 157 
ILE CD1 HD13 sing N N 158 
ILE OXT HXT  sing N N 159 
LEU N   CA   sing N N 160 
LEU N   H    sing N N 161 
LEU N   H2   sing N N 162 
LEU CA  C    sing N N 163 
LEU CA  CB   sing N N 164 
LEU CA  HA   sing N N 165 
LEU C   O    doub N N 166 
LEU C   OXT  sing N N 167 
LEU CB  CG   sing N N 168 
LEU CB  HB2  sing N N 169 
LEU CB  HB3  sing N N 170 
LEU CG  CD1  sing N N 171 
LEU CG  CD2  sing N N 172 
LEU CG  HG   sing N N 173 
LEU CD1 HD11 sing N N 174 
LEU CD1 HD12 sing N N 175 
LEU CD1 HD13 sing N N 176 
LEU CD2 HD21 sing N N 177 
LEU CD2 HD22 sing N N 178 
LEU CD2 HD23 sing N N 179 
LEU OXT HXT  sing N N 180 
LYS N   CA   sing N N 181 
LYS N   H    sing N N 182 
LYS N   H2   sing N N 183 
LYS CA  C    sing N N 184 
LYS CA  CB   sing N N 185 
LYS CA  HA   sing N N 186 
LYS C   O    doub N N 187 
LYS C   OXT  sing N N 188 
LYS CB  CG   sing N N 189 
LYS CB  HB2  sing N N 190 
LYS CB  HB3  sing N N 191 
LYS CG  CD   sing N N 192 
LYS CG  HG2  sing N N 193 
LYS CG  HG3  sing N N 194 
LYS CD  CE   sing N N 195 
LYS CD  HD2  sing N N 196 
LYS CD  HD3  sing N N 197 
LYS CE  NZ   sing N N 198 
LYS CE  HE2  sing N N 199 
LYS CE  HE3  sing N N 200 
LYS NZ  HZ1  sing N N 201 
LYS NZ  HZ2  sing N N 202 
LYS NZ  HZ3  sing N N 203 
LYS OXT HXT  sing N N 204 
PHE N   CA   sing N N 205 
PHE N   H    sing N N 206 
PHE N   H2   sing N N 207 
PHE CA  C    sing N N 208 
PHE CA  CB   sing N N 209 
PHE CA  HA   sing N N 210 
PHE C   O    doub N N 211 
PHE C   OXT  sing N N 212 
PHE CB  CG   sing N N 213 
PHE CB  HB2  sing N N 214 
PHE CB  HB3  sing N N 215 
PHE CG  CD1  doub Y N 216 
PHE CG  CD2  sing Y N 217 
PHE CD1 CE1  sing Y N 218 
PHE CD1 HD1  sing N N 219 
PHE CD2 CE2  doub Y N 220 
PHE CD2 HD2  sing N N 221 
PHE CE1 CZ   doub Y N 222 
PHE CE1 HE1  sing N N 223 
PHE CE2 CZ   sing Y N 224 
PHE CE2 HE2  sing N N 225 
PHE CZ  HZ   sing N N 226 
PHE OXT HXT  sing N N 227 
PRO N   CA   sing N N 228 
PRO N   CD   sing N N 229 
PRO N   H    sing N N 230 
PRO CA  C    sing N N 231 
PRO CA  CB   sing N N 232 
PRO CA  HA   sing N N 233 
PRO C   O    doub N N 234 
PRO C   OXT  sing N N 235 
PRO CB  CG   sing N N 236 
PRO CB  HB2  sing N N 237 
PRO CB  HB3  sing N N 238 
PRO CG  CD   sing N N 239 
PRO CG  HG2  sing N N 240 
PRO CG  HG3  sing N N 241 
PRO CD  HD2  sing N N 242 
PRO CD  HD3  sing N N 243 
PRO OXT HXT  sing N N 244 
SER N   CA   sing N N 245 
SER N   H    sing N N 246 
SER N   H2   sing N N 247 
SER CA  C    sing N N 248 
SER CA  CB   sing N N 249 
SER CA  HA   sing N N 250 
SER C   O    doub N N 251 
SER C   OXT  sing N N 252 
SER CB  OG   sing N N 253 
SER CB  HB2  sing N N 254 
SER CB  HB3  sing N N 255 
SER OG  HG   sing N N 256 
SER OXT HXT  sing N N 257 
THR N   CA   sing N N 258 
THR N   H    sing N N 259 
THR N   H2   sing N N 260 
THR CA  C    sing N N 261 
THR CA  CB   sing N N 262 
THR CA  HA   sing N N 263 
THR C   O    doub N N 264 
THR C   OXT  sing N N 265 
THR CB  OG1  sing N N 266 
THR CB  CG2  sing N N 267 
THR CB  HB   sing N N 268 
THR OG1 HG1  sing N N 269 
THR CG2 HG21 sing N N 270 
THR CG2 HG22 sing N N 271 
THR CG2 HG23 sing N N 272 
THR OXT HXT  sing N N 273 
TRP N   CA   sing N N 274 
TRP N   H    sing N N 275 
TRP N   H2   sing N N 276 
TRP CA  C    sing N N 277 
TRP CA  CB   sing N N 278 
TRP CA  HA   sing N N 279 
TRP C   O    doub N N 280 
TRP C   OXT  sing N N 281 
TRP CB  CG   sing N N 282 
TRP CB  HB2  sing N N 283 
TRP CB  HB3  sing N N 284 
TRP CG  CD1  doub Y N 285 
TRP CG  CD2  sing Y N 286 
TRP CD1 NE1  sing Y N 287 
TRP CD1 HD1  sing N N 288 
TRP CD2 CE2  doub Y N 289 
TRP CD2 CE3  sing Y N 290 
TRP NE1 CE2  sing Y N 291 
TRP NE1 HE1  sing N N 292 
TRP CE2 CZ2  sing Y N 293 
TRP CE3 CZ3  doub Y N 294 
TRP CE3 HE3  sing N N 295 
TRP CZ2 CH2  doub Y N 296 
TRP CZ2 HZ2  sing N N 297 
TRP CZ3 CH2  sing Y N 298 
TRP CZ3 HZ3  sing N N 299 
TRP CH2 HH2  sing N N 300 
TRP OXT HXT  sing N N 301 
TYR N   CA   sing N N 302 
TYR N   H    sing N N 303 
TYR N   H2   sing N N 304 
TYR CA  C    sing N N 305 
TYR CA  CB   sing N N 306 
TYR CA  HA   sing N N 307 
TYR C   O    doub N N 308 
TYR C   OXT  sing N N 309 
TYR CB  CG   sing N N 310 
TYR CB  HB2  sing N N 311 
TYR CB  HB3  sing N N 312 
TYR CG  CD1  doub Y N 313 
TYR CG  CD2  sing Y N 314 
TYR CD1 CE1  sing Y N 315 
TYR CD1 HD1  sing N N 316 
TYR CD2 CE2  doub Y N 317 
TYR CD2 HD2  sing N N 318 
TYR CE1 CZ   doub Y N 319 
TYR CE1 HE1  sing N N 320 
TYR CE2 CZ   sing Y N 321 
TYR CE2 HE2  sing N N 322 
TYR CZ  OH   sing N N 323 
TYR OH  HH   sing N N 324 
TYR OXT HXT  sing N N 325 
VAL N   CA   sing N N 326 
VAL N   H    sing N N 327 
VAL N   H2   sing N N 328 
VAL CA  C    sing N N 329 
VAL CA  CB   sing N N 330 
VAL CA  HA   sing N N 331 
VAL C   O    doub N N 332 
VAL C   OXT  sing N N 333 
VAL CB  CG1  sing N N 334 
VAL CB  CG2  sing N N 335 
VAL CB  HB   sing N N 336 
VAL CG1 HG11 sing N N 337 
VAL CG1 HG12 sing N N 338 
VAL CG1 HG13 sing N N 339 
VAL CG2 HG21 sing N N 340 
VAL CG2 HG22 sing N N 341 
VAL CG2 HG23 sing N N 342 
VAL OXT HXT  sing N N 343 
# 
_atom_sites.entry_id                    2ACG 
_atom_sites.fract_transf_matrix[1][1]   -0.00439177 
_atom_sites.fract_transf_matrix[1][2]   0.01082163 
_atom_sites.fract_transf_matrix[1][3]   -0.00227540 
_atom_sites.fract_transf_matrix[2][1]   -0.00530533 
_atom_sites.fract_transf_matrix[2][2]   0.00206543 
_atom_sites.fract_transf_matrix[2][3]   0.02006286 
_atom_sites.fract_transf_matrix[3][1]   0.02311658 
_atom_sites.fract_transf_matrix[3][2]   0.01803518 
_atom_sites.fract_transf_matrix[3][3]   0.00425616 
_atom_sites.fract_transf_vector[1]      -0.143523 
_atom_sites.fract_transf_vector[2]      -0.535391 
_atom_sites.fract_transf_vector[3]      0.715811 
# 
loop_
_atom_type.symbol 
C 
N 
O 
# 
loop_
_atom_site.group_PDB 
_atom_site.id 
_atom_site.type_symbol 
_atom_site.label_atom_id 
_atom_site.label_alt_id 
_atom_site.label_comp_id 
_atom_site.label_asym_id 
_atom_site.label_entity_id 
_atom_site.label_seq_id 
_atom_site.pdbx_PDB_ins_code 
_atom_site.Cartn_x 
_atom_site.Cartn_y 
_atom_site.Cartn_z 
_atom_site.occupancy 
_atom_site.B_iso_or_equiv 
_atom_site.pdbx_formal_charge 
_atom_site.auth_seq_id 
_atom_site.auth_comp_id 
_atom_site.auth_asym_id 
_atom_site.auth_atom_id 
_atom_site.pdbx_PDB_model_num 
ATOM   1   N N   . SER A 1 1   ? -2.264  5.928   -17.289 1.00 27.04 ? 1   SER A N   1 
ATOM   2   C CA  . SER A 1 1   ? -3.522  5.411   -16.746 1.00 26.61 ? 1   SER A CA  1 
ATOM   3   C C   . SER A 1 1   ? -3.370  4.837   -15.331 1.00 25.49 ? 1   SER A C   1 
ATOM   4   O O   . SER A 1 1   ? -4.216  4.002   -14.949 1.00 25.29 ? 1   SER A O   1 
ATOM   5   C CB  . SER A 1 1   ? -4.141  4.380   -17.686 1.00 28.47 ? 1   SER A CB  1 
ATOM   6   O OG  . SER A 1 1   ? -3.190  3.471   -18.223 1.00 30.04 ? 1   SER A OG  1 
ATOM   7   N N   . TRP A 1 2   ? -2.346  5.284   -14.612 1.00 23.79 ? 2   TRP A N   1 
ATOM   8   C CA  . TRP A 1 2   ? -2.096  4.824   -13.238 1.00 21.41 ? 2   TRP A CA  1 
ATOM   9   C C   . TRP A 1 2   ? -3.206  5.401   -12.355 1.00 20.44 ? 2   TRP A C   1 
ATOM   10  O O   . TRP A 1 2   ? -3.490  4.835   -11.285 1.00 21.67 ? 2   TRP A O   1 
ATOM   11  C CB  . TRP A 1 2   ? -0.735  5.184   -12.661 1.00 20.40 ? 2   TRP A CB  1 
ATOM   12  C CG  . TRP A 1 2   ? 0.399   4.534   -13.366 1.00 19.84 ? 2   TRP A CG  1 
ATOM   13  C CD1 . TRP A 1 2   ? 1.372   5.112   -14.125 1.00 20.32 ? 2   TRP A CD1 1 
ATOM   14  C CD2 . TRP A 1 2   ? 0.638   3.114   -13.421 1.00 19.88 ? 2   TRP A CD2 1 
ATOM   15  N NE1 . TRP A 1 2   ? 2.218   4.147   -14.634 1.00 20.31 ? 2   TRP A NE1 1 
ATOM   16  C CE2 . TRP A 1 2   ? 1.782   2.920   -14.224 1.00 20.34 ? 2   TRP A CE2 1 
ATOM   17  C CE3 . TRP A 1 2   ? -0.013  2.012   -12.876 1.00 19.93 ? 2   TRP A CE3 1 
ATOM   18  C CZ2 . TRP A 1 2   ? 2.299   1.655   -14.471 1.00 20.60 ? 2   TRP A CZ2 1 
ATOM   19  C CZ3 . TRP A 1 2   ? 0.485   0.765   -13.134 1.00 19.85 ? 2   TRP A CZ3 1 
ATOM   20  C CH2 . TRP A 1 2   ? 1.633   0.578   -13.908 1.00 21.14 ? 2   TRP A CH2 1 
ATOM   21  N N   . GLN A 1 3   ? -3.772  6.480   -12.849 1.00 18.49 ? 3   GLN A N   1 
ATOM   22  C CA  . GLN A 1 3   ? -4.870  7.135   -12.101 1.00 17.03 ? 3   GLN A CA  1 
ATOM   23  C C   . GLN A 1 3   ? -6.121  6.280   -12.164 1.00 15.78 ? 3   GLN A C   1 
ATOM   24  O O   . GLN A 1 3   ? -6.943  6.335   -11.246 1.00 16.15 ? 3   GLN A O   1 
ATOM   25  C CB  . GLN A 1 3   ? -5.123  8.572   -12.510 1.00 17.07 ? 3   GLN A CB  1 
ATOM   26  C CG  . GLN A 1 3   ? -5.873  9.435   -11.532 1.00 15.83 ? 3   GLN A CG  1 
ATOM   27  C CD  . GLN A 1 3   ? -5.327  9.640   -10.157 1.00 14.38 ? 3   GLN A CD  1 
ATOM   28  O OE1 . GLN A 1 3   ? -4.086  10.063  -10.016 1.00 14.51 ? 3   GLN A OE1 1 
ATOM   29  N NE2 . GLN A 1 3   ? -6.002  9.443   -9.134  1.00 14.91 ? 3   GLN A NE2 1 
ATOM   30  N N   . THR A 1 4   ? -6.277  5.490   -13.206 1.00 15.86 ? 4   THR A N   1 
ATOM   31  C CA  . THR A 1 4   ? -7.509  4.654   -13.311 1.00 14.81 ? 4   THR A CA  1 
ATOM   32  C C   . THR A 1 4   ? -7.371  3.415   -12.479 1.00 14.33 ? 4   THR A C   1 
ATOM   33  O O   . THR A 1 4   ? -8.359  2.917   -11.887 1.00 14.61 ? 4   THR A O   1 
ATOM   34  C CB  . THR A 1 4   ? -7.974  4.516   -14.785 1.00 15.32 ? 4   THR A CB  1 
ATOM   35  O OG1 . THR A 1 4   ? -7.439  3.286   -15.340 1.00 17.92 ? 4   THR A OG1 1 
ATOM   36  C CG2 . THR A 1 4   ? -7.560  5.719   -15.662 1.00 15.00 ? 4   THR A CG2 1 
ATOM   37  N N   . TYR A 1 5   ? -6.151  2.920   -12.310 1.00 13.81 ? 5   TYR A N   1 
ATOM   38  C CA  . TYR A 1 5   ? -5.955  1.733   -11.438 1.00 13.05 ? 5   TYR A CA  1 
ATOM   39  C C   . TYR A 1 5   ? -6.325  2.121   -10.021 1.00 12.21 ? 5   TYR A C   1 
ATOM   40  O O   . TYR A 1 5   ? -6.738  1.276   -9.201  1.00 14.01 ? 5   TYR A O   1 
ATOM   41  C CB  . TYR A 1 5   ? -4.538  1.184   -11.506 1.00 14.58 ? 5   TYR A CB  1 
ATOM   42  C CG  . TYR A 1 5   ? -4.146  0.485   -12.780 1.00 15.64 ? 5   TYR A CG  1 
ATOM   43  C CD1 . TYR A 1 5   ? -4.551  -0.820  -13.062 1.00 17.17 ? 5   TYR A CD1 1 
ATOM   44  C CD2 . TYR A 1 5   ? -3.324  1.113   -13.704 1.00 16.41 ? 5   TYR A CD2 1 
ATOM   45  C CE1 . TYR A 1 5   ? -4.156  -1.478  -14.230 1.00 18.17 ? 5   TYR A CE1 1 
ATOM   46  C CE2 . TYR A 1 5   ? -2.908  0.475   -14.859 1.00 17.69 ? 5   TYR A CE2 1 
ATOM   47  C CZ  . TYR A 1 5   ? -3.335  -0.809  -15.134 1.00 18.56 ? 5   TYR A CZ  1 
ATOM   48  O OH  . TYR A 1 5   ? -2.914  -1.376  -16.316 1.00 20.62 ? 5   TYR A OH  1 
ATOM   49  N N   . VAL A 1 6   ? -6.151  3.404   -9.707  1.00 11.55 ? 6   VAL A N   1 
ATOM   50  C CA  . VAL A 1 6   ? -6.452  3.939   -8.383  1.00 9.21  ? 6   VAL A CA  1 
ATOM   51  C C   . VAL A 1 6   ? -7.943  4.242   -8.195  1.00 8.96  ? 6   VAL A C   1 
ATOM   52  O O   . VAL A 1 6   ? -8.548  3.767   -7.219  1.00 9.09  ? 6   VAL A O   1 
ATOM   53  C CB  . VAL A 1 6   ? -5.600  5.148   -8.013  1.00 7.60  ? 6   VAL A CB  1 
ATOM   54  C CG1 . VAL A 1 6   ? -6.019  5.690   -6.648  1.00 7.26  ? 6   VAL A CG1 1 
ATOM   55  C CG2 . VAL A 1 6   ? -4.124  4.852   -8.050  1.00 8.68  ? 6   VAL A CG2 1 
ATOM   56  N N   . ASP A 1 7   ? -8.478  5.025   -9.104  1.00 7.67  ? 7   ASP A N   1 
ATOM   57  C CA  . ASP A 1 7   ? -9.875  5.450   -9.050  1.00 6.55  ? 7   ASP A CA  1 
ATOM   58  C C   . ASP A 1 7   ? -10.820 4.282   -9.259  1.00 6.01  ? 7   ASP A C   1 
ATOM   59  O O   . ASP A 1 7   ? -11.842 4.212   -8.585  1.00 6.27  ? 7   ASP A O   1 
ATOM   60  C CB  . ASP A 1 7   ? -10.191 6.556   -10.074 1.00 6.10  ? 7   ASP A CB  1 
ATOM   61  C CG  . ASP A 1 7   ? -9.488  7.860   -9.759  1.00 4.10  ? 7   ASP A CG  1 
ATOM   62  O OD1 . ASP A 1 7   ? -9.235  8.224   -8.607  1.00 2.91  ? 7   ASP A OD1 1 
ATOM   63  O OD2 . ASP A 1 7   ? -9.188  8.518   -10.769 1.00 5.04  ? 7   ASP A OD2 1 
ATOM   64  N N   . THR A 1 8   ? -10.461 3.462   -10.250 1.00 6.15  ? 8   THR A N   1 
ATOM   65  C CA  . THR A 1 8   ? -11.335 2.344   -10.586 1.00 5.72  ? 8   THR A CA  1 
ATOM   66  C C   . THR A 1 8   ? -10.962 0.991   -10.049 1.00 5.20  ? 8   THR A C   1 
ATOM   67  O O   . THR A 1 8   ? -11.836 0.326   -9.459  1.00 6.10  ? 8   THR A O   1 
ATOM   68  C CB  . THR A 1 8   ? -11.609 2.216   -12.151 1.00 4.22  ? 8   THR A CB  1 
ATOM   69  O OG1 . THR A 1 8   ? -12.371 3.372   -12.576 1.00 5.13  ? 8   THR A OG1 1 
ATOM   70  C CG2 . THR A 1 8   ? -12.337 0.897   -12.452 1.00 4.11  ? 8   THR A CG2 1 
ATOM   71  N N   . ASN A 1 9   ? -9.752  0.562   -10.293 1.00 5.30  ? 9   ASN A N   1 
ATOM   72  C CA  . ASN A 1 9   ? -9.313  -0.778  -9.865  1.00 4.90  ? 9   ASN A CA  1 
ATOM   73  C C   . ASN A 1 9   ? -9.122  -0.876  -8.374  1.00 5.48  ? 9   ASN A C   1 
ATOM   74  O O   . ASN A 1 9   ? -9.114  -2.014  -7.821  1.00 7.34  ? 9   ASN A O   1 
ATOM   75  C CB  . ASN A 1 9   ? -8.092  -1.175  -10.682 1.00 3.74  ? 9   ASN A CB  1 
ATOM   76  C CG  . ASN A 1 9   ? -8.389  -1.353  -12.143 1.00 3.49  ? 9   ASN A CG  1 
ATOM   77  O OD1 . ASN A 1 9   ? -9.202  -2.204  -12.510 1.00 5.25  ? 9   ASN A OD1 1 
ATOM   78  N ND2 . ASN A 1 9   ? -7.750  -0.638  -13.050 1.00 5.36  ? 9   ASN A ND2 1 
ATOM   79  N N   . LEU A 1 10  ? -8.907  0.198   -7.675  1.00 5.61  ? 10  LEU A N   1 
ATOM   80  C CA  . LEU A 1 10  ? -8.686  0.096   -6.215  1.00 5.50  ? 10  LEU A CA  1 
ATOM   81  C C   . LEU A 1 10  ? -9.841  0.686   -5.445  1.00 5.51  ? 10  LEU A C   1 
ATOM   82  O O   . LEU A 1 10  ? -10.673 -0.043  -4.886  1.00 5.97  ? 10  LEU A O   1 
ATOM   83  C CB  . LEU A 1 10  ? -7.311  0.666   -5.850  1.00 4.42  ? 10  LEU A CB  1 
ATOM   84  C CG  . LEU A 1 10  ? -6.056  -0.143  -6.143  1.00 3.90  ? 10  LEU A CG  1 
ATOM   85  C CD1 . LEU A 1 10  ? -4.803  0.728   -6.135  1.00 3.45  ? 10  LEU A CD1 1 
ATOM   86  C CD2 . LEU A 1 10  ? -5.907  -1.220  -5.090  1.00 2.00  ? 10  LEU A CD2 1 
ATOM   87  N N   . VAL A 1 11  ? -9.835  1.994   -5.388  1.00 6.20  ? 11  VAL A N   1 
ATOM   88  C CA  . VAL A 1 11  ? -10.877 2.729   -4.623  1.00 7.60  ? 11  VAL A CA  1 
ATOM   89  C C   . VAL A 1 11  ? -12.280 2.491   -5.159  1.00 8.05  ? 11  VAL A C   1 
ATOM   90  O O   . VAL A 1 11  ? -13.248 2.522   -4.376  1.00 8.81  ? 11  VAL A O   1 
ATOM   91  C CB  . VAL A 1 11  ? -10.472 4.216   -4.529  1.00 6.04  ? 11  VAL A CB  1 
ATOM   92  C CG1 . VAL A 1 11  ? -11.483 5.024   -3.748  1.00 7.19  ? 11  VAL A CG1 1 
ATOM   93  C CG2 . VAL A 1 11  ? -9.070  4.367   -3.970  1.00 4.90  ? 11  VAL A CG2 1 
ATOM   94  N N   . GLY A 1 12  ? -12.382 2.289   -6.451  1.00 8.36  ? 12  GLY A N   1 
ATOM   95  C CA  . GLY A 1 12  ? -13.596 2.054   -7.202  1.00 8.79  ? 12  GLY A CA  1 
ATOM   96  C C   . GLY A 1 12  ? -14.304 0.783   -6.784  1.00 9.23  ? 12  GLY A C   1 
ATOM   97  O O   . GLY A 1 12  ? -15.546 0.724   -6.863  1.00 10.40 ? 12  GLY A O   1 
ATOM   98  N N   . THR A 1 13  ? -13.560 -0.211  -6.356  1.00 9.97  ? 13  THR A N   1 
ATOM   99  C CA  . THR A 1 13  ? -14.027 -1.520  -5.881  1.00 8.62  ? 13  THR A CA  1 
ATOM   100 C C   . THR A 1 13  ? -14.840 -1.351  -4.603  1.00 9.02  ? 13  THR A C   1 
ATOM   101 O O   . THR A 1 13  ? -15.831 -2.052  -4.354  1.00 10.04 ? 13  THR A O   1 
ATOM   102 C CB  . THR A 1 13  ? -12.865 -2.572  -5.740  1.00 7.48  ? 13  THR A CB  1 
ATOM   103 O OG1 . THR A 1 13  ? -12.105 -2.293  -4.516  1.00 8.01  ? 13  THR A OG1 1 
ATOM   104 C CG2 . THR A 1 13  ? -11.918 -2.626  -6.944  1.00 7.37  ? 13  THR A CG2 1 
ATOM   105 N N   . GLY A 1 14  ? -14.438 -0.429  -3.759  1.00 9.47  ? 14  GLY A N   1 
ATOM   106 C CA  . GLY A 1 14  ? -15.103 -0.093  -2.509  1.00 9.75  ? 14  GLY A CA  1 
ATOM   107 C C   . GLY A 1 14  ? -14.383 -0.675  -1.302  1.00 10.51 ? 14  GLY A C   1 
ATOM   108 O O   . GLY A 1 14  ? -14.601 -0.245  -0.153  1.00 10.38 ? 14  GLY A O   1 
ATOM   109 N N   . ALA A 1 15  ? -13.521 -1.626  -1.599  1.00 11.02 ? 15  ALA A N   1 
ATOM   110 C CA  . ALA A 1 15  ? -12.724 -2.363  -0.624  1.00 10.48 ? 15  ALA A CA  1 
ATOM   111 C C   . ALA A 1 15  ? -11.630 -1.521  -0.003  1.00 10.61 ? 15  ALA A C   1 
ATOM   112 O O   . ALA A 1 15  ? -10.976 -2.050  0.917   1.00 10.71 ? 15  ALA A O   1 
ATOM   113 C CB  . ALA A 1 15  ? -12.151 -3.586  -1.349  1.00 10.27 ? 15  ALA A CB  1 
ATOM   114 N N   . VAL A 1 16  ? -11.413 -0.303  -0.475  1.00 10.47 ? 16  VAL A N   1 
ATOM   115 C CA  . VAL A 1 16  ? -10.363 0.578   0.056   1.00 11.43 ? 16  VAL A CA  1 
ATOM   116 C C   . VAL A 1 16  ? -10.789 2.031   -0.077  1.00 12.00 ? 16  VAL A C   1 
ATOM   117 O O   . VAL A 1 16  ? -11.352 2.388   -1.115  1.00 12.52 ? 16  VAL A O   1 
ATOM   118 C CB  . VAL A 1 16  ? -8.981  0.303   -0.577  1.00 12.35 ? 16  VAL A CB  1 
ATOM   119 C CG1 . VAL A 1 16  ? -8.491  -1.137  -0.329  1.00 11.16 ? 16  VAL A CG1 1 
ATOM   120 C CG2 . VAL A 1 16  ? -8.942  0.605   -2.068  1.00 12.38 ? 16  VAL A CG2 1 
ATOM   121 N N   . THR A 1 17  ? -10.509 2.815   0.958   1.00 12.51 ? 17  THR A N   1 
ATOM   122 C CA  . THR A 1 17  ? -10.862 4.211   1.026   1.00 12.93 ? 17  THR A CA  1 
ATOM   123 C C   . THR A 1 17  ? -9.919  5.155   0.310   1.00 12.29 ? 17  THR A C   1 
ATOM   124 O O   . THR A 1 17  ? -10.423 6.047   -0.404  1.00 13.44 ? 17  THR A O   1 
ATOM   125 C CB  . THR A 1 17  ? -11.163 4.738   2.492   1.00 14.13 ? 17  THR A CB  1 
ATOM   126 O OG1 . THR A 1 17  ? -9.873  4.897   3.170   1.00 15.66 ? 17  THR A OG1 1 
ATOM   127 C CG2 . THR A 1 17  ? -12.120 3.842   3.287   1.00 13.98 ? 17  THR A CG2 1 
ATOM   128 N N   . GLN A 1 18  ? -8.652  5.009   0.510   1.00 11.16 ? 18  GLN A N   1 
ATOM   129 C CA  . GLN A 1 18  ? -7.581  5.826   -0.083  1.00 10.41 ? 18  GLN A CA  1 
ATOM   130 C C   . GLN A 1 18  ? -6.574  4.874   -0.710  1.00 9.57  ? 18  GLN A C   1 
ATOM   131 O O   . GLN A 1 18  ? -6.451  3.729   -0.240  1.00 9.30  ? 18  GLN A O   1 
ATOM   132 C CB  . GLN A 1 18  ? -6.903  6.666   1.018   1.00 13.63 ? 18  GLN A CB  1 
ATOM   133 C CG  . GLN A 1 18  ? -7.808  7.716   1.651   1.00 15.17 ? 18  GLN A CG  1 
ATOM   134 C CD  . GLN A 1 18  ? -8.211  8.757   0.610   1.00 17.78 ? 18  GLN A CD  1 
ATOM   135 O OE1 . GLN A 1 18  ? -7.480  9.027   -0.350  1.00 18.79 ? 18  GLN A OE1 1 
ATOM   136 N NE2 . GLN A 1 18  ? -9.398  9.327   0.781   1.00 17.12 ? 18  GLN A NE2 1 
ATOM   137 N N   . ALA A 1 19  ? -5.858  5.331   -1.720  1.00 8.98  ? 19  ALA A N   1 
ATOM   138 C CA  . ALA A 1 19  ? -4.900  4.433   -2.395  1.00 7.76  ? 19  ALA A CA  1 
ATOM   139 C C   . ALA A 1 19  ? -3.874  5.231   -3.168  1.00 7.17  ? 19  ALA A C   1 
ATOM   140 O O   . ALA A 1 19  ? -4.061  6.426   -3.365  1.00 6.91  ? 19  ALA A O   1 
ATOM   141 C CB  . ALA A 1 19  ? -5.688  3.472   -3.292  1.00 6.47  ? 19  ALA A CB  1 
ATOM   142 N N   . ALA A 1 20  ? -2.825  4.537   -3.572  1.00 7.28  ? 20  ALA A N   1 
ATOM   143 C CA  . ALA A 1 20  ? -1.718  5.142   -4.329  1.00 8.10  ? 20  ALA A CA  1 
ATOM   144 C C   . ALA A 1 20  ? -0.884  4.026   -4.955  1.00 8.34  ? 20  ALA A C   1 
ATOM   145 O O   . ALA A 1 20  ? -1.051  2.847   -4.619  1.00 8.50  ? 20  ALA A O   1 
ATOM   146 C CB  . ALA A 1 20  ? -0.880  5.988   -3.371  1.00 8.04  ? 20  ALA A CB  1 
ATOM   147 N N   . ILE A 1 21  ? -0.039  4.408   -5.872  1.00 8.35  ? 21  ILE A N   1 
ATOM   148 C CA  . ILE A 1 21  ? 0.892   3.552   -6.599  1.00 8.51  ? 21  ILE A CA  1 
ATOM   149 C C   . ILE A 1 21  ? 2.216   4.339   -6.555  1.00 8.81  ? 21  ILE A C   1 
ATOM   150 O O   . ILE A 1 21  ? 2.273   5.416   -7.169  1.00 9.56  ? 21  ILE A O   1 
ATOM   151 C CB  . ILE A 1 21  ? 0.452   3.181   -8.038  1.00 8.44  ? 21  ILE A CB  1 
ATOM   152 C CG1 . ILE A 1 21  ? -0.940  2.482   -8.065  1.00 8.80  ? 21  ILE A CG1 1 
ATOM   153 C CG2 . ILE A 1 21  ? 1.467   2.245   -8.786  1.00 8.55  ? 21  ILE A CG2 1 
ATOM   154 C CD1 . ILE A 1 21  ? -1.455  2.324   -9.536  1.00 8.61  ? 21  ILE A CD1 1 
ATOM   155 N N   . ILE A 1 22  ? 3.149   3.842   -5.799  1.00 8.64  ? 22  ILE A N   1 
ATOM   156 C CA  . ILE A 1 22  ? 4.489   4.436   -5.605  1.00 7.89  ? 22  ILE A CA  1 
ATOM   157 C C   . ILE A 1 22  ? 5.486   3.726   -6.510  1.00 7.65  ? 22  ILE A C   1 
ATOM   158 O O   . ILE A 1 22  ? 5.213   2.601   -6.979  1.00 8.00  ? 22  ILE A O   1 
ATOM   159 C CB  . ILE A 1 22  ? 4.856   4.256   -4.089  1.00 7.16  ? 22  ILE A CB  1 
ATOM   160 C CG1 . ILE A 1 22  ? 4.957   5.603   -3.373  1.00 6.33  ? 22  ILE A CG1 1 
ATOM   161 C CG2 . ILE A 1 22  ? 6.016   3.307   -3.764  1.00 7.18  ? 22  ILE A CG2 1 
ATOM   162 C CD1 . ILE A 1 22  ? 3.554   6.181   -3.061  1.00 8.13  ? 22  ILE A CD1 1 
ATOM   163 N N   . GLY A 1 23  ? 6.592   4.363   -6.756  1.00 7.72  ? 23  GLY A N   1 
ATOM   164 C CA  . GLY A 1 23  ? 7.712   3.799   -7.562  1.00 7.51  ? 23  GLY A CA  1 
ATOM   165 C C   . GLY A 1 23  ? 8.635   3.142   -6.528  1.00 7.22  ? 23  GLY A C   1 
ATOM   166 O O   . GLY A 1 23  ? 8.496   3.446   -5.345  1.00 5.43  ? 23  GLY A O   1 
ATOM   167 N N   . HIS A 1 24  ? 9.564   2.285   -6.952  1.00 9.12  ? 24  HIS A N   1 
ATOM   168 C CA  . HIS A 1 24  ? 10.410  1.609   -5.956  1.00 10.35 ? 24  HIS A CA  1 
ATOM   169 C C   . HIS A 1 24  ? 11.260  2.568   -5.147  1.00 11.59 ? 24  HIS A C   1 
ATOM   170 O O   . HIS A 1 24  ? 11.800  2.146   -4.109  1.00 12.13 ? 24  HIS A O   1 
ATOM   171 C CB  . HIS A 1 24  ? 11.312  0.460   -6.391  1.00 10.93 ? 24  HIS A CB  1 
ATOM   172 C CG  . HIS A 1 24  ? 10.569  -0.815  -6.626  1.00 10.06 ? 24  HIS A CG  1 
ATOM   173 N ND1 . HIS A 1 24  ? 11.095  -1.892  -7.273  1.00 10.99 ? 24  HIS A ND1 1 
ATOM   174 C CD2 . HIS A 1 24  ? 9.281   -1.104  -6.349  1.00 10.29 ? 24  HIS A CD2 1 
ATOM   175 C CE1 . HIS A 1 24  ? 10.167  -2.841  -7.351  1.00 11.38 ? 24  HIS A CE1 1 
ATOM   176 N NE2 . HIS A 1 24  ? 9.069   -2.384  -6.797  1.00 11.57 ? 24  HIS A NE2 1 
ATOM   177 N N   . ASP A 1 25  ? 11.322  3.774   -5.639  1.00 12.85 ? 25  ASP A N   1 
ATOM   178 C CA  . ASP A 1 25  ? 12.056  4.905   -5.062  1.00 12.80 ? 25  ASP A CA  1 
ATOM   179 C C   . ASP A 1 25  ? 11.231  5.656   -4.022  1.00 12.39 ? 25  ASP A C   1 
ATOM   180 O O   . ASP A 1 25  ? 11.809  6.314   -3.114  1.00 13.93 ? 25  ASP A O   1 
ATOM   181 C CB  . ASP A 1 25  ? 12.550  5.763   -6.241  1.00 15.56 ? 25  ASP A CB  1 
ATOM   182 C CG  . ASP A 1 25  ? 11.440  6.278   -7.137  1.00 18.93 ? 25  ASP A CG  1 
ATOM   183 O OD1 . ASP A 1 25  ? 10.325  5.722   -7.234  1.00 19.56 ? 25  ASP A OD1 1 
ATOM   184 O OD2 . ASP A 1 25  ? 11.673  7.337   -7.787  1.00 19.76 ? 25  ASP A OD2 1 
ATOM   185 N N   . GLY A 1 26  ? 9.912   5.638   -4.070  1.00 11.02 ? 26  GLY A N   1 
ATOM   186 C CA  . GLY A 1 26  ? 9.108   6.355   -3.066  1.00 10.34 ? 26  GLY A CA  1 
ATOM   187 C C   . GLY A 1 26  ? 8.231   7.443   -3.668  1.00 9.70  ? 26  GLY A C   1 
ATOM   188 O O   . GLY A 1 26  ? 7.261   7.899   -3.055  1.00 9.35  ? 26  GLY A O   1 
ATOM   189 N N   . ASN A 1 27  ? 8.601   7.833   -4.857  1.00 10.28 ? 27  ASN A N   1 
ATOM   190 C CA  . ASN A 1 27  ? 7.921   8.849   -5.659  1.00 10.38 ? 27  ASN A CA  1 
ATOM   191 C C   . ASN A 1 27  ? 6.619   8.286   -6.215  1.00 10.48 ? 27  ASN A C   1 
ATOM   192 O O   . ASN A 1 27  ? 6.662   7.260   -6.871  1.00 10.43 ? 27  ASN A O   1 
ATOM   193 C CB  . ASN A 1 27  ? 8.868   9.350   -6.772  1.00 9.39  ? 27  ASN A CB  1 
ATOM   194 C CG  . ASN A 1 27  ? 9.950   10.156  -6.035  1.00 9.72  ? 27  ASN A CG  1 
ATOM   195 O OD1 . ASN A 1 27  ? 9.601   11.032  -5.241  1.00 8.97  ? 27  ASN A OD1 1 
ATOM   196 N ND2 . ASN A 1 27  ? 11.197  9.787   -6.241  1.00 11.65 ? 27  ASN A ND2 1 
ATOM   197 N N   . THR A 1 28  ? 5.548   8.995   -5.918  1.00 11.42 ? 28  THR A N   1 
ATOM   198 C CA  . THR A 1 28  ? 4.187   8.685   -6.301  1.00 12.10 ? 28  THR A CA  1 
ATOM   199 C C   . THR A 1 28  ? 3.959   8.693   -7.803  1.00 12.10 ? 28  THR A C   1 
ATOM   200 O O   . THR A 1 28  ? 4.336   9.668   -8.462  1.00 12.77 ? 28  THR A O   1 
ATOM   201 C CB  . THR A 1 28  ? 3.163   9.703   -5.641  1.00 12.90 ? 28  THR A CB  1 
ATOM   202 O OG1 . THR A 1 28  ? 3.218   9.464   -4.200  1.00 14.68 ? 28  THR A OG1 1 
ATOM   203 C CG2 . THR A 1 28  ? 1.743   9.531   -6.177  1.00 14.55 ? 28  THR A CG2 1 
ATOM   204 N N   . TRP A 1 29  ? 3.353   7.631   -8.302  1.00 12.16 ? 29  TRP A N   1 
ATOM   205 C CA  . TRP A 1 29  ? 3.022   7.507   -9.743  1.00 11.05 ? 29  TRP A CA  1 
ATOM   206 C C   . TRP A 1 29  ? 1.606   8.071   -9.911  1.00 10.23 ? 29  TRP A C   1 
ATOM   207 O O   . TRP A 1 29  ? 1.395   8.919   -10.787 1.00 11.30 ? 29  TRP A O   1 
ATOM   208 C CB  . TRP A 1 29  ? 3.175   6.095   -10.250 1.00 10.76 ? 29  TRP A CB  1 
ATOM   209 C CG  . TRP A 1 29  ? 4.551   5.609   -10.469 1.00 11.61 ? 29  TRP A CG  1 
ATOM   210 C CD1 . TRP A 1 29  ? 5.742   6.182   -10.089 1.00 11.93 ? 29  TRP A CD1 1 
ATOM   211 C CD2 . TRP A 1 29  ? 4.904   4.303   -10.989 1.00 11.58 ? 29  TRP A CD2 1 
ATOM   212 N NE1 . TRP A 1 29  ? 6.801   5.369   -10.417 1.00 11.20 ? 29  TRP A NE1 1 
ATOM   213 C CE2 . TRP A 1 29  ? 6.305   4.214   -10.959 1.00 11.77 ? 29  TRP A CE2 1 
ATOM   214 C CE3 . TRP A 1 29  ? 4.150   3.246   -11.484 1.00 11.26 ? 29  TRP A CE3 1 
ATOM   215 C CZ2 . TRP A 1 29  ? 6.969   3.088   -11.439 1.00 13.36 ? 29  TRP A CZ2 1 
ATOM   216 C CZ3 . TRP A 1 29  ? 4.789   2.130   -11.962 1.00 11.46 ? 29  TRP A CZ3 1 
ATOM   217 C CH2 . TRP A 1 29  ? 6.183   2.045   -11.939 1.00 13.80 ? 29  TRP A CH2 1 
ATOM   218 N N   . ALA A 1 30  ? 0.733   7.652   -9.032  1.00 9.42  ? 30  ALA A N   1 
ATOM   219 C CA  . ALA A 1 30  ? -0.686  8.104   -9.021  1.00 7.93  ? 30  ALA A CA  1 
ATOM   220 C C   . ALA A 1 30  ? -1.195  8.132   -7.598  1.00 6.69  ? 30  ALA A C   1 
ATOM   221 O O   . ALA A 1 30  ? -0.567  7.442   -6.772  1.00 7.90  ? 30  ALA A O   1 
ATOM   222 C CB  . ALA A 1 30  ? -1.430  7.053   -9.857  1.00 10.61 ? 30  ALA A CB  1 
ATOM   223 N N   . THR A 1 31  ? -2.256  8.816   -7.266  1.00 5.95  ? 31  THR A N   1 
ATOM   224 C CA  . THR A 1 31  ? -2.777  8.842   -5.867  1.00 5.93  ? 31  THR A CA  1 
ATOM   225 C C   . THR A 1 31  ? -4.232  9.282   -5.848  1.00 6.88  ? 31  THR A C   1 
ATOM   226 O O   . THR A 1 31  ? -4.741  9.835   -6.852  1.00 8.10  ? 31  THR A O   1 
ATOM   227 C CB  . THR A 1 31  ? -1.823  9.697   -4.965  1.00 5.34  ? 31  THR A CB  1 
ATOM   228 O OG1 . THR A 1 31  ? -2.208  9.604   -3.566  1.00 5.03  ? 31  THR A OG1 1 
ATOM   229 C CG2 . THR A 1 31  ? -1.727  11.182  -5.386  1.00 7.08  ? 31  THR A CG2 1 
ATOM   230 N N   . SER A 1 32  ? -4.931  9.084   -4.736  1.00 6.51  ? 32  SER A N   1 
ATOM   231 C CA  . SER A 1 32  ? -6.343  9.459   -4.620  1.00 7.10  ? 32  SER A CA  1 
ATOM   232 C C   . SER A 1 32  ? -6.518  10.811  -3.968  1.00 7.62  ? 32  SER A C   1 
ATOM   233 O O   . SER A 1 32  ? -5.672  11.377  -3.259  1.00 8.87  ? 32  SER A O   1 
ATOM   234 C CB  . SER A 1 32  ? -7.196  8.348   -4.044  1.00 7.89  ? 32  SER A CB  1 
ATOM   235 O OG  . SER A 1 32  ? -6.900  7.940   -2.727  1.00 7.16  ? 32  SER A OG  1 
ATOM   236 N N   . ALA A 1 33  ? -7.660  11.429  -4.224  1.00 8.33  ? 33  ALA A N   1 
ATOM   237 C CA  . ALA A 1 33  ? -8.001  12.751  -3.737  1.00 8.30  ? 33  ALA A CA  1 
ATOM   238 C C   . ALA A 1 33  ? -7.422  13.112  -2.396  1.00 8.60  ? 33  ALA A C   1 
ATOM   239 O O   . ALA A 1 33  ? -6.614  14.080  -2.337  1.00 10.42 ? 33  ALA A O   1 
ATOM   240 C CB  . ALA A 1 33  ? -9.504  12.994  -3.817  1.00 7.92  ? 33  ALA A CB  1 
ATOM   241 N N   . GLY A 1 34  ? -7.765  12.472  -1.304  1.00 8.40  ? 34  GLY A N   1 
ATOM   242 C CA  . GLY A 1 34  ? -7.255  12.875  0.021   1.00 7.26  ? 34  GLY A CA  1 
ATOM   243 C C   . GLY A 1 34  ? -6.091  12.096  0.529   1.00 7.53  ? 34  GLY A C   1 
ATOM   244 O O   . GLY A 1 34  ? -5.963  11.842  1.755   1.00 8.49  ? 34  GLY A O   1 
ATOM   245 N N   . PHE A 1 35  ? -5.172  11.720  -0.351  1.00 7.13  ? 35  PHE A N   1 
ATOM   246 C CA  . PHE A 1 35  ? -4.027  10.904  0.151   1.00 6.30  ? 35  PHE A CA  1 
ATOM   247 C C   . PHE A 1 35  ? -2.760  11.323  -0.565  1.00 5.84  ? 35  PHE A C   1 
ATOM   248 O O   . PHE A 1 35  ? -2.807  11.512  -1.772  1.00 6.47  ? 35  PHE A O   1 
ATOM   249 C CB  . PHE A 1 35  ? -4.388  9.448   -0.055  1.00 5.97  ? 35  PHE A CB  1 
ATOM   250 C CG  . PHE A 1 35  ? -3.416  8.391   0.336   1.00 5.74  ? 35  PHE A CG  1 
ATOM   251 C CD1 . PHE A 1 35  ? -3.321  7.978   1.660   1.00 4.45  ? 35  PHE A CD1 1 
ATOM   252 C CD2 . PHE A 1 35  ? -2.655  7.746   -0.642  1.00 6.44  ? 35  PHE A CD2 1 
ATOM   253 C CE1 . PHE A 1 35  ? -2.458  6.976   2.041   1.00 4.94  ? 35  PHE A CE1 1 
ATOM   254 C CE2 . PHE A 1 35  ? -1.777  6.710   -0.269  1.00 7.93  ? 35  PHE A CE2 1 
ATOM   255 C CZ  . PHE A 1 35  ? -1.684  6.333   1.091   1.00 5.65  ? 35  PHE A CZ  1 
ATOM   256 N N   . ALA A 1 36  ? -1.685  11.414  0.164   1.00 5.93  ? 36  ALA A N   1 
ATOM   257 C CA  . ALA A 1 36  ? -0.357  11.762  -0.303  1.00 6.11  ? 36  ALA A CA  1 
ATOM   258 C C   . ALA A 1 36  ? 0.645   11.158  0.691   1.00 6.48  ? 36  ALA A C   1 
ATOM   259 O O   . ALA A 1 36  ? 0.397   11.167  1.912   1.00 6.76  ? 36  ALA A O   1 
ATOM   260 C CB  . ALA A 1 36  ? -0.103  13.248  -0.409  1.00 6.12  ? 36  ALA A CB  1 
ATOM   261 N N   . VAL A 1 37  ? 1.717   10.663  0.094   1.00 5.99  ? 37  VAL A N   1 
ATOM   262 C CA  . VAL A 1 37  ? 2.825   10.044  0.854   1.00 4.55  ? 37  VAL A CA  1 
ATOM   263 C C   . VAL A 1 37  ? 4.103   10.797  0.473   1.00 4.05  ? 37  VAL A C   1 
ATOM   264 O O   . VAL A 1 37  ? 4.324   11.097  -0.727  1.00 3.78  ? 37  VAL A O   1 
ATOM   265 C CB  . VAL A 1 37  ? 2.786   8.530   0.627   1.00 2.80  ? 37  VAL A CB  1 
ATOM   266 C CG1 . VAL A 1 37  ? 2.629   8.167   -0.838  1.00 2.96  ? 37  VAL A CG1 1 
ATOM   267 C CG2 . VAL A 1 37  ? 4.041   7.831   1.165   1.00 2.92  ? 37  VAL A CG2 1 
ATOM   268 N N   . SER A 1 38  ? 4.873   11.154  1.476   1.00 3.39  ? 38  SER A N   1 
ATOM   269 C CA  . SER A 1 38  ? 6.124   11.915  1.231   1.00 4.71  ? 38  SER A CA  1 
ATOM   270 C C   . SER A 1 38  ? 7.185   11.006  0.617   1.00 4.20  ? 38  SER A C   1 
ATOM   271 O O   . SER A 1 38  ? 7.168   9.807   0.921   1.00 5.93  ? 38  SER A O   1 
ATOM   272 C CB  . SER A 1 38  ? 6.664   12.476  2.546   1.00 4.75  ? 38  SER A CB  1 
ATOM   273 O OG  . SER A 1 38  ? 6.378   11.576  3.610   1.00 6.46  ? 38  SER A OG  1 
ATOM   274 N N   . PRO A 1 39  ? 8.068   11.558  -0.178  1.00 3.33  ? 39  PRO A N   1 
ATOM   275 C CA  . PRO A 1 39  ? 9.162   10.767  -0.774  1.00 3.88  ? 39  PRO A CA  1 
ATOM   276 C C   . PRO A 1 39  ? 9.912   9.983   0.288   1.00 5.19  ? 39  PRO A C   1 
ATOM   277 O O   . PRO A 1 39  ? 10.131  8.764   0.132   1.00 4.93  ? 39  PRO A O   1 
ATOM   278 C CB  . PRO A 1 39  ? 9.985   11.827  -1.502  1.00 2.79  ? 39  PRO A CB  1 
ATOM   279 C CG  . PRO A 1 39  ? 8.833   12.713  -2.008  1.00 2.00  ? 39  PRO A CG  1 
ATOM   280 C CD  . PRO A 1 39  ? 8.123   12.951  -0.646  1.00 2.36  ? 39  PRO A CD  1 
ATOM   281 N N   . ALA A 1 40  ? 10.255  10.641  1.393   1.00 6.39  ? 40  ALA A N   1 
ATOM   282 C CA  . ALA A 1 40  ? 10.968  9.981   2.502   1.00 8.23  ? 40  ALA A CA  1 
ATOM   283 C C   . ALA A 1 40  ? 10.200  8.783   3.034   1.00 10.37 ? 40  ALA A C   1 
ATOM   284 O O   . ALA A 1 40  ? 10.812  7.719   3.252   1.00 11.81 ? 40  ALA A O   1 
ATOM   285 C CB  . ALA A 1 40  ? 11.284  10.984  3.588   1.00 8.18  ? 40  ALA A CB  1 
ATOM   286 N N   . ASN A 1 41  ? 8.909   8.928   3.271   1.00 11.58 ? 41  ASN A N   1 
ATOM   287 C CA  . ASN A 1 41  ? 7.972   7.933   3.774   1.00 11.41 ? 41  ASN A CA  1 
ATOM   288 C C   . ASN A 1 41  ? 7.800   6.763   2.802   1.00 12.07 ? 41  ASN A C   1 
ATOM   289 O O   . ASN A 1 41  ? 7.545   5.632   3.240   1.00 13.03 ? 41  ASN A O   1 
ATOM   290 C CB  . ASN A 1 41  ? 6.583   8.537   4.008   1.00 12.72 ? 41  ASN A CB  1 
ATOM   291 C CG  . ASN A 1 41  ? 6.288   9.167   5.334   1.00 13.57 ? 41  ASN A CG  1 
ATOM   292 O OD1 . ASN A 1 41  ? 7.144   9.276   6.223   1.00 13.04 ? 41  ASN A OD1 1 
ATOM   293 N ND2 . ASN A 1 41  ? 5.026   9.602   5.485   1.00 12.84 ? 41  ASN A ND2 1 
ATOM   294 N N   . GLY A 1 42  ? 7.848   7.041   1.530   1.00 12.58 ? 42  GLY A N   1 
ATOM   295 C CA  . GLY A 1 42  ? 7.692   6.026   0.477   1.00 13.86 ? 42  GLY A CA  1 
ATOM   296 C C   . GLY A 1 42  ? 8.981   5.226   0.248   1.00 13.51 ? 42  GLY A C   1 
ATOM   297 O O   . GLY A 1 42  ? 8.890   4.011   -0.036  1.00 13.85 ? 42  GLY A O   1 
ATOM   298 N N   . ALA A 1 43  ? 10.114  5.886   0.319   1.00 12.80 ? 43  ALA A N   1 
ATOM   299 C CA  . ALA A 1 43  ? 11.418  5.234   0.153   1.00 13.10 ? 43  ALA A CA  1 
ATOM   300 C C   . ALA A 1 43  ? 11.691  4.409   1.416   1.00 14.05 ? 43  ALA A C   1 
ATOM   301 O O   . ALA A 1 43  ? 12.548  3.493   1.423   1.00 15.36 ? 43  ALA A O   1 
ATOM   302 C CB  . ALA A 1 43  ? 12.533  6.234   -0.058  1.00 11.31 ? 43  ALA A CB  1 
ATOM   303 N N   . ALA A 1 44  ? 10.991  4.766   2.486   1.00 13.72 ? 44  ALA A N   1 
ATOM   304 C CA  . ALA A 1 44  ? 11.128  4.035   3.754   1.00 13.47 ? 44  ALA A CA  1 
ATOM   305 C C   . ALA A 1 44  ? 10.336  2.723   3.704   1.00 13.55 ? 44  ALA A C   1 
ATOM   306 O O   . ALA A 1 44  ? 10.662  1.768   4.422   1.00 15.09 ? 44  ALA A O   1 
ATOM   307 C CB  . ALA A 1 44  ? 10.672  4.882   4.927   1.00 12.28 ? 44  ALA A CB  1 
ATOM   308 N N   . LEU A 1 45  ? 9.280   2.695   2.929   1.00 13.41 ? 45  LEU A N   1 
ATOM   309 C CA  . LEU A 1 45  ? 8.413   1.546   2.738   1.00 13.07 ? 45  LEU A CA  1 
ATOM   310 C C   . LEU A 1 45  ? 9.109   0.616   1.723   1.00 13.91 ? 45  LEU A C   1 
ATOM   311 O O   . LEU A 1 45  ? 9.155   -0.589  1.923   1.00 14.31 ? 45  LEU A O   1 
ATOM   312 C CB  . LEU A 1 45  ? 6.989   1.943   2.326   1.00 8.81  ? 45  LEU A CB  1 
ATOM   313 C CG  . LEU A 1 45  ? 5.983   0.832   2.015   1.00 6.99  ? 45  LEU A CG  1 
ATOM   314 C CD1 . LEU A 1 45  ? 5.634   -0.033  3.232   1.00 3.72  ? 45  LEU A CD1 1 
ATOM   315 C CD2 . LEU A 1 45  ? 4.712   1.456   1.460   1.00 6.45  ? 45  LEU A CD2 1 
ATOM   316 N N   . ALA A 1 46  ? 9.583   1.213   0.660   1.00 15.61 ? 46  ALA A N   1 
ATOM   317 C CA  . ALA A 1 46  ? 10.246  0.554   -0.458  1.00 17.62 ? 46  ALA A CA  1 
ATOM   318 C C   . ALA A 1 46  ? 11.439  -0.269  0.003   1.00 19.63 ? 46  ALA A C   1 
ATOM   319 O O   . ALA A 1 46  ? 11.904  -1.158  -0.725  1.00 20.87 ? 46  ALA A O   1 
ATOM   320 C CB  . ALA A 1 46  ? 10.630  1.600   -1.500  1.00 15.65 ? 46  ALA A CB  1 
ATOM   321 N N   . ASN A 1 47  ? 11.902  0.032   1.200   1.00 21.15 ? 47  ASN A N   1 
ATOM   322 C CA  . ASN A 1 47  ? 13.060  -0.611  1.837   1.00 22.05 ? 47  ASN A CA  1 
ATOM   323 C C   . ASN A 1 47  ? 12.679  -1.648  2.875   1.00 21.43 ? 47  ASN A C   1 
ATOM   324 O O   . ASN A 1 47  ? 13.411  -2.647  2.991   1.00 21.96 ? 47  ASN A O   1 
ATOM   325 C CB  . ASN A 1 47  ? 14.021  0.462   2.360   1.00 26.53 ? 47  ASN A CB  1 
ATOM   326 C CG  . ASN A 1 47  ? 15.261  -0.143  2.984   1.00 28.93 ? 47  ASN A CG  1 
ATOM   327 O OD1 . ASN A 1 47  ? 16.198  -0.549  2.271   1.00 31.06 ? 47  ASN A OD1 1 
ATOM   328 N ND2 . ASN A 1 47  ? 15.272  -0.210  4.310   1.00 29.85 ? 47  ASN A ND2 1 
ATOM   329 N N   . ALA A 1 48  ? 11.598  -1.471  3.602   1.00 20.34 ? 48  ALA A N   1 
ATOM   330 C CA  . ALA A 1 48  ? 11.138  -2.436  4.602   1.00 19.75 ? 48  ALA A CA  1 
ATOM   331 C C   . ALA A 1 48  ? 10.933  -3.809  3.966   1.00 20.08 ? 48  ALA A C   1 
ATOM   332 O O   . ALA A 1 48  ? 10.734  -4.813  4.670   1.00 20.12 ? 48  ALA A O   1 
ATOM   333 C CB  . ALA A 1 48  ? 9.840   -1.968  5.248   1.00 19.36 ? 48  ALA A CB  1 
ATOM   334 N N   . PHE A 1 49  ? 10.950  -3.838  2.653   1.00 20.54 ? 49  PHE A N   1 
ATOM   335 C CA  . PHE A 1 49  ? 10.790  -5.051  1.853   1.00 20.77 ? 49  PHE A CA  1 
ATOM   336 C C   . PHE A 1 49  ? 12.112  -5.819  1.798   1.00 22.03 ? 49  PHE A C   1 
ATOM   337 O O   . PHE A 1 49  ? 12.056  -7.030  1.554   1.00 22.41 ? 49  PHE A O   1 
ATOM   338 C CB  . PHE A 1 49  ? 10.218  -4.820  0.452   1.00 19.00 ? 49  PHE A CB  1 
ATOM   339 C CG  . PHE A 1 49  ? 8.746   -4.561  0.395   1.00 17.39 ? 49  PHE A CG  1 
ATOM   340 C CD1 . PHE A 1 49  ? 7.843   -5.589  0.631   1.00 17.03 ? 49  PHE A CD1 1 
ATOM   341 C CD2 . PHE A 1 49  ? 8.257   -3.282  0.124   1.00 17.01 ? 49  PHE A CD2 1 
ATOM   342 C CE1 . PHE A 1 49  ? 6.472   -5.364  0.614   1.00 17.10 ? 49  PHE A CE1 1 
ATOM   343 C CE2 . PHE A 1 49  ? 6.887   -3.027  0.114   1.00 16.94 ? 49  PHE A CE2 1 
ATOM   344 C CZ  . PHE A 1 49  ? 5.990   -4.079  0.354   1.00 16.77 ? 49  PHE A CZ  1 
ATOM   345 N N   . LYS A 1 50  ? 13.218  -5.140  2.011   1.00 23.85 ? 50  LYS A N   1 
ATOM   346 C CA  . LYS A 1 50  ? 14.572  -5.733  1.986   1.00 25.71 ? 50  LYS A CA  1 
ATOM   347 C C   . LYS A 1 50  ? 14.933  -6.292  3.375   1.00 26.61 ? 50  LYS A C   1 
ATOM   348 O O   . LYS A 1 50  ? 15.793  -7.181  3.510   1.00 26.99 ? 50  LYS A O   1 
ATOM   349 C CB  . LYS A 1 50  ? 15.678  -4.784  1.593   1.00 26.50 ? 50  LYS A CB  1 
ATOM   350 C CG  . LYS A 1 50  ? 15.648  -4.245  0.174   1.00 29.98 ? 50  LYS A CG  1 
ATOM   351 C CD  . LYS A 1 50  ? 16.948  -3.487  -0.138  1.00 32.81 ? 50  LYS A CD  1 
ATOM   352 C CE  . LYS A 1 50  ? 18.075  -4.446  -0.504  1.00 34.54 ? 50  LYS A CE  1 
ATOM   353 N NZ  . LYS A 1 50  ? 19.391  -3.750  -0.432  1.00 35.58 ? 50  LYS A NZ  1 
ATOM   354 N N   . ASP A 1 51  ? 14.278  -5.688  4.352   1.00 26.91 ? 51  ASP A N   1 
ATOM   355 C CA  . ASP A 1 51  ? 14.386  -6.031  5.761   1.00 27.05 ? 51  ASP A CA  1 
ATOM   356 C C   . ASP A 1 51  ? 13.499  -5.052  6.547   1.00 26.94 ? 51  ASP A C   1 
ATOM   357 O O   . ASP A 1 51  ? 13.776  -3.854  6.567   1.00 26.88 ? 51  ASP A O   1 
ATOM   358 C CB  . ASP A 1 51  ? 15.801  -6.140  6.291   1.00 28.56 ? 51  ASP A CB  1 
ATOM   359 C CG  . ASP A 1 51  ? 16.471  -4.807  6.591   1.00 29.97 ? 51  ASP A CG  1 
ATOM   360 O OD1 . ASP A 1 51  ? 16.487  -3.935  5.697   1.00 29.96 ? 51  ASP A OD1 1 
ATOM   361 O OD2 . ASP A 1 51  ? 16.964  -4.689  7.736   1.00 28.44 ? 51  ASP A OD2 1 
ATOM   362 N N   . ALA A 1 52  ? 12.485  -5.646  7.128   1.00 27.19 ? 52  ALA A N   1 
ATOM   363 C CA  . ALA A 1 52  ? 11.497  -4.958  7.957   1.00 27.34 ? 52  ALA A CA  1 
ATOM   364 C C   . ALA A 1 52  ? 11.965  -4.953  9.406   1.00 27.48 ? 52  ALA A C   1 
ATOM   365 O O   . ALA A 1 52  ? 11.139  -4.879  10.342  1.00 27.79 ? 52  ALA A O   1 
ATOM   366 C CB  . ALA A 1 52  ? 10.121  -5.619  7.865   1.00 27.30 ? 52  ALA A CB  1 
ATOM   367 N N   . THR A 1 53  ? 13.282  -5.022  9.572   1.00 27.58 ? 53  THR A N   1 
ATOM   368 C CA  . THR A 1 53  ? 13.794  -5.020  10.968  1.00 28.12 ? 53  THR A CA  1 
ATOM   369 C C   . THR A 1 53  ? 13.169  -3.806  11.660  1.00 28.04 ? 53  THR A C   1 
ATOM   370 O O   . THR A 1 53  ? 12.439  -3.928  12.661  1.00 27.72 ? 53  THR A O   1 
ATOM   371 C CB  . THR A 1 53  ? 15.350  -5.093  11.044  1.00 29.19 ? 53  THR A CB  1 
ATOM   372 O OG1 . THR A 1 53  ? 15.796  -6.038  9.997   1.00 28.49 ? 53  THR A OG1 1 
ATOM   373 C CG2 . THR A 1 53  ? 15.891  -5.518  12.417  1.00 29.35 ? 53  THR A CG2 1 
ATOM   374 N N   . ALA A 1 54  ? 13.415  -2.672  11.040  1.00 27.98 ? 54  ALA A N   1 
ATOM   375 C CA  . ALA A 1 54  ? 12.990  -1.347  11.440  1.00 28.38 ? 54  ALA A CA  1 
ATOM   376 C C   . ALA A 1 54  ? 11.520  -1.096  11.648  1.00 28.48 ? 54  ALA A C   1 
ATOM   377 O O   . ALA A 1 54  ? 11.139  -0.552  12.723  1.00 28.75 ? 54  ALA A O   1 
ATOM   378 C CB  . ALA A 1 54  ? 13.600  -0.324  10.469  1.00 29.08 ? 54  ALA A CB  1 
ATOM   379 N N   . ILE A 1 55  ? 10.661  -1.420  10.707  1.00 28.16 ? 55  ILE A N   1 
ATOM   380 C CA  . ILE A 1 55  ? 9.217   -1.170  10.862  1.00 28.31 ? 55  ILE A CA  1 
ATOM   381 C C   . ILE A 1 55  ? 8.568   -2.132  11.841  1.00 28.67 ? 55  ILE A C   1 
ATOM   382 O O   . ILE A 1 55  ? 7.574   -1.829  12.524  1.00 27.50 ? 55  ILE A O   1 
ATOM   383 C CB  . ILE A 1 55  ? 8.547   -1.213  9.443   1.00 28.39 ? 55  ILE A CB  1 
ATOM   384 C CG1 . ILE A 1 55  ? 8.540   -2.674  8.929   1.00 27.99 ? 55  ILE A CG1 1 
ATOM   385 C CG2 . ILE A 1 55  ? 9.220   -0.243  8.450   1.00 28.30 ? 55  ILE A CG2 1 
ATOM   386 C CD1 . ILE A 1 55  ? 7.388   -2.948  7.914   1.00 28.29 ? 55  ILE A CD1 1 
ATOM   387 N N   . ARG A 1 56  ? 9.122   -3.325  11.871  1.00 30.47 ? 56  ARG A N   1 
ATOM   388 C CA  . ARG A 1 56  ? 8.662   -4.430  12.731  1.00 31.63 ? 56  ARG A CA  1 
ATOM   389 C C   . ARG A 1 56  ? 8.710   -3.958  14.180  1.00 31.81 ? 56  ARG A C   1 
ATOM   390 O O   . ARG A 1 56  ? 7.837   -4.330  14.974  1.00 32.30 ? 56  ARG A O   1 
ATOM   391 C CB  . ARG A 1 56  ? 9.523   -5.674  12.543  1.00 34.54 ? 56  ARG A CB  1 
ATOM   392 C CG  . ARG A 1 56  ? 8.816   -7.023  12.584  1.00 37.68 ? 56  ARG A CG  1 
ATOM   393 C CD  . ARG A 1 56  ? 8.134   -7.341  11.295  1.00 39.56 ? 56  ARG A CD  1 
ATOM   394 N NE  . ARG A 1 56  ? 7.121   -8.378  11.389  1.00 40.31 ? 56  ARG A NE  1 
ATOM   395 C CZ  . ARG A 1 56  ? 5.993   -8.308  12.100  1.00 40.32 ? 56  ARG A CZ  1 
ATOM   396 N NH1 . ARG A 1 56  ? 5.648   -7.248  12.841  1.00 39.81 ? 56  ARG A NH1 1 
ATOM   397 N NH2 . ARG A 1 56  ? 5.167   -9.363  12.060  1.00 39.89 ? 56  ARG A NH2 1 
ATOM   398 N N   . SER A 1 57  ? 9.698   -3.124  14.485  1.00 31.88 ? 57  SER A N   1 
ATOM   399 C CA  . SER A 1 57  ? 9.895   -2.602  15.834  1.00 31.87 ? 57  SER A CA  1 
ATOM   400 C C   . SER A 1 57  ? 9.344   -1.218  16.104  1.00 31.19 ? 57  SER A C   1 
ATOM   401 O O   . SER A 1 57  ? 8.781   -0.993  17.204  1.00 31.63 ? 57  SER A O   1 
ATOM   402 C CB  . SER A 1 57  ? 11.374  -2.668  16.232  1.00 32.99 ? 57  SER A CB  1 
ATOM   403 O OG  . SER A 1 57  ? 12.059  -1.481  15.897  1.00 34.02 ? 57  SER A OG  1 
ATOM   404 N N   . ASN A 1 58  ? 9.513   -0.302  15.163  1.00 30.10 ? 58  ASN A N   1 
ATOM   405 C CA  . ASN A 1 58  ? 9.016   1.076   15.338  1.00 28.96 ? 58  ASN A CA  1 
ATOM   406 C C   . ASN A 1 58  ? 7.611   1.229   14.736  1.00 27.50 ? 58  ASN A C   1 
ATOM   407 O O   . ASN A 1 58  ? 6.746   1.953   15.280  1.00 28.03 ? 58  ASN A O   1 
ATOM   408 C CB  . ASN A 1 58  ? 10.020  2.109   14.839  1.00 30.23 ? 58  ASN A CB  1 
ATOM   409 C CG  . ASN A 1 58  ? 11.391  2.152   15.476  1.00 31.19 ? 58  ASN A CG  1 
ATOM   410 O OD1 . ASN A 1 58  ? 11.632  2.719   16.563  1.00 31.63 ? 58  ASN A OD1 1 
ATOM   411 N ND2 . ASN A 1 58  ? 12.388  1.580   14.787  1.00 31.31 ? 58  ASN A ND2 1 
ATOM   412 N N   . GLY A 1 59  ? 7.390   0.547   13.632  1.00 25.52 ? 59  GLY A N   1 
ATOM   413 C CA  . GLY A 1 59  ? 6.091   0.617   12.912  1.00 22.36 ? 59  GLY A CA  1 
ATOM   414 C C   . GLY A 1 59  ? 6.488   1.463   11.684  1.00 21.20 ? 59  GLY A C   1 
ATOM   415 O O   . GLY A 1 59  ? 7.714   1.603   11.480  1.00 21.09 ? 59  GLY A O   1 
ATOM   416 N N   . PHE A 1 60  ? 5.504   1.972   10.993  1.00 19.66 ? 60  PHE A N   1 
ATOM   417 C CA  . PHE A 1 60  ? 5.762   2.792   9.785   1.00 17.40 ? 60  PHE A CA  1 
ATOM   418 C C   . PHE A 1 60  ? 4.663   3.849   9.634   1.00 16.85 ? 60  PHE A C   1 
ATOM   419 O O   . PHE A 1 60  ? 3.536   3.659   10.119  1.00 17.41 ? 60  PHE A O   1 
ATOM   420 C CB  . PHE A 1 60  ? 5.903   1.926   8.555   1.00 16.51 ? 60  PHE A CB  1 
ATOM   421 C CG  . PHE A 1 60  ? 4.721   1.259   7.933   1.00 14.15 ? 60  PHE A CG  1 
ATOM   422 C CD1 . PHE A 1 60  ? 4.331   -0.013  8.349   1.00 14.05 ? 60  PHE A CD1 1 
ATOM   423 C CD2 . PHE A 1 60  ? 4.026   1.868   6.898   1.00 14.14 ? 60  PHE A CD2 1 
ATOM   424 C CE1 . PHE A 1 60  ? 3.260   -0.664  7.759   1.00 15.30 ? 60  PHE A CE1 1 
ATOM   425 C CE2 . PHE A 1 60  ? 2.934   1.254   6.264   1.00 14.76 ? 60  PHE A CE2 1 
ATOM   426 C CZ  . PHE A 1 60  ? 2.547   -0.029  6.708   1.00 15.29 ? 60  PHE A CZ  1 
ATOM   427 N N   . GLU A 1 61  ? 5.022   4.934   8.960   1.00 15.56 ? 61  GLU A N   1 
ATOM   428 C CA  . GLU A 1 61  ? 4.087   6.018   8.716   1.00 15.23 ? 61  GLU A CA  1 
ATOM   429 C C   . GLU A 1 61  ? 3.720   6.140   7.235   1.00 13.69 ? 61  GLU A C   1 
ATOM   430 O O   . GLU A 1 61  ? 4.507   5.881   6.329   1.00 13.14 ? 61  GLU A O   1 
ATOM   431 C CB  . GLU A 1 61  ? 4.581   7.396   9.124   1.00 17.28 ? 61  GLU A CB  1 
ATOM   432 C CG  . GLU A 1 61  ? 4.871   7.636   10.590  1.00 21.43 ? 61  GLU A CG  1 
ATOM   433 C CD  . GLU A 1 61  ? 5.609   8.914   10.894  1.00 23.72 ? 61  GLU A CD  1 
ATOM   434 O OE1 . GLU A 1 61  ? 5.341   9.812   10.053  1.00 23.71 ? 61  GLU A OE1 1 
ATOM   435 O OE2 . GLU A 1 61  ? 6.379   9.002   11.841  1.00 25.37 ? 61  GLU A OE2 1 
ATOM   436 N N   . LEU A 1 62  ? 2.498   6.567   7.053   1.00 12.65 ? 62  LEU A N   1 
ATOM   437 C CA  . LEU A 1 62  ? 1.946   6.812   5.725   1.00 13.28 ? 62  LEU A CA  1 
ATOM   438 C C   . LEU A 1 62  ? 0.946   7.961   5.911   1.00 13.96 ? 62  LEU A C   1 
ATOM   439 O O   . LEU A 1 62  ? -0.018  7.861   6.683   1.00 14.09 ? 62  LEU A O   1 
ATOM   440 C CB  . LEU A 1 62  ? 1.402   5.562   5.091   1.00 13.50 ? 62  LEU A CB  1 
ATOM   441 C CG  . LEU A 1 62  ? 2.154   4.826   4.010   1.00 12.97 ? 62  LEU A CG  1 
ATOM   442 C CD1 . LEU A 1 62  ? 3.563   4.472   4.394   1.00 14.09 ? 62  LEU A CD1 1 
ATOM   443 C CD2 . LEU A 1 62  ? 1.391   3.525   3.734   1.00 13.37 ? 62  LEU A CD2 1 
ATOM   444 N N   . ALA A 1 63  ? 1.234   9.014   5.176   1.00 14.46 ? 63  ALA A N   1 
ATOM   445 C CA  . ALA A 1 63  ? 0.383   10.215  5.195   1.00 15.36 ? 63  ALA A CA  1 
ATOM   446 C C   . ALA A 1 63  ? 0.035   10.657  6.603   1.00 15.68 ? 63  ALA A C   1 
ATOM   447 O O   . ALA A 1 63  ? -1.119  11.005  6.885   1.00 16.02 ? 63  ALA A O   1 
ATOM   448 C CB  . ALA A 1 63  ? -0.855  10.003  4.337   1.00 13.28 ? 63  ALA A CB  1 
ATOM   449 N N   . GLY A 1 64  ? 1.015   10.670  7.499   1.00 16.65 ? 64  GLY A N   1 
ATOM   450 C CA  . GLY A 1 64  ? 0.784   11.124  8.872   1.00 16.57 ? 64  GLY A CA  1 
ATOM   451 C C   . GLY A 1 64  ? 0.311   10.092  9.845   1.00 16.57 ? 64  GLY A C   1 
ATOM   452 O O   . GLY A 1 64  ? 0.377   10.342  11.083  1.00 17.64 ? 64  GLY A O   1 
ATOM   453 N N   . THR A 1 65  ? -0.152  8.948   9.382   1.00 16.46 ? 65  THR A N   1 
ATOM   454 C CA  . THR A 1 65  ? -0.604  7.886   10.304  1.00 15.57 ? 65  THR A CA  1 
ATOM   455 C C   . THR A 1 65  ? 0.504   6.875   10.566  1.00 14.83 ? 65  THR A C   1 
ATOM   456 O O   . THR A 1 65  ? 1.207   6.410   9.678   1.00 14.19 ? 65  THR A O   1 
ATOM   457 C CB  . THR A 1 65  ? -1.930  7.166   9.882   1.00 14.37 ? 65  THR A CB  1 
ATOM   458 O OG1 . THR A 1 65  ? -2.923  8.214   9.616   1.00 16.15 ? 65  THR A OG1 1 
ATOM   459 C CG2 . THR A 1 65  ? -2.453  6.245   10.990  1.00 14.50 ? 65  THR A CG2 1 
ATOM   460 N N   . ARG A 1 66  ? 0.626   6.566   11.846  1.00 15.79 ? 66  ARG A N   1 
ATOM   461 C CA  . ARG A 1 66  ? 1.602   5.587   12.340  1.00 16.96 ? 66  ARG A CA  1 
ATOM   462 C C   . ARG A 1 66  ? 0.839   4.247   12.405  1.00 16.70 ? 66  ARG A C   1 
ATOM   463 O O   . ARG A 1 66  ? -0.145  4.096   13.148  1.00 16.36 ? 66  ARG A O   1 
ATOM   464 C CB  . ARG A 1 66  ? 2.176   5.921   13.699  1.00 19.49 ? 66  ARG A CB  1 
ATOM   465 C CG  . ARG A 1 66  ? 3.462   5.246   14.112  1.00 21.54 ? 66  ARG A CG  1 
ATOM   466 C CD  . ARG A 1 66  ? 4.648   5.810   13.367  1.00 24.12 ? 66  ARG A CD  1 
ATOM   467 N NE  . ARG A 1 66  ? 5.861   5.347   14.004  1.00 27.52 ? 66  ARG A NE  1 
ATOM   468 C CZ  . ARG A 1 66  ? 7.108   5.276   13.593  1.00 28.94 ? 66  ARG A CZ  1 
ATOM   469 N NH1 . ARG A 1 66  ? 7.569   5.705   12.415  1.00 29.88 ? 66  ARG A NH1 1 
ATOM   470 N NH2 . ARG A 1 66  ? 7.987   4.646   14.395  1.00 30.31 ? 66  ARG A NH2 1 
ATOM   471 N N   . TYR A 1 67  ? 1.320   3.344   11.579  1.00 16.53 ? 67  TYR A N   1 
ATOM   472 C CA  . TYR A 1 67  ? 0.717   2.003   11.507  1.00 15.92 ? 67  TYR A CA  1 
ATOM   473 C C   . TYR A 1 67  ? 1.588   1.006   12.249  1.00 15.45 ? 67  TYR A C   1 
ATOM   474 O O   . TYR A 1 67  ? 2.794   1.222   12.486  1.00 14.87 ? 67  TYR A O   1 
ATOM   475 C CB  . TYR A 1 67  ? 0.506   1.610   10.047  1.00 16.42 ? 67  TYR A CB  1 
ATOM   476 C CG  . TYR A 1 67  ? -0.599  2.415   9.372   1.00 17.87 ? 67  TYR A CG  1 
ATOM   477 C CD1 . TYR A 1 67  ? -1.942  2.042   9.575   1.00 18.21 ? 67  TYR A CD1 1 
ATOM   478 C CD2 . TYR A 1 67  ? -0.327  3.485   8.532   1.00 15.54 ? 67  TYR A CD2 1 
ATOM   479 C CE1 . TYR A 1 67  ? -2.972  2.731   8.946   1.00 18.52 ? 67  TYR A CE1 1 
ATOM   480 C CE2 . TYR A 1 67  ? -1.350  4.178   7.910   1.00 15.90 ? 67  TYR A CE2 1 
ATOM   481 C CZ  . TYR A 1 67  ? -2.671  3.815   8.117   1.00 17.34 ? 67  TYR A CZ  1 
ATOM   482 O OH  . TYR A 1 67  ? -3.670  4.506   7.488   1.00 17.33 ? 67  TYR A OH  1 
ATOM   483 N N   . VAL A 1 68  ? 0.927   -0.093  12.606  1.00 15.22 ? 68  VAL A N   1 
ATOM   484 C CA  . VAL A 1 68  ? 1.674   -1.166  13.308  1.00 14.77 ? 68  VAL A CA  1 
ATOM   485 C C   . VAL A 1 68  ? 1.853   -2.374  12.403  1.00 13.56 ? 68  VAL A C   1 
ATOM   486 O O   . VAL A 1 68  ? 0.885   -2.821  11.799  1.00 13.09 ? 68  VAL A O   1 
ATOM   487 C CB  . VAL A 1 68  ? 1.049   -1.399  14.682  1.00 14.80 ? 68  VAL A CB  1 
ATOM   488 C CG1 . VAL A 1 68  ? 0.980   -2.861  15.073  1.00 14.77 ? 68  VAL A CG1 1 
ATOM   489 C CG2 . VAL A 1 68  ? 1.815   -0.589  15.738  1.00 15.61 ? 68  VAL A CG2 1 
ATOM   490 N N   . THR A 1 69  ? 3.095   -2.869  12.314  1.00 13.67 ? 69  THR A N   1 
ATOM   491 C CA  . THR A 1 69  ? 3.426   -4.036  11.485  1.00 13.45 ? 69  THR A CA  1 
ATOM   492 C C   . THR A 1 69  ? 2.756   -5.322  11.978  1.00 14.13 ? 69  THR A C   1 
ATOM   493 O O   . THR A 1 69  ? 2.961   -5.827  13.096  1.00 13.99 ? 69  THR A O   1 
ATOM   494 C CB  . THR A 1 69  ? 4.970   -4.247  11.282  1.00 11.32 ? 69  THR A CB  1 
ATOM   495 O OG1 . THR A 1 69  ? 5.587   -2.966  10.999  1.00 10.53 ? 69  THR A OG1 1 
ATOM   496 C CG2 . THR A 1 69  ? 5.325   -5.228  10.151  1.00 11.61 ? 69  THR A CG2 1 
ATOM   497 N N   . ILE A 1 70  ? 1.914   -5.874  11.115  1.00 14.50 ? 70  ILE A N   1 
ATOM   498 C CA  . ILE A 1 70  ? 1.210   -7.138  11.343  1.00 14.62 ? 70  ILE A CA  1 
ATOM   499 C C   . ILE A 1 70  ? 1.999   -8.248  10.559  1.00 13.99 ? 70  ILE A C   1 
ATOM   500 O O   . ILE A 1 70  ? 2.449   -9.243  11.109  1.00 14.51 ? 70  ILE A O   1 
ATOM   501 C CB  . ILE A 1 70  ? -0.196  -7.174  10.675  1.00 14.35 ? 70  ILE A CB  1 
ATOM   502 C CG1 . ILE A 1 70  ? -1.360  -6.624  11.493  1.00 15.04 ? 70  ILE A CG1 1 
ATOM   503 C CG2 . ILE A 1 70  ? -0.529  -8.618  10.163  1.00 14.81 ? 70  ILE A CG2 1 
ATOM   504 C CD1 . ILE A 1 70  ? -2.637  -6.587  10.533  1.00 13.53 ? 70  ILE A CD1 1 
ATOM   505 N N   . ARG A 1 71  ? 2.005   -8.000  9.264   1.00 12.59 ? 71  ARG A N   1 
ATOM   506 C CA  . ARG A 1 71  ? 2.605   -8.862  8.271   1.00 11.80 ? 71  ARG A CA  1 
ATOM   507 C C   . ARG A 1 71  ? 3.699   -8.020  7.616   1.00 11.70 ? 71  ARG A C   1 
ATOM   508 O O   . ARG A 1 71  ? 3.511   -6.817  7.631   1.00 11.83 ? 71  ARG A O   1 
ATOM   509 C CB  . ARG A 1 71  ? 1.690   -9.399  7.176   1.00 8.63  ? 71  ARG A CB  1 
ATOM   510 C CG  . ARG A 1 71  ? 2.444   -10.189 6.096   1.00 5.67  ? 71  ARG A CG  1 
ATOM   511 C CD  . ARG A 1 71  ? 1.627   -10.296 4.879   1.00 4.46  ? 71  ARG A CD  1 
ATOM   512 N NE  . ARG A 1 71  ? 0.871   -11.518 4.701   1.00 4.73  ? 71  ARG A NE  1 
ATOM   513 C CZ  . ARG A 1 71  ? 1.163   -12.375 3.710   1.00 3.21  ? 71  ARG A CZ  1 
ATOM   514 N NH1 . ARG A 1 71  ? 2.201   -12.161 2.901   1.00 4.25  ? 71  ARG A NH1 1 
ATOM   515 N NH2 . ARG A 1 71  ? 0.380   -13.401 3.458   1.00 2.34  ? 71  ARG A NH2 1 
ATOM   516 N N   . ALA A 1 72  ? 4.689   -8.729  7.123   1.00 12.42 ? 72  ALA A N   1 
ATOM   517 C CA  . ALA A 1 72  ? 5.846   -8.042  6.531   1.00 13.15 ? 72  ALA A CA  1 
ATOM   518 C C   . ALA A 1 72  ? 6.822   -9.029  5.929   1.00 13.92 ? 72  ALA A C   1 
ATOM   519 O O   . ALA A 1 72  ? 7.748   -9.489  6.610   1.00 14.17 ? 72  ALA A O   1 
ATOM   520 C CB  . ALA A 1 72  ? 6.503   -7.254  7.690   1.00 11.46 ? 72  ALA A CB  1 
ATOM   521 N N   . ASP A 1 73  ? 6.611   -9.370  4.671   1.00 14.74 ? 73  ASP A N   1 
ATOM   522 C CA  . ASP A 1 73  ? 7.514   -10.259 3.930   1.00 14.42 ? 73  ASP A CA  1 
ATOM   523 C C   . ASP A 1 73  ? 8.267   -9.374  2.907   1.00 14.01 ? 73  ASP A C   1 
ATOM   524 O O   . ASP A 1 73  ? 8.452   -8.179  3.177   1.00 13.60 ? 73  ASP A O   1 
ATOM   525 C CB  . ASP A 1 73  ? 6.901   -11.521 3.420   1.00 13.91 ? 73  ASP A CB  1 
ATOM   526 C CG  . ASP A 1 73  ? 5.402   -11.517 3.253   1.00 14.46 ? 73  ASP A CG  1 
ATOM   527 O OD1 . ASP A 1 73  ? 4.977   -11.080 2.157   1.00 14.55 ? 73  ASP A OD1 1 
ATOM   528 O OD2 . ASP A 1 73  ? 4.690   -11.984 4.163   1.00 14.13 ? 73  ASP A OD2 1 
ATOM   529 N N   . ASP A 1 74  ? 8.646   -9.986  1.815   1.00 14.01 ? 74  ASP A N   1 
ATOM   530 C CA  . ASP A 1 74  ? 9.410   -9.354  0.750   1.00 14.77 ? 74  ASP A CA  1 
ATOM   531 C C   . ASP A 1 74  ? 8.551   -9.033  -0.457  1.00 14.34 ? 74  ASP A C   1 
ATOM   532 O O   . ASP A 1 74  ? 9.040   -8.727  -1.571  1.00 14.47 ? 74  ASP A O   1 
ATOM   533 C CB  . ASP A 1 74  ? 10.648  -10.190 0.406   1.00 18.48 ? 74  ASP A CB  1 
ATOM   534 C CG  . ASP A 1 74  ? 10.314  -11.476 -0.318  1.00 20.72 ? 74  ASP A CG  1 
ATOM   535 O OD1 . ASP A 1 74  ? 9.525   -12.314 0.163   1.00 23.00 ? 74  ASP A OD1 1 
ATOM   536 O OD2 . ASP A 1 74  ? 10.884  -11.617 -1.429  1.00 22.06 ? 74  ASP A OD2 1 
ATOM   537 N N   . ARG A 1 75  ? 7.267   -9.071  -0.185  1.00 13.53 ? 75  ARG A N   1 
ATOM   538 C CA  . ARG A 1 75  ? 6.261   -8.761  -1.205  1.00 12.08 ? 75  ARG A CA  1 
ATOM   539 C C   . ARG A 1 75  ? 5.064   -8.064  -0.592  1.00 12.38 ? 75  ARG A C   1 
ATOM   540 O O   . ARG A 1 75  ? 4.365   -7.288  -1.261  1.00 13.11 ? 75  ARG A O   1 
ATOM   541 C CB  . ARG A 1 75  ? 5.827   -10.026 -1.944  1.00 9.64  ? 75  ARG A CB  1 
ATOM   542 C CG  . ARG A 1 75  ? 4.339   -10.040 -2.216  1.00 8.69  ? 75  ARG A CG  1 
ATOM   543 C CD  . ARG A 1 75  ? 3.978   -10.444 -3.615  1.00 8.63  ? 75  ARG A CD  1 
ATOM   544 N NE  . ARG A 1 75  ? 2.565   -10.681 -3.685  1.00 8.70  ? 75  ARG A NE  1 
ATOM   545 C CZ  . ARG A 1 75  ? 1.688   -10.999 -4.597  1.00 7.63  ? 75  ARG A CZ  1 
ATOM   546 N NH1 . ARG A 1 75  ? 1.980   -11.222 -5.873  1.00 6.46  ? 75  ARG A NH1 1 
ATOM   547 N NH2 . ARG A 1 75  ? 0.414   -11.021 -4.184  1.00 6.32  ? 75  ARG A NH2 1 
ATOM   548 N N   . SER A 1 76  ? 4.819   -8.350  0.679   1.00 12.21 ? 76  SER A N   1 
ATOM   549 C CA  . SER A 1 76  ? 3.676   -7.785  1.394   1.00 10.46 ? 76  SER A CA  1 
ATOM   550 C C   . SER A 1 76  ? 4.012   -7.308  2.790   1.00 9.61  ? 76  SER A C   1 
ATOM   551 O O   . SER A 1 76  ? 4.536   -8.081  3.596   1.00 10.31 ? 76  SER A O   1 
ATOM   552 C CB  . SER A 1 76  ? 2.580   -8.866  1.490   1.00 9.78  ? 76  SER A CB  1 
ATOM   553 O OG  . SER A 1 76  ? 1.902   -8.998  0.238   1.00 9.52  ? 76  SER A OG  1 
ATOM   554 N N   . VAL A 1 77  ? 3.675   -6.068  3.057   1.00 8.82  ? 77  VAL A N   1 
ATOM   555 C CA  . VAL A 1 77  ? 3.816   -5.399  4.341   1.00 8.65  ? 77  VAL A CA  1 
ATOM   556 C C   . VAL A 1 77  ? 2.374   -4.894  4.650   1.00 9.39  ? 77  VAL A C   1 
ATOM   557 O O   . VAL A 1 77  ? 1.790   -4.134  3.850   1.00 9.65  ? 77  VAL A O   1 
ATOM   558 C CB  . VAL A 1 77  ? 4.836   -4.291  4.481   1.00 8.20  ? 77  VAL A CB  1 
ATOM   559 C CG1 . VAL A 1 77  ? 5.078   -3.964  5.963   1.00 10.21 ? 77  VAL A CG1 1 
ATOM   560 C CG2 . VAL A 1 77  ? 6.201   -4.488  3.851   1.00 8.54  ? 77  VAL A CG2 1 
ATOM   561 N N   . TYR A 1 78  ? 1.870   -5.379  5.774   1.00 8.73  ? 78  TYR A N   1 
ATOM   562 C CA  . TYR A 1 78  ? 0.547   -5.028  6.260   1.00 8.07  ? 78  TYR A CA  1 
ATOM   563 C C   . TYR A 1 78  ? 0.700   -4.306  7.601   1.00 9.24  ? 78  TYR A C   1 
ATOM   564 O O   . TYR A 1 78  ? 1.607   -4.635  8.374   1.00 10.16 ? 78  TYR A O   1 
ATOM   565 C CB  . TYR A 1 78  ? -0.412  -6.206  6.422   1.00 4.26  ? 78  TYR A CB  1 
ATOM   566 C CG  . TYR A 1 78  ? -0.723  -7.005  5.200   1.00 2.49  ? 78  TYR A CG  1 
ATOM   567 C CD1 . TYR A 1 78  ? -0.256  -6.646  3.941   1.00 2.61  ? 78  TYR A CD1 1 
ATOM   568 C CD2 . TYR A 1 78  ? -1.597  -8.085  5.270   1.00 3.11  ? 78  TYR A CD2 1 
ATOM   569 C CE1 . TYR A 1 78  ? -0.584  -7.370  2.802   1.00 3.41  ? 78  TYR A CE1 1 
ATOM   570 C CE2 . TYR A 1 78  ? -1.967  -8.805  4.144   1.00 3.78  ? 78  TYR A CE2 1 
ATOM   571 C CZ  . TYR A 1 78  ? -1.458  -8.443  2.906   1.00 4.89  ? 78  TYR A CZ  1 
ATOM   572 O OH  . TYR A 1 78  ? -1.853  -9.175  1.810   1.00 6.93  ? 78  TYR A OH  1 
ATOM   573 N N   . GLY A 1 79  ? -0.198  -3.371  7.842   1.00 10.22 ? 79  GLY A N   1 
ATOM   574 C CA  . GLY A 1 79  ? -0.176  -2.617  9.105   1.00 11.20 ? 79  GLY A CA  1 
ATOM   575 C C   . GLY A 1 79  ? -1.618  -2.360  9.550   1.00 12.03 ? 79  GLY A C   1 
ATOM   576 O O   . GLY A 1 79  ? -2.571  -2.530  8.777   1.00 12.22 ? 79  GLY A O   1 
ATOM   577 N N   . LYS A 1 80  ? -1.731  -1.965  10.815  1.00 13.18 ? 80  LYS A N   1 
ATOM   578 C CA  . LYS A 1 80  ? -3.059  -1.652  11.349  1.00 14.96 ? 80  LYS A CA  1 
ATOM   579 C C   . LYS A 1 80  ? -2.947  -0.568  12.418  1.00 15.50 ? 80  LYS A C   1 
ATOM   580 O O   . LYS A 1 80  ? -1.887  -0.354  13.016  1.00 14.75 ? 80  LYS A O   1 
ATOM   581 C CB  . LYS A 1 80  ? -3.824  -2.854  11.853  1.00 16.29 ? 80  LYS A CB  1 
ATOM   582 C CG  . LYS A 1 80  ? -3.406  -3.309  13.232  1.00 17.86 ? 80  LYS A CG  1 
ATOM   583 C CD  . LYS A 1 80  ? -4.598  -3.853  14.000  1.00 19.82 ? 80  LYS A CD  1 
ATOM   584 C CE  . LYS A 1 80  ? -4.172  -4.332  15.382  1.00 20.25 ? 80  LYS A CE  1 
ATOM   585 N NZ  . LYS A 1 80  ? -5.383  -4.410  16.252  1.00 23.33 ? 80  LYS A NZ  1 
ATOM   586 N N   . LYS A 1 81  ? -4.083  0.101   12.563  1.00 16.28 ? 81  LYS A N   1 
ATOM   587 C CA  . LYS A 1 81  ? -4.305  1.206   13.501  1.00 16.54 ? 81  LYS A CA  1 
ATOM   588 C C   . LYS A 1 81  ? -5.730  1.030   14.050  1.00 16.52 ? 81  LYS A C   1 
ATOM   589 O O   . LYS A 1 81  ? -6.666  1.524   13.417  1.00 16.44 ? 81  LYS A O   1 
ATOM   590 C CB  . LYS A 1 81  ? -4.262  2.554   12.796  1.00 17.52 ? 81  LYS A CB  1 
ATOM   591 C CG  . LYS A 1 81  ? -3.328  3.594   13.344  1.00 18.99 ? 81  LYS A CG  1 
ATOM   592 C CD  . LYS A 1 81  ? -3.843  4.484   14.442  1.00 19.23 ? 81  LYS A CD  1 
ATOM   593 C CE  . LYS A 1 81  ? -2.691  5.222   15.114  1.00 20.70 ? 81  LYS A CE  1 
ATOM   594 N NZ  . LYS A 1 81  ? -1.716  4.234   15.693  1.00 22.34 ? 81  LYS A NZ  1 
ATOM   595 N N   . GLY A 1 82  ? -5.826  0.339   15.167  1.00 17.00 ? 82  GLY A N   1 
ATOM   596 C CA  . GLY A 1 82  ? -7.171  0.075   15.765  1.00 17.84 ? 82  GLY A CA  1 
ATOM   597 C C   . GLY A 1 82  ? -7.856  -0.889  14.786  1.00 18.12 ? 82  GLY A C   1 
ATOM   598 O O   . GLY A 1 82  ? -7.257  -1.919  14.443  1.00 18.98 ? 82  GLY A O   1 
ATOM   599 N N   . SER A 1 83  ? -9.009  -0.516  14.304  1.00 18.84 ? 83  SER A N   1 
ATOM   600 C CA  . SER A 1 83  ? -9.785  -1.319  13.343  1.00 19.32 ? 83  SER A CA  1 
ATOM   601 C C   . SER A 1 83  ? -9.677  -0.848  11.908  1.00 19.24 ? 83  SER A C   1 
ATOM   602 O O   . SER A 1 83  ? -10.529 -1.196  11.056  1.00 20.43 ? 83  SER A O   1 
ATOM   603 C CB  . SER A 1 83  ? -11.239 -1.365  13.821  1.00 19.98 ? 83  SER A CB  1 
ATOM   604 O OG  . SER A 1 83  ? -11.550 -0.087  14.395  1.00 22.29 ? 83  SER A OG  1 
ATOM   605 N N   . ALA A 1 84  ? -8.634  -0.105  11.579  1.00 18.44 ? 84  ALA A N   1 
ATOM   606 C CA  . ALA A 1 84  ? -8.368  0.389   10.203  1.00 16.51 ? 84  ALA A CA  1 
ATOM   607 C C   . ALA A 1 84  ? -6.893  0.096   9.921   1.00 14.92 ? 84  ALA A C   1 
ATOM   608 O O   . ALA A 1 84  ? -6.148  -0.232  10.879  1.00 15.15 ? 84  ALA A O   1 
ATOM   609 C CB  . ALA A 1 84  ? -8.666  1.868   10.082  1.00 16.73 ? 84  ALA A CB  1 
ATOM   610 N N   . GLY A 1 85  ? -6.471  0.219   8.679   1.00 13.32 ? 85  GLY A N   1 
ATOM   611 C CA  . GLY A 1 85  ? -5.026  -0.084  8.409   1.00 11.43 ? 85  GLY A CA  1 
ATOM   612 C C   . GLY A 1 85  ? -4.738  0.036   6.927   1.00 9.69  ? 85  GLY A C   1 
ATOM   613 O O   . GLY A 1 85  ? -5.613  0.515   6.193   1.00 9.24  ? 85  GLY A O   1 
ATOM   614 N N   . VAL A 1 86  ? -3.559  -0.435  6.540   1.00 8.69  ? 86  VAL A N   1 
ATOM   615 C CA  . VAL A 1 86  ? -3.117  -0.357  5.139   1.00 7.84  ? 86  VAL A CA  1 
ATOM   616 C C   . VAL A 1 86  ? -2.461  -1.646  4.642   1.00 8.71  ? 86  VAL A C   1 
ATOM   617 O O   . VAL A 1 86  ? -1.721  -2.331  5.362   1.00 8.64  ? 86  VAL A O   1 
ATOM   618 C CB  . VAL A 1 86  ? -2.179  0.888   5.069   1.00 5.63  ? 86  VAL A CB  1 
ATOM   619 C CG1 . VAL A 1 86  ? -0.783  0.604   5.593   1.00 2.61  ? 86  VAL A CG1 1 
ATOM   620 C CG2 . VAL A 1 86  ? -2.141  1.559   3.709   1.00 4.39  ? 86  VAL A CG2 1 
ATOM   621 N N   . ILE A 1 87  ? -2.719  -1.927  3.362   1.00 7.98  ? 87  ILE A N   1 
ATOM   622 C CA  . ILE A 1 87  ? -2.182  -3.087  2.657   1.00 7.61  ? 87  ILE A CA  1 
ATOM   623 C C   . ILE A 1 87  ? -1.147  -2.553  1.659   1.00 8.40  ? 87  ILE A C   1 
ATOM   624 O O   . ILE A 1 87  ? -1.565  -1.677  0.875   1.00 9.16  ? 87  ILE A O   1 
ATOM   625 C CB  . ILE A 1 87  ? -3.280  -3.906  1.893   1.00 5.90  ? 87  ILE A CB  1 
ATOM   626 C CG1 . ILE A 1 87  ? -4.460  -4.287  2.795   1.00 6.10  ? 87  ILE A CG1 1 
ATOM   627 C CG2 . ILE A 1 87  ? -2.698  -5.165  1.199   1.00 4.54  ? 87  ILE A CG2 1 
ATOM   628 C CD1 . ILE A 1 87  ? -4.115  -4.910  4.177   1.00 6.01  ? 87  ILE A CD1 1 
ATOM   629 N N   . THR A 1 88  ? 0.082   -3.014  1.707   1.00 8.16  ? 88  THR A N   1 
ATOM   630 C CA  . THR A 1 88  ? 1.084   -2.508  0.729   1.00 8.29  ? 88  THR A CA  1 
ATOM   631 C C   . THR A 1 88  ? 1.670   -3.742  0.019   1.00 8.07  ? 88  THR A C   1 
ATOM   632 O O   . THR A 1 88  ? 2.116   -4.626  0.751   1.00 8.57  ? 88  THR A O   1 
ATOM   633 C CB  . THR A 1 88  ? 2.244   -1.736  1.460   1.00 8.48  ? 88  THR A CB  1 
ATOM   634 O OG1 . THR A 1 88  ? 3.074   -2.799  2.053   1.00 8.36  ? 88  THR A OG1 1 
ATOM   635 C CG2 . THR A 1 88  ? 1.785   -0.737  2.522   1.00 7.45  ? 88  THR A CG2 1 
ATOM   636 N N   . VAL A 1 89  ? 1.692   -3.767  -1.288  1.00 7.54  ? 89  VAL A N   1 
ATOM   637 C CA  . VAL A 1 89  ? 2.199   -4.858  -2.098  1.00 5.77  ? 89  VAL A CA  1 
ATOM   638 C C   . VAL A 1 89  ? 3.176   -4.440  -3.179  1.00 7.10  ? 89  VAL A C   1 
ATOM   639 O O   . VAL A 1 89  ? 2.880   -3.663  -4.095  1.00 7.14  ? 89  VAL A O   1 
ATOM   640 C CB  . VAL A 1 89  ? 0.986   -5.607  -2.696  1.00 3.98  ? 89  VAL A CB  1 
ATOM   641 C CG1 . VAL A 1 89  ? 1.365   -6.723  -3.642  1.00 2.60  ? 89  VAL A CG1 1 
ATOM   642 C CG2 . VAL A 1 89  ? 0.058   -6.073  -1.583  1.00 2.38  ? 89  VAL A CG2 1 
ATOM   643 N N   . LYS A 1 90  ? 4.359   -5.046  -3.113  1.00 8.44  ? 90  LYS A N   1 
ATOM   644 C CA  . LYS A 1 90  ? 5.437   -4.818  -4.067  1.00 9.76  ? 90  LYS A CA  1 
ATOM   645 C C   . LYS A 1 90  ? 5.286   -5.605  -5.363  1.00 11.15 ? 90  LYS A C   1 
ATOM   646 O O   . LYS A 1 90  ? 5.038   -6.826  -5.372  1.00 11.10 ? 90  LYS A O   1 
ATOM   647 C CB  . LYS A 1 90  ? 6.777   -5.161  -3.449  1.00 9.88  ? 90  LYS A CB  1 
ATOM   648 C CG  . LYS A 1 90  ? 7.928   -5.189  -4.487  1.00 10.97 ? 90  LYS A CG  1 
ATOM   649 C CD  . LYS A 1 90  ? 9.225   -5.359  -3.712  1.00 9.66  ? 90  LYS A CD  1 
ATOM   650 C CE  . LYS A 1 90  ? 10.440  -4.846  -4.406  1.00 9.67  ? 90  LYS A CE  1 
ATOM   651 N NZ  . LYS A 1 90  ? 11.531  -4.642  -3.391  1.00 11.78 ? 90  LYS A NZ  1 
ATOM   652 N N   . THR A 1 91  ? 5.469   -4.864  -6.457  1.00 11.95 ? 91  THR A N   1 
ATOM   653 C CA  . THR A 1 91  ? 5.386   -5.450  -7.810  1.00 13.53 ? 91  THR A CA  1 
ATOM   654 C C   . THR A 1 91  ? 6.793   -5.406  -8.379  1.00 15.21 ? 91  THR A C   1 
ATOM   655 O O   . THR A 1 91  ? 7.740   -5.089  -7.603  1.00 15.81 ? 91  THR A O   1 
ATOM   656 C CB  . THR A 1 91  ? 4.260   -4.841  -8.713  1.00 11.91 ? 91  THR A CB  1 
ATOM   657 O OG1 . THR A 1 91  ? 4.623   -3.467  -9.033  1.00 14.14 ? 91  THR A OG1 1 
ATOM   658 C CG2 . THR A 1 91  ? 2.863   -4.868  -8.082  1.00 11.70 ? 91  THR A CG2 1 
ATOM   659 N N   . SER A 1 92  ? 6.970   -5.723  -9.655  1.00 16.33 ? 92  SER A N   1 
ATOM   660 C CA  . SER A 1 92  ? 8.376   -5.690  -10.149 1.00 18.22 ? 92  SER A CA  1 
ATOM   661 C C   . SER A 1 92  ? 8.862   -4.258  -10.302 1.00 18.37 ? 92  SER A C   1 
ATOM   662 O O   . SER A 1 92  ? 10.074  -4.012  -10.107 1.00 18.37 ? 92  SER A O   1 
ATOM   663 C CB  . SER A 1 92  ? 8.656   -6.596  -11.307 1.00 19.81 ? 92  SER A CB  1 
ATOM   664 O OG  . SER A 1 92  ? 7.718   -6.634  -12.354 1.00 21.04 ? 92  SER A OG  1 
ATOM   665 N N   . LYS A 1 93  ? 7.960   -3.331  -10.606 1.00 18.78 ? 93  LYS A N   1 
ATOM   666 C CA  . LYS A 1 93  ? 8.357   -1.926  -10.800 1.00 18.13 ? 93  LYS A CA  1 
ATOM   667 C C   . LYS A 1 93  ? 7.697   -0.906  -9.909  1.00 17.37 ? 93  LYS A C   1 
ATOM   668 O O   . LYS A 1 93  ? 8.165   0.261   -9.880  1.00 17.88 ? 93  LYS A O   1 
ATOM   669 C CB  . LYS A 1 93  ? 8.055   -1.532  -12.257 1.00 19.56 ? 93  LYS A CB  1 
ATOM   670 C CG  . LYS A 1 93  ? 9.211   -1.818  -13.213 1.00 22.10 ? 93  LYS A CG  1 
ATOM   671 C CD  . LYS A 1 93  ? 8.758   -1.706  -14.660 1.00 24.16 ? 93  LYS A CD  1 
ATOM   672 C CE  . LYS A 1 93  ? 9.905   -1.891  -15.643 1.00 24.50 ? 93  LYS A CE  1 
ATOM   673 N NZ  . LYS A 1 93  ? 10.534  -3.210  -15.396 1.00 25.84 ? 93  LYS A NZ  1 
ATOM   674 N N   . ALA A 1 94  ? 6.640   -1.276  -9.228  1.00 16.09 ? 94  ALA A N   1 
ATOM   675 C CA  . ALA A 1 94  ? 5.853   -0.355  -8.384  1.00 14.44 ? 94  ALA A CA  1 
ATOM   676 C C   . ALA A 1 94  ? 5.658   -0.897  -6.985  1.00 13.26 ? 94  ALA A C   1 
ATOM   677 O O   . ALA A 1 94  ? 6.343   -1.836  -6.577  1.00 14.40 ? 94  ALA A O   1 
ATOM   678 C CB  . ALA A 1 94  ? 4.491   -0.247  -9.110  1.00 13.02 ? 94  ALA A CB  1 
ATOM   679 N N   . ILE A 1 95  ? 4.747   -0.333  -6.237  1.00 12.06 ? 95  ILE A N   1 
ATOM   680 C CA  . ILE A 1 95  ? 4.330   -0.674  -4.897  1.00 10.53 ? 95  ILE A CA  1 
ATOM   681 C C   . ILE A 1 95  ? 2.872   -0.186  -4.730  1.00 9.32  ? 95  ILE A C   1 
ATOM   682 O O   . ILE A 1 95  ? 2.681   1.034   -4.756  1.00 9.60  ? 95  ILE A O   1 
ATOM   683 C CB  . ILE A 1 95  ? 5.202   -0.078  -3.745  1.00 10.02 ? 95  ILE A CB  1 
ATOM   684 C CG1 . ILE A 1 95  ? 6.697   -0.480  -3.797  1.00 10.17 ? 95  ILE A CG1 1 
ATOM   685 C CG2 . ILE A 1 95  ? 4.611   -0.476  -2.350  1.00 10.07 ? 95  ILE A CG2 1 
ATOM   686 C CD1 . ILE A 1 95  ? 7.570   0.191   -2.688  1.00 6.79  ? 95  ILE A CD1 1 
ATOM   687 N N   . LEU A 1 96  ? 1.939   -1.091  -4.594  1.00 8.84  ? 96  LEU A N   1 
ATOM   688 C CA  . LEU A 1 96  ? 0.503   -0.747  -4.410  1.00 7.24  ? 96  LEU A CA  1 
ATOM   689 C C   . LEU A 1 96  ? 0.276   -0.498  -2.916  1.00 6.45  ? 96  LEU A C   1 
ATOM   690 O O   . LEU A 1 96  ? 0.907   -1.175  -2.082  1.00 6.55  ? 96  LEU A O   1 
ATOM   691 C CB  . LEU A 1 96  ? -0.389  -1.863  -4.916  1.00 6.55  ? 96  LEU A CB  1 
ATOM   692 C CG  . LEU A 1 96  ? 0.053   -2.641  -6.130  1.00 7.05  ? 96  LEU A CG  1 
ATOM   693 C CD1 . LEU A 1 96  ? -1.078  -3.542  -6.605  1.00 9.15  ? 96  LEU A CD1 1 
ATOM   694 C CD2 . LEU A 1 96  ? 0.479   -1.672  -7.218  1.00 7.23  ? 96  LEU A CD2 1 
ATOM   695 N N   . ILE A 1 97  ? -0.633  0.397   -2.660  1.00 5.61  ? 97  ILE A N   1 
ATOM   696 C CA  . ILE A 1 97  ? -0.995  0.853   -1.333  1.00 4.66  ? 97  ILE A CA  1 
ATOM   697 C C   . ILE A 1 97  ? -2.487  1.230   -1.317  1.00 5.38  ? 97  ILE A C   1 
ATOM   698 O O   . ILE A 1 97  ? -2.831  2.115   -2.118  1.00 5.00  ? 97  ILE A O   1 
ATOM   699 C CB  . ILE A 1 97  ? -0.274  2.208   -0.983  1.00 3.99  ? 97  ILE A CB  1 
ATOM   700 C CG1 . ILE A 1 97  ? 1.255   2.164   -1.067  1.00 3.12  ? 97  ILE A CG1 1 
ATOM   701 C CG2 . ILE A 1 97  ? -0.773  2.775   0.387   1.00 3.73  ? 97  ILE A CG2 1 
ATOM   702 C CD1 . ILE A 1 97  ? 1.914   3.488   -0.575  1.00 2.00  ? 97  ILE A CD1 1 
ATOM   703 N N   . GLY A 1 98  ? -3.199  0.604   -0.415  1.00 5.56  ? 98  GLY A N   1 
ATOM   704 C CA  . GLY A 1 98  ? -4.637  0.875   -0.260  1.00 5.83  ? 98  GLY A CA  1 
ATOM   705 C C   . GLY A 1 98  ? -4.936  0.895   1.239   1.00 6.10  ? 98  GLY A C   1 
ATOM   706 O O   . GLY A 1 98  ? -4.521  -0.039  1.933   1.00 6.83  ? 98  GLY A O   1 
ATOM   707 N N   . VAL A 1 99  ? -5.626  1.923   1.708   1.00 6.38  ? 99  VAL A N   1 
ATOM   708 C CA  . VAL A 1 99  ? -5.966  1.988   3.157   1.00 5.21  ? 99  VAL A CA  1 
ATOM   709 C C   . VAL A 1 99  ? -7.432  1.617   3.297   1.00 5.55  ? 99  VAL A C   1 
ATOM   710 O O   . VAL A 1 99  ? -8.206  1.703   2.345   1.00 5.91  ? 99  VAL A O   1 
ATOM   711 C CB  . VAL A 1 99  ? -5.457  3.284   3.767   1.00 4.19  ? 99  VAL A CB  1 
ATOM   712 C CG1 . VAL A 1 99  ? -4.186  3.828   3.104   1.00 2.54  ? 99  VAL A CG1 1 
ATOM   713 C CG2 . VAL A 1 99  ? -6.479  4.387   3.866   1.00 3.21  ? 99  VAL A CG2 1 
ATOM   714 N N   . TYR A 1 100 ? -7.815  1.111   4.443   1.00 7.22  ? 100 TYR A N   1 
ATOM   715 C CA  . TYR A 1 100 ? -9.180  0.679   4.759   1.00 8.50  ? 100 TYR A CA  1 
ATOM   716 C C   . TYR A 1 100 ? -9.517  1.154   6.176   1.00 9.35  ? 100 TYR A C   1 
ATOM   717 O O   . TYR A 1 100 ? -8.625  1.400   6.986   1.00 7.82  ? 100 TYR A O   1 
ATOM   718 C CB  . TYR A 1 100 ? -9.386  -0.843  4.598   1.00 8.82  ? 100 TYR A CB  1 
ATOM   719 C CG  . TYR A 1 100 ? -8.747  -1.691  5.661   1.00 9.34  ? 100 TYR A CG  1 
ATOM   720 C CD1 . TYR A 1 100 ? -9.370  -1.926  6.887   1.00 9.79  ? 100 TYR A CD1 1 
ATOM   721 C CD2 . TYR A 1 100 ? -7.476  -2.252  5.462   1.00 10.89 ? 100 TYR A CD2 1 
ATOM   722 C CE1 . TYR A 1 100 ? -8.757  -2.697  7.886   1.00 12.21 ? 100 TYR A CE1 1 
ATOM   723 C CE2 . TYR A 1 100 ? -6.830  -2.992  6.452   1.00 11.25 ? 100 TYR A CE2 1 
ATOM   724 C CZ  . TYR A 1 100 ? -7.486  -3.228  7.653   1.00 12.82 ? 100 TYR A CZ  1 
ATOM   725 O OH  . TYR A 1 100 ? -6.838  -3.976  8.600   1.00 15.07 ? 100 TYR A OH  1 
ATOM   726 N N   . ASN A 1 101 ? -10.816 1.287   6.418   1.00 11.94 ? 101 ASN A N   1 
ATOM   727 C CA  . ASN A 1 101 ? -11.327 1.736   7.736   1.00 14.64 ? 101 ASN A CA  1 
ATOM   728 C C   . ASN A 1 101 ? -12.090 0.590   8.416   1.00 16.04 ? 101 ASN A C   1 
ATOM   729 O O   . ASN A 1 101 ? -12.119 -0.547  7.942   1.00 15.26 ? 101 ASN A O   1 
ATOM   730 C CB  . ASN A 1 101 ? -12.148 3.002   7.564   1.00 15.04 ? 101 ASN A CB  1 
ATOM   731 C CG  . ASN A 1 101 ? -13.357 2.850   6.666   1.00 17.85 ? 101 ASN A CG  1 
ATOM   732 O OD1 . ASN A 1 101 ? -13.894 1.759   6.427   1.00 18.64 ? 101 ASN A OD1 1 
ATOM   733 N ND2 . ASN A 1 101 ? -13.853 3.972   6.106   1.00 19.58 ? 101 ASN A ND2 1 
ATOM   734 N N   . GLU A 1 102 ? -12.758 0.953   9.497   1.00 18.36 ? 102 GLU A N   1 
ATOM   735 C CA  . GLU A 1 102 ? -13.578 0.060   10.309  1.00 20.82 ? 102 GLU A CA  1 
ATOM   736 C C   . GLU A 1 102 ? -14.748 -0.561  9.570   1.00 21.74 ? 102 GLU A C   1 
ATOM   737 O O   . GLU A 1 102 ? -15.217 -1.664  9.974   1.00 22.73 ? 102 GLU A O   1 
ATOM   738 C CB  . GLU A 1 102 ? -14.136 0.776   11.533  1.00 23.71 ? 102 GLU A CB  1 
ATOM   739 C CG  . GLU A 1 102 ? -14.129 2.306   11.498  1.00 27.53 ? 102 GLU A CG  1 
ATOM   740 C CD  . GLU A 1 102 ? -12.758 2.900   11.725  1.00 30.18 ? 102 GLU A CD  1 
ATOM   741 O OE1 . GLU A 1 102 ? -12.100 2.822   12.763  1.00 30.65 ? 102 GLU A OE1 1 
ATOM   742 O OE2 . GLU A 1 102 ? -12.363 3.481   10.692  1.00 31.34 ? 102 GLU A OE2 1 
ATOM   743 N N   . LYS A 1 103 ? -15.233 0.079   8.534   1.00 21.61 ? 103 LYS A N   1 
ATOM   744 C CA  . LYS A 1 103 ? -16.361 -0.443  7.751   1.00 21.74 ? 103 LYS A CA  1 
ATOM   745 C C   . LYS A 1 103 ? -15.922 -1.493  6.740   1.00 21.66 ? 103 LYS A C   1 
ATOM   746 O O   . LYS A 1 103 ? -16.802 -2.108  6.086   1.00 22.27 ? 103 LYS A O   1 
ATOM   747 C CB  . LYS A 1 103 ? -17.126 0.671   7.051   1.00 22.44 ? 103 LYS A CB  1 
ATOM   748 C CG  . LYS A 1 103 ? -18.145 1.370   7.950   1.00 24.93 ? 103 LYS A CG  1 
ATOM   749 C CD  . LYS A 1 103 ? -19.344 0.439   8.208   1.00 26.77 ? 103 LYS A CD  1 
ATOM   750 C CE  . LYS A 1 103 ? -20.461 1.148   8.945   1.00 27.64 ? 103 LYS A CE  1 
ATOM   751 N NZ  . LYS A 1 103 ? -21.736 0.386   8.881   1.00 28.36 ? 103 LYS A NZ  1 
ATOM   752 N N   . ILE A 1 104 ? -14.621 -1.679  6.598   1.00 21.05 ? 104 ILE A N   1 
ATOM   753 C CA  . ILE A 1 104 ? -14.016 -2.643  5.677   1.00 19.50 ? 104 ILE A CA  1 
ATOM   754 C C   . ILE A 1 104 ? -13.133 -3.624  6.470   1.00 20.25 ? 104 ILE A C   1 
ATOM   755 O O   . ILE A 1 104 ? -12.487 -3.266  7.456   1.00 19.88 ? 104 ILE A O   1 
ATOM   756 C CB  . ILE A 1 104 ? -13.260 -2.025  4.478   1.00 16.45 ? 104 ILE A CB  1 
ATOM   757 C CG1 . ILE A 1 104 ? -13.918 -0.712  3.994   1.00 14.56 ? 104 ILE A CG1 1 
ATOM   758 C CG2 . ILE A 1 104 ? -13.145 -3.031  3.296   1.00 16.20 ? 104 ILE A CG2 1 
ATOM   759 C CD1 . ILE A 1 104 ? -13.019 0.150   3.062   1.00 9.62  ? 104 ILE A CD1 1 
ATOM   760 N N   . GLN A 1 105 ? -13.196 -4.861  5.987   1.00 20.75 ? 105 GLN A N   1 
ATOM   761 C CA  . GLN A 1 105 ? -12.476 -6.008  6.565   1.00 20.29 ? 105 GLN A CA  1 
ATOM   762 C C   . GLN A 1 105 ? -11.109 -6.132  5.892   1.00 18.50 ? 105 GLN A C   1 
ATOM   763 O O   . GLN A 1 105 ? -10.952 -5.945  4.673   1.00 18.56 ? 105 GLN A O   1 
ATOM   764 C CB  . GLN A 1 105 ? -13.257 -7.315  6.433   1.00 24.16 ? 105 GLN A CB  1 
ATOM   765 C CG  . GLN A 1 105 ? -14.770 -7.218  6.601   1.00 28.45 ? 105 GLN A CG  1 
ATOM   766 C CD  . GLN A 1 105 ? -15.431 -8.545  6.932   1.00 31.57 ? 105 GLN A CD  1 
ATOM   767 O OE1 . GLN A 1 105 ? -15.808 -9.380  6.106   1.00 31.77 ? 105 GLN A OE1 1 
ATOM   768 N NE2 . GLN A 1 105 ? -15.582 -8.780  8.257   1.00 32.94 ? 105 GLN A NE2 1 
ATOM   769 N N   . PRO A 1 106 ? -10.133 -6.475  6.724   1.00 17.33 ? 106 PRO A N   1 
ATOM   770 C CA  . PRO A 1 106 ? -8.746  -6.621  6.339   1.00 16.09 ? 106 PRO A CA  1 
ATOM   771 C C   . PRO A 1 106 ? -8.448  -7.513  5.168   1.00 14.91 ? 106 PRO A C   1 
ATOM   772 O O   . PRO A 1 106 ? -7.496  -7.219  4.428   1.00 14.95 ? 106 PRO A O   1 
ATOM   773 C CB  . PRO A 1 106 ? -8.038  -7.130  7.609   1.00 16.59 ? 106 PRO A CB  1 
ATOM   774 C CG  . PRO A 1 106 ? -8.874  -6.560  8.726   1.00 16.66 ? 106 PRO A CG  1 
ATOM   775 C CD  . PRO A 1 106 ? -10.304 -6.672  8.184   1.00 17.41 ? 106 PRO A CD  1 
ATOM   776 N N   . GLY A 1 107 ? -9.177  -8.590  5.017   1.00 15.10 ? 107 GLY A N   1 
ATOM   777 C CA  . GLY A 1 107 ? -9.026  -9.600  3.964   1.00 13.69 ? 107 GLY A CA  1 
ATOM   778 C C   . GLY A 1 107 ? -9.642  -9.107  2.664   1.00 13.88 ? 107 GLY A C   1 
ATOM   779 O O   . GLY A 1 107 ? -9.169  -9.436  1.552   1.00 13.77 ? 107 GLY A O   1 
ATOM   780 N N   . THR A 1 108 ? -10.690 -8.322  2.840   1.00 13.70 ? 108 THR A N   1 
ATOM   781 C CA  . THR A 1 108 ? -11.403 -7.728  1.683   1.00 13.64 ? 108 THR A CA  1 
ATOM   782 C C   . THR A 1 108 ? -10.452 -6.721  1.033   1.00 13.02 ? 108 THR A C   1 
ATOM   783 O O   . THR A 1 108 ? -10.207 -6.699  -0.171  1.00 12.22 ? 108 THR A O   1 
ATOM   784 C CB  . THR A 1 108 ? -12.787 -7.121  2.096   1.00 14.44 ? 108 THR A CB  1 
ATOM   785 O OG1 . THR A 1 108 ? -13.417 -8.135  2.971   1.00 16.15 ? 108 THR A OG1 1 
ATOM   786 C CG2 . THR A 1 108 ? -13.715 -6.744  0.934   1.00 11.97 ? 108 THR A CG2 1 
ATOM   787 N N   . ALA A 1 109 ? -9.876  -5.898  1.898   1.00 13.54 ? 109 ALA A N   1 
ATOM   788 C CA  . ALA A 1 109 ? -8.892  -4.910  1.404   1.00 13.53 ? 109 ALA A CA  1 
ATOM   789 C C   . ALA A 1 109 ? -7.760  -5.666  0.719   1.00 14.05 ? 109 ALA A C   1 
ATOM   790 O O   . ALA A 1 109 ? -7.465  -5.540  -0.478  1.00 14.29 ? 109 ALA A O   1 
ATOM   791 C CB  . ALA A 1 109 ? -8.417  -4.089  2.586   1.00 12.33 ? 109 ALA A CB  1 
ATOM   792 N N   . ALA A 1 110 ? -7.105  -6.498  1.516   1.00 15.25 ? 110 ALA A N   1 
ATOM   793 C CA  . ALA A 1 110 ? -5.944  -7.311  1.169   1.00 15.08 ? 110 ALA A CA  1 
ATOM   794 C C   . ALA A 1 110 ? -6.095  -8.078  -0.123  1.00 15.26 ? 110 ALA A C   1 
ATOM   795 O O   . ALA A 1 110 ? -5.144  -8.254  -0.904  1.00 15.48 ? 110 ALA A O   1 
ATOM   796 C CB  . ALA A 1 110 ? -5.605  -8.232  2.331   1.00 14.14 ? 110 ALA A CB  1 
ATOM   797 N N   . ASN A 1 111 ? -7.315  -8.529  -0.349  1.00 15.92 ? 111 ASN A N   1 
ATOM   798 C CA  . ASN A 1 111 ? -7.635  -9.342  -1.536  1.00 15.68 ? 111 ASN A CA  1 
ATOM   799 C C   . ASN A 1 111 ? -7.576  -8.521  -2.797  1.00 14.86 ? 111 ASN A C   1 
ATOM   800 O O   . ASN A 1 111 ? -6.986  -8.974  -3.805  1.00 14.87 ? 111 ASN A O   1 
ATOM   801 C CB  . ASN A 1 111 ? -8.915  -10.097 -1.248  1.00 19.68 ? 111 ASN A CB  1 
ATOM   802 C CG  . ASN A 1 111 ? -8.919  -11.536 -1.755  1.00 22.40 ? 111 ASN A CG  1 
ATOM   803 O OD1 . ASN A 1 111 ? -8.205  -12.394 -1.193  1.00 23.37 ? 111 ASN A OD1 1 
ATOM   804 N ND2 . ASN A 1 111 ? -9.754  -11.766 -2.774  1.00 22.98 ? 111 ASN A ND2 1 
ATOM   805 N N   . VAL A 1 112 ? -8.162  -7.333  -2.744  1.00 13.79 ? 112 VAL A N   1 
ATOM   806 C CA  . VAL A 1 112 ? -8.157  -6.444  -3.927  1.00 12.50 ? 112 VAL A CA  1 
ATOM   807 C C   . VAL A 1 112 ? -6.735  -6.036  -4.290  1.00 11.29 ? 112 VAL A C   1 
ATOM   808 O O   . VAL A 1 112 ? -6.335  -6.131  -5.471  1.00 11.70 ? 112 VAL A O   1 
ATOM   809 C CB  . VAL A 1 112 ? -9.097  -5.236  -3.751  1.00 12.69 ? 112 VAL A CB  1 
ATOM   810 C CG1 . VAL A 1 112 ? -9.163  -4.393  -5.021  1.00 11.24 ? 112 VAL A CG1 1 
ATOM   811 C CG2 . VAL A 1 112 ? -10.488 -5.694  -3.330  1.00 11.64 ? 112 VAL A CG2 1 
ATOM   812 N N   . VAL A 1 113 ? -5.983  -5.569  -3.302  1.00 10.37 ? 113 VAL A N   1 
ATOM   813 C CA  . VAL A 1 113 ? -4.599  -5.144  -3.648  1.00 9.39  ? 113 VAL A CA  1 
ATOM   814 C C   . VAL A 1 113 ? -3.835  -6.332  -4.221  1.00 9.26  ? 113 VAL A C   1 
ATOM   815 O O   . VAL A 1 113 ? -3.326  -6.317  -5.354  1.00 9.79  ? 113 VAL A O   1 
ATOM   816 C CB  . VAL A 1 113 ? -3.931  -4.449  -2.466  1.00 9.22  ? 113 VAL A CB  1 
ATOM   817 C CG1 . VAL A 1 113 ? -2.661  -3.727  -2.887  1.00 9.02  ? 113 VAL A CG1 1 
ATOM   818 C CG2 . VAL A 1 113 ? -4.858  -3.478  -1.734  1.00 7.75  ? 113 VAL A CG2 1 
ATOM   819 N N   . GLU A 1 114 ? -3.758  -7.384  -3.443  1.00 9.05  ? 114 GLU A N   1 
ATOM   820 C CA  . GLU A 1 114 ? -3.051  -8.628  -3.822  1.00 8.67  ? 114 GLU A CA  1 
ATOM   821 C C   . GLU A 1 114 ? -3.293  -9.078  -5.230  1.00 8.07  ? 114 GLU A C   1 
ATOM   822 O O   . GLU A 1 114 ? -2.366  -9.325  -6.041  1.00 7.09  ? 114 GLU A O   1 
ATOM   823 C CB  . GLU A 1 114 ? -3.426  -9.679  -2.780  1.00 11.29 ? 114 GLU A CB  1 
ATOM   824 C CG  . GLU A 1 114 ? -2.792  -9.431  -1.377  1.00 9.92  ? 114 GLU A CG  1 
ATOM   825 C CD  . GLU A 1 114 ? -1.312  -9.629  -1.390  1.00 10.50 ? 114 GLU A CD  1 
ATOM   826 O OE1 . GLU A 1 114 ? -0.663  -9.933  -2.378  1.00 10.84 ? 114 GLU A OE1 1 
ATOM   827 O OE2 . GLU A 1 114 ? -0.834  -9.462  -0.248  1.00 13.72 ? 114 GLU A OE2 1 
ATOM   828 N N   . LYS A 1 115 ? -4.571  -9.173  -5.593  1.00 8.37  ? 115 LYS A N   1 
ATOM   829 C CA  . LYS A 1 115 ? -4.929  -9.576  -6.947  1.00 9.11  ? 115 LYS A CA  1 
ATOM   830 C C   . LYS A 1 115 ? -4.449  -8.570  -7.965  1.00 9.39  ? 115 LYS A C   1 
ATOM   831 O O   . LYS A 1 115 ? -3.863  -9.016  -8.976  1.00 10.21 ? 115 LYS A O   1 
ATOM   832 C CB  . LYS A 1 115 ? -6.388  -9.915  -7.149  1.00 12.93 ? 115 LYS A CB  1 
ATOM   833 C CG  . LYS A 1 115 ? -6.777  -11.351 -6.680  1.00 13.38 ? 115 LYS A CG  1 
ATOM   834 C CD  . LYS A 1 115 ? -6.460  -11.430 -5.203  1.00 15.70 ? 115 LYS A CD  1 
ATOM   835 C CE  . LYS A 1 115 ? -6.259  -12.834 -4.666  1.00 16.85 ? 115 LYS A CE  1 
ATOM   836 N NZ  . LYS A 1 115 ? -5.996  -12.696 -3.200  1.00 18.21 ? 115 LYS A NZ  1 
ATOM   837 N N   . LEU A 1 116 ? -4.638  -7.262  -7.756  1.00 9.83  ? 116 LEU A N   1 
ATOM   838 C CA  . LEU A 1 116 ? -4.166  -6.281  -8.749  1.00 9.69  ? 116 LEU A CA  1 
ATOM   839 C C   . LEU A 1 116 ? -2.653  -6.365  -8.944  1.00 10.11 ? 116 LEU A C   1 
ATOM   840 O O   . LEU A 1 116 ? -2.129  -6.154  -10.053 1.00 10.19 ? 116 LEU A O   1 
ATOM   841 C CB  . LEU A 1 116 ? -4.613  -4.874  -8.355  1.00 9.68  ? 116 LEU A CB  1 
ATOM   842 C CG  . LEU A 1 116 ? -4.064  -3.760  -9.261  1.00 8.85  ? 116 LEU A CG  1 
ATOM   843 C CD1 . LEU A 1 116 ? -4.472  -4.008  -10.704 1.00 8.31  ? 116 LEU A CD1 1 
ATOM   844 C CD2 . LEU A 1 116 ? -4.548  -2.403  -8.771  1.00 7.29  ? 116 LEU A CD2 1 
ATOM   845 N N   . ALA A 1 117 ? -1.962  -6.660  -7.858  1.00 10.58 ? 117 ALA A N   1 
ATOM   846 C CA  . ALA A 1 117 ? -0.500  -6.777  -7.944  1.00 12.00 ? 117 ALA A CA  1 
ATOM   847 C C   . ALA A 1 117 ? -0.155  -7.895  -8.913  1.00 12.24 ? 117 ALA A C   1 
ATOM   848 O O   . ALA A 1 117 ? 0.744   -7.661  -9.756  1.00 13.11 ? 117 ALA A O   1 
ATOM   849 C CB  . ALA A 1 117 ? 0.163   -6.916  -6.588  1.00 13.60 ? 117 ALA A CB  1 
ATOM   850 N N   . ASP A 1 118 ? -0.845  -9.021  -8.805  1.00 12.53 ? 118 ASP A N   1 
ATOM   851 C CA  . ASP A 1 118 ? -0.602  -10.196 -9.677  1.00 11.87 ? 118 ASP A CA  1 
ATOM   852 C C   . ASP A 1 118 ? -0.697  -9.795  -11.144 1.00 11.81 ? 118 ASP A C   1 
ATOM   853 O O   . ASP A 1 118 ? 0.194   -10.065 -11.952 1.00 12.28 ? 118 ASP A O   1 
ATOM   854 C CB  . ASP A 1 118 ? -1.539  -11.355 -9.382  1.00 12.56 ? 118 ASP A CB  1 
ATOM   855 C CG  . ASP A 1 118 ? -1.255  -12.195 -8.164  1.00 12.67 ? 118 ASP A CG  1 
ATOM   856 O OD1 . ASP A 1 118 ? -0.122  -12.219 -7.657  1.00 13.67 ? 118 ASP A OD1 1 
ATOM   857 O OD2 . ASP A 1 118 ? -2.224  -12.845 -7.715  1.00 11.48 ? 118 ASP A OD2 1 
ATOM   858 N N   . TYR A 1 119 ? -1.832  -9.180  -11.437 1.00 11.94 ? 119 TYR A N   1 
ATOM   859 C CA  . TYR A 1 119 ? -2.130  -8.656  -12.767 1.00 12.66 ? 119 TYR A CA  1 
ATOM   860 C C   . TYR A 1 119 ? -0.978  -7.798  -13.283 1.00 12.91 ? 119 TYR A C   1 
ATOM   861 O O   . TYR A 1 119 ? -0.523  -8.135  -14.399 1.00 14.02 ? 119 TYR A O   1 
ATOM   862 C CB  . TYR A 1 119 ? -3.449  -7.855  -12.784 1.00 14.36 ? 119 TYR A CB  1 
ATOM   863 C CG  . TYR A 1 119 ? -3.712  -7.178  -14.109 1.00 16.28 ? 119 TYR A CG  1 
ATOM   864 C CD1 . TYR A 1 119 ? -4.293  -7.878  -15.173 1.00 18.02 ? 119 TYR A CD1 1 
ATOM   865 C CD2 . TYR A 1 119 ? -3.369  -5.844  -14.316 1.00 16.46 ? 119 TYR A CD2 1 
ATOM   866 C CE1 . TYR A 1 119 ? -4.528  -7.263  -16.410 1.00 17.93 ? 119 TYR A CE1 1 
ATOM   867 C CE2 . TYR A 1 119 ? -3.582  -5.217  -15.533 1.00 16.99 ? 119 TYR A CE2 1 
ATOM   868 C CZ  . TYR A 1 119 ? -4.156  -5.929  -16.584 1.00 17.33 ? 119 TYR A CZ  1 
ATOM   869 O OH  . TYR A 1 119 ? -4.363  -5.281  -17.761 1.00 17.04 ? 119 TYR A OH  1 
ATOM   870 N N   . LEU A 1 120 ? -0.530  -6.774  -12.572 1.00 11.52 ? 120 LEU A N   1 
ATOM   871 C CA  . LEU A 1 120 ? 0.570   -5.922  -13.056 1.00 11.51 ? 120 LEU A CA  1 
ATOM   872 C C   . LEU A 1 120 ? 1.877   -6.678  -13.241 1.00 11.91 ? 120 LEU A C   1 
ATOM   873 O O   . LEU A 1 120 ? 2.630   -6.397  -14.197 1.00 11.80 ? 120 LEU A O   1 
ATOM   874 C CB  . LEU A 1 120 ? 0.752   -4.660  -12.201 1.00 9.50  ? 120 LEU A CB  1 
ATOM   875 C CG  . LEU A 1 120 ? -0.434  -3.682  -12.158 1.00 8.48  ? 120 LEU A CG  1 
ATOM   876 C CD1 . LEU A 1 120 ? -0.226  -2.683  -11.018 1.00 9.34  ? 120 LEU A CD1 1 
ATOM   877 C CD2 . LEU A 1 120 ? -0.547  -2.960  -13.478 1.00 4.99  ? 120 LEU A CD2 1 
ATOM   878 N N   . ILE A 1 121 ? 2.163   -7.586  -12.314 1.00 12.32 ? 121 ILE A N   1 
ATOM   879 C CA  . ILE A 1 121 ? 3.399   -8.390  -12.418 1.00 12.40 ? 121 ILE A CA  1 
ATOM   880 C C   . ILE A 1 121 ? 3.348   -9.211  -13.713 1.00 13.32 ? 121 ILE A C   1 
ATOM   881 O O   . ILE A 1 121 ? 4.352   -9.355  -14.449 1.00 13.65 ? 121 ILE A O   1 
ATOM   882 C CB  . ILE A 1 121 ? 3.580   -9.250  -11.145 1.00 12.40 ? 121 ILE A CB  1 
ATOM   883 C CG1 . ILE A 1 121 ? 3.728   -8.377  -9.871  1.00 8.55  ? 121 ILE A CG1 1 
ATOM   884 C CG2 . ILE A 1 121 ? 4.760   -10.277 -11.227 1.00 14.53 ? 121 ILE A CG2 1 
ATOM   885 C CD1 . ILE A 1 121 ? 3.862   -9.270  -8.617  1.00 5.35  ? 121 ILE A CD1 1 
ATOM   886 N N   . GLY A 1 122 ? 2.148   -9.712  -14.003 1.00 13.25 ? 122 GLY A N   1 
ATOM   887 C CA  . GLY A 1 122 ? 1.918   -10.489 -15.236 1.00 13.46 ? 122 GLY A CA  1 
ATOM   888 C C   . GLY A 1 122 ? 2.201   -9.637  -16.470 1.00 13.68 ? 122 GLY A C   1 
ATOM   889 O O   . GLY A 1 122 ? 2.557   -10.164 -17.553 1.00 14.21 ? 122 GLY A O   1 
ATOM   890 N N   . GLN A 1 123 ? 2.068   -8.331  -16.291 1.00 13.40 ? 123 GLN A N   1 
ATOM   891 C CA  . GLN A 1 123 ? 2.225   -7.323  -17.335 1.00 12.57 ? 123 GLN A CA  1 
ATOM   892 C C   . GLN A 1 123 ? 3.640   -6.791  -17.404 1.00 13.29 ? 123 GLN A C   1 
ATOM   893 O O   . GLN A 1 123 ? 3.982   -6.145  -18.422 1.00 14.05 ? 123 GLN A O   1 
ATOM   894 C CB  . GLN A 1 123 ? 1.236   -6.168  -17.231 1.00 10.98 ? 123 GLN A CB  1 
ATOM   895 C CG  . GLN A 1 123 ? -0.218  -6.636  -17.309 1.00 10.12 ? 123 GLN A CG  1 
ATOM   896 C CD  . GLN A 1 123 ? -0.500  -6.984  -18.768 1.00 11.96 ? 123 GLN A CD  1 
ATOM   897 O OE1 . GLN A 1 123 ? 0.176   -6.390  -19.623 1.00 12.31 ? 123 GLN A OE1 1 
ATOM   898 N NE2 . GLN A 1 123 ? -1.450  -7.873  -19.008 1.00 10.37 ? 123 GLN A NE2 1 
ATOM   899 N N   . GLY A 1 124 ? 4.412   -7.016  -16.364 1.00 13.30 ? 124 GLY A N   1 
ATOM   900 C CA  . GLY A 1 124 ? 5.818   -6.560  -16.423 1.00 13.12 ? 124 GLY A CA  1 
ATOM   901 C C   . GLY A 1 124 ? 6.075   -5.334  -15.614 1.00 13.56 ? 124 GLY A C   1 
ATOM   902 O O   . GLY A 1 124 ? 7.090   -4.669  -15.862 1.00 14.37 ? 124 GLY A O   1 
ATOM   903 N N   . PHE A 1 125 ? 5.228   -5.056  -14.635 1.00 14.17 ? 125 PHE A N   1 
ATOM   904 C CA  . PHE A 1 125 ? 5.343   -3.868  -13.780 1.00 12.91 ? 125 PHE A CA  1 
ATOM   905 C C   . PHE A 1 125 ? 5.358   -4.245  -12.307 1.00 13.57 ? 125 PHE A C   1 
ATOM   906 O O   . PHE A 1 125 ? 5.416   -3.233  -11.558 1.00 14.76 ? 125 PHE A O   1 
ATOM   907 C CB  . PHE A 1 125 ? 4.194   -2.898  -14.025 1.00 11.35 ? 125 PHE A CB  1 
ATOM   908 C CG  . PHE A 1 125 ? 4.156   -2.398  -15.442 1.00 11.35 ? 125 PHE A CG  1 
ATOM   909 C CD1 . PHE A 1 125 ? 5.141   -1.497  -15.868 1.00 10.96 ? 125 PHE A CD1 1 
ATOM   910 C CD2 . PHE A 1 125 ? 3.143   -2.797  -16.307 1.00 11.49 ? 125 PHE A CD2 1 
ATOM   911 C CE1 . PHE A 1 125 ? 5.127   -1.028  -17.170 1.00 10.39 ? 125 PHE A CE1 1 
ATOM   912 C CE2 . PHE A 1 125 ? 3.095   -2.326  -17.623 1.00 9.78  ? 125 PHE A CE2 1 
ATOM   913 C CZ  . PHE A 1 125 ? 4.116   -1.445  -18.038 1.00 10.57 ? 125 PHE A CZ  1 
ATOM   914 O OXT . PHE A 1 125 ? 5.274   -5.430  -12.023 1.00 11.68 ? 125 PHE A OXT 1 
HETATM 915 O O   . HOH B 2 .   ? 4.420   -12.802 6.554   1.00 8.01  ? 201 HOH A O   1 
HETATM 916 O O   . HOH B 2 .   ? 7.050   -8.976  -6.035  1.00 10.40 ? 202 HOH A O   1 
HETATM 917 O O   . HOH B 2 .   ? 10.322  1.553   -9.871  1.00 11.64 ? 203 HOH A O   1 
HETATM 918 O O   . HOH B 2 .   ? 7.082   5.353   6.800   1.00 11.94 ? 204 HOH A O   1 
HETATM 919 O O   . HOH B 2 .   ? -3.692  -4.879  7.551   1.00 14.69 ? 205 HOH A O   1 
HETATM 920 O O   . HOH B 2 .   ? 6.570   12.404  -5.302  1.00 15.90 ? 206 HOH A O   1 
HETATM 921 O O   . HOH B 2 .   ? -0.440  8.078   13.976  1.00 16.23 ? 207 HOH A O   1 
HETATM 922 O O   . HOH B 2 .   ? 8.894   6.756   -10.017 1.00 16.51 ? 208 HOH A O   1 
HETATM 923 O O   . HOH B 2 .   ? 5.366   9.591   -2.823  1.00 16.65 ? 209 HOH A O   1 
HETATM 924 O O   . HOH B 2 .   ? -8.829  4.497   7.425   1.00 16.87 ? 210 HOH A O   1 
HETATM 925 O O   . HOH B 2 .   ? 4.284   -5.718  15.060  1.00 17.44 ? 211 HOH A O   1 
HETATM 926 O O   . HOH B 2 .   ? 14.408  10.240  6.848   1.00 17.65 ? 212 HOH A O   1 
HETATM 927 O O   . HOH B 2 .   ? -12.826 -3.197  10.066  1.00 17.91 ? 213 HOH A O   1 
HETATM 928 O O   . HOH B 2 .   ? 1.503   9.396   -14.217 1.00 18.54 ? 214 HOH A O   1 
HETATM 929 O O   . HOH B 2 .   ? -10.750 11.721  -0.914  1.00 18.91 ? 215 HOH A O   1 
HETATM 930 O O   . HOH B 2 .   ? 5.148   -11.247 8.939   1.00 19.01 ? 216 HOH A O   1 
HETATM 931 O O   . HOH B 2 .   ? 3.775   13.609  -3.453  1.00 19.99 ? 217 HOH A O   1 
HETATM 932 O O   . HOH B 2 .   ? 7.309   -8.800  -14.088 1.00 20.36 ? 218 HOH A O   1 
HETATM 933 O O   . HOH B 2 .   ? 5.559   -10.126 -19.170 1.00 20.63 ? 219 HOH A O   1 
HETATM 934 O O   . HOH B 2 .   ? -6.173  12.961  -8.026  1.00 21.23 ? 220 HOH A O   1 
HETATM 935 O O   . HOH B 2 .   ? -3.616  11.737  9.823   1.00 21.52 ? 221 HOH A O   1 
HETATM 936 O O   . HOH B 2 .   ? 15.937  -1.431  15.721  1.00 22.01 ? 222 HOH A O   1 
HETATM 937 O O   . HOH B 2 .   ? -16.727 -4.433  -6.390  1.00 22.50 ? 223 HOH A O   1 
HETATM 938 O O   . HOH B 2 .   ? -10.115 1.825   15.440  1.00 24.12 ? 224 HOH A O   1 
HETATM 939 O O   . HOH B 2 .   ? -13.756 -1.785  -9.197  1.00 24.79 ? 225 HOH A O   1 
HETATM 940 O O   . HOH B 2 .   ? -6.345  -4.367  11.546  1.00 25.08 ? 226 HOH A O   1 
HETATM 941 O O   . HOH B 2 .   ? 13.664  7.728   4.294   1.00 25.20 ? 227 HOH A O   1 
HETATM 942 O O   . HOH B 2 .   ? 12.437  1.163   6.559   1.00 25.53 ? 228 HOH A O   1 
HETATM 943 O O   . HOH B 2 .   ? -2.256  6.654   6.185   1.00 26.51 ? 229 HOH A O   1 
HETATM 944 O O   . HOH B 2 .   ? -18.007 -3.972  -9.238  1.00 26.85 ? 230 HOH A O   1 
HETATM 945 O O   . HOH B 2 .   ? -10.706 -0.835  17.820  1.00 27.76 ? 231 HOH A O   1 
HETATM 946 O O   . HOH B 2 .   ? 14.995  5.365   4.465   1.00 27.81 ? 232 HOH A O   1 
HETATM 947 O O   . HOH B 2 .   ? 5.713   -2.800  13.961  1.00 27.82 ? 233 HOH A O   1 
HETATM 948 O O   . HOH B 2 .   ? -2.285  -13.345 -3.692  1.00 29.06 ? 234 HOH A O   1 
HETATM 949 O O   . HOH B 2 .   ? -10.407 5.426   10.412  1.00 29.42 ? 235 HOH A O   1 
HETATM 950 O O   . HOH B 2 .   ? 9.259   4.626   8.019   1.00 29.63 ? 236 HOH A O   1 
HETATM 951 O O   . HOH B 2 .   ? -8.006  -0.222  -15.677 1.00 29.91 ? 237 HOH A O   1 
HETATM 952 O O   . HOH B 2 .   ? 3.387   10.722  3.959   1.00 30.49 ? 238 HOH A O   1 
HETATM 953 O O   . HOH B 2 .   ? 11.924  -8.989  4.622   1.00 30.51 ? 239 HOH A O   1 
HETATM 954 O O   . HOH B 2 .   ? 1.684   2.472   16.351  1.00 31.67 ? 240 HOH A O   1 
HETATM 955 O O   . HOH B 2 .   ? -10.611 14.849  -0.238  1.00 32.87 ? 241 HOH A O   1 
HETATM 956 O O   . HOH B 2 .   ? -5.912  -10.187 -11.515 1.00 34.57 ? 242 HOH A O   1 
HETATM 957 O O   . HOH B 2 .   ? -17.187 4.447   -3.832  1.00 34.92 ? 243 HOH A O   1 
HETATM 958 O O   . HOH B 2 .   ? 14.332  -3.982  15.037  1.00 35.07 ? 244 HOH A O   1 
HETATM 959 O O   . HOH B 2 .   ? -6.066  3.907   8.825   1.00 35.17 ? 245 HOH A O   1 
HETATM 960 O O   . HOH B 2 .   ? -14.970 4.256   -2.822  1.00 47.90 ? 246 HOH A O   1 
# 
